data_2WP5
#
_entry.id   2WP5
#
_cell.length_a   100.940
_cell.length_b   63.300
_cell.length_c   169.410
_cell.angle_alpha   90.00
_cell.angle_beta   98.09
_cell.angle_gamma   90.00
#
_symmetry.space_group_name_H-M   'P 1 21 1'
#
loop_
_entity.id
_entity.type
_entity.pdbx_description
1 polymer 'TRYPANOTHIONE REDUCTASE'
2 non-polymer 'FLAVIN-ADENINE DINUCLEOTIDE'
3 non-polymer 'METHYL [(4S)-6-BROMO-2-METHYL-4-PHENYLQUINAZOLIN-3(4H)-YL]ACETATE'
4 non-polymer 'CHLORIDE ION'
5 non-polymer 'SODIUM ION'
6 non-polymer (4R)-2-METHYLPENTANE-2,4-DIOL
7 non-polymer (4S)-2-METHYL-2,4-PENTANEDIOL
8 water water
#
_entity_poly.entity_id   1
_entity_poly.type   'polypeptide(L)'
_entity_poly.pdbx_seq_one_letter_code
;GSHMSKAFDLVVIGAGSGGLEAGWNAATLYGKRVAVVDVQTSHGPPFYAALGGTCVNVGCVPKKLMVTGAQYMDHLRESA
GFGWEFDGSSVKANWKKLIAAKNEAVLDINKSYEGMFNDTEGLDFFLGWGSLESKNVVVVRETADPKSAVKERLQADHIL
LATGSWPQMPAIPGIEHCISSNEAFYLPEPPRRVLTVGGGFISVEFAGIFNAYKPPGGKVTLCYRNNLILRGFDETIREE
VTKQLTANGIEIMTNENPAKVSLNTDGSKHVTFESGKTLDVDVVMMAIGRIPRTNDLQLGNVGVKLTPKGGVQVDEFSRT
NVPNIYAIGDITDRLMLTPVAINEGAALVDTVFGNKPRKTDHTRVASAVFSIPPIGTCGLIEEVAAKEFEKVAVYMSSFT
PLMHNISGSKYKKFVAKIVTNHSDGTVLGVHLLGDGAPEIIQAVGVCLRLNAKISDFYNTIGVHPTSAEELCSMRTPSYY
YVKGEKMEKLPDSNL
;
_entity_poly.pdbx_strand_id   A,B,C,D
#
# COMPACT_ATOMS: atom_id res chain seq x y z
N HIS A 3 -12.29 43.82 -13.57
CA HIS A 3 -11.06 43.57 -12.72
C HIS A 3 -11.29 43.69 -11.24
N MET A 4 -12.52 44.03 -10.86
CA MET A 4 -12.88 44.03 -9.45
C MET A 4 -13.65 42.76 -9.13
N SER A 5 -13.51 42.29 -7.88
CA SER A 5 -14.19 41.08 -7.43
C SER A 5 -15.64 41.34 -7.27
N LYS A 6 -16.44 40.30 -7.25
CA LYS A 6 -17.89 40.47 -7.16
C LYS A 6 -18.38 40.01 -5.77
N ALA A 7 -19.44 40.64 -5.27
CA ALA A 7 -20.02 40.25 -4.00
C ALA A 7 -21.33 39.51 -4.13
N PHE A 8 -21.65 38.68 -3.11
CA PHE A 8 -22.85 37.83 -3.11
C PHE A 8 -23.25 37.51 -1.70
N ASP A 9 -24.53 37.27 -1.53
CA ASP A 9 -25.06 36.79 -0.29
C ASP A 9 -24.50 35.44 0.01
N LEU A 10 -24.35 34.64 -1.05
CA LEU A 10 -24.04 33.25 -0.91
C LEU A 10 -23.23 32.71 -2.06
N VAL A 11 -22.09 32.13 -1.70
CA VAL A 11 -21.30 31.44 -2.71
C VAL A 11 -21.35 29.92 -2.53
N VAL A 12 -21.58 29.20 -3.63
CA VAL A 12 -21.71 27.76 -3.59
C VAL A 12 -20.56 27.18 -4.34
N ILE A 13 -19.82 26.28 -3.74
CA ILE A 13 -18.76 25.67 -4.53
C ILE A 13 -19.19 24.26 -4.94
N GLY A 14 -19.57 24.12 -6.20
CA GLY A 14 -20.01 22.84 -6.74
C GLY A 14 -21.36 23.04 -7.37
N ALA A 15 -21.43 22.98 -8.69
CA ALA A 15 -22.72 23.11 -9.38
C ALA A 15 -23.43 21.77 -9.56
N GLY A 16 -23.56 21.05 -8.44
CA GLY A 16 -24.11 19.71 -8.48
C GLY A 16 -25.49 19.72 -7.90
N SER A 17 -25.94 18.53 -7.51
CA SER A 17 -27.28 18.26 -6.99
C SER A 17 -27.68 19.14 -5.85
N GLY A 18 -26.85 19.21 -4.81
CA GLY A 18 -27.11 20.03 -3.64
C GLY A 18 -26.96 21.52 -3.93
N GLY A 19 -25.80 21.88 -4.47
CA GLY A 19 -25.44 23.25 -4.82
C GLY A 19 -26.48 23.97 -5.65
N LEU A 20 -26.76 23.46 -6.83
CA LEU A 20 -27.81 24.00 -7.67
C LEU A 20 -29.18 24.16 -6.99
N GLU A 21 -29.58 23.26 -6.10
CA GLU A 21 -30.84 23.44 -5.38
C GLU A 21 -30.69 24.55 -4.36
N ALA A 22 -29.61 24.56 -3.60
CA ALA A 22 -29.44 25.63 -2.63
C ALA A 22 -29.48 26.95 -3.38
N GLY A 23 -28.71 27.00 -4.48
CA GLY A 23 -28.59 28.21 -5.25
C GLY A 23 -29.87 28.68 -5.87
N TRP A 24 -30.57 27.79 -6.55
CA TRP A 24 -31.75 28.18 -7.29
C TRP A 24 -32.81 28.70 -6.33
N ASN A 25 -32.94 28.02 -5.20
CA ASN A 25 -33.87 28.39 -4.16
C ASN A 25 -33.62 29.73 -3.52
N ALA A 26 -32.36 30.10 -3.33
CA ALA A 26 -31.99 31.35 -2.69
C ALA A 26 -32.20 32.55 -3.61
N ALA A 27 -31.79 32.42 -4.86
CA ALA A 27 -32.13 33.42 -5.88
C ALA A 27 -33.63 33.46 -6.30
N THR A 28 -34.25 32.36 -6.69
CA THR A 28 -35.57 32.54 -7.25
C THR A 28 -36.65 32.77 -6.16
N LEU A 29 -36.46 32.22 -4.97
CA LEU A 29 -37.45 32.24 -3.89
C LEU A 29 -37.32 33.37 -2.90
N TYR A 30 -36.08 33.67 -2.49
CA TYR A 30 -35.81 34.64 -1.42
C TYR A 30 -35.00 35.84 -1.89
N GLY A 31 -34.79 35.99 -3.19
CA GLY A 31 -34.03 37.14 -3.76
C GLY A 31 -32.60 37.41 -3.26
N LYS A 32 -31.84 36.39 -2.92
CA LYS A 32 -30.45 36.65 -2.59
C LYS A 32 -29.61 36.68 -3.86
N ARG A 33 -28.44 37.32 -3.78
CA ARG A 33 -27.47 37.26 -4.86
C ARG A 33 -26.53 36.07 -4.66
N VAL A 34 -26.46 35.22 -5.69
CA VAL A 34 -25.81 33.92 -5.57
C VAL A 34 -24.74 33.69 -6.63
N ALA A 35 -23.62 33.11 -6.21
CA ALA A 35 -22.59 32.67 -7.15
C ALA A 35 -22.37 31.20 -7.05
N VAL A 36 -22.30 30.56 -8.21
CA VAL A 36 -21.93 29.14 -8.24
C VAL A 36 -20.67 28.82 -9.04
N VAL A 37 -19.74 28.10 -8.42
CA VAL A 37 -18.48 27.73 -9.04
C VAL A 37 -18.46 26.24 -9.36
N ASP A 38 -18.07 25.91 -10.58
CA ASP A 38 -17.76 24.55 -10.98
C ASP A 38 -16.63 24.52 -12.05
N VAL A 39 -16.02 23.38 -12.22
CA VAL A 39 -14.79 23.33 -12.96
C VAL A 39 -15.01 23.16 -14.44
N GLN A 40 -16.25 22.87 -14.85
CA GLN A 40 -16.55 22.56 -16.26
C GLN A 40 -18.00 22.93 -16.65
N THR A 41 -18.19 23.37 -17.89
CA THR A 41 -19.53 23.71 -18.36
C THR A 41 -20.28 22.52 -18.97
N SER A 42 -19.54 21.59 -19.58
CA SER A 42 -20.11 20.41 -20.20
C SER A 42 -19.49 19.13 -19.61
N HIS A 43 -20.12 17.98 -19.83
CA HIS A 43 -19.63 16.71 -19.28
C HIS A 43 -18.33 16.24 -19.86
N GLY A 44 -17.67 15.30 -19.16
CA GLY A 44 -16.57 14.46 -19.75
C GLY A 44 -15.15 14.64 -19.21
N PRO A 45 -14.14 13.98 -19.79
CA PRO A 45 -12.80 14.37 -19.36
C PRO A 45 -12.48 15.85 -19.68
N PRO A 46 -11.54 16.47 -18.95
CA PRO A 46 -10.62 15.85 -18.00
C PRO A 46 -11.17 15.70 -16.59
N PHE A 47 -12.21 16.45 -16.24
CA PHE A 47 -12.67 16.46 -14.84
C PHE A 47 -13.98 15.66 -14.64
N TYR A 48 -14.48 15.09 -15.75
CA TYR A 48 -15.67 14.23 -15.78
C TYR A 48 -17.00 14.90 -15.38
N ALA A 49 -17.09 15.22 -14.08
CA ALA A 49 -18.17 15.97 -13.46
C ALA A 49 -18.04 17.46 -13.79
N ALA A 50 -19.19 18.11 -13.97
CA ALA A 50 -19.25 19.49 -14.42
C ALA A 50 -20.58 20.10 -13.97
N LEU A 51 -20.95 21.17 -14.65
CA LEU A 51 -22.23 21.81 -14.44
C LEU A 51 -23.29 20.72 -14.43
N GLY A 52 -23.97 20.57 -13.29
CA GLY A 52 -25.06 19.61 -13.15
C GLY A 52 -24.71 18.64 -12.06
N GLY A 53 -23.43 18.43 -11.84
CA GLY A 53 -23.00 17.60 -10.75
C GLY A 53 -22.67 16.21 -11.20
N THR A 54 -22.59 15.32 -10.24
CA THR A 54 -22.12 13.97 -10.50
C THR A 54 -23.26 13.17 -11.08
N CYS A 55 -24.41 13.26 -10.44
CA CYS A 55 -25.58 12.64 -10.97
C CYS A 55 -25.71 12.88 -12.47
N VAL A 56 -25.68 14.12 -12.92
CA VAL A 56 -26.00 14.45 -14.31
C VAL A 56 -24.91 14.06 -15.33
N ASN A 57 -23.65 14.30 -14.98
CA ASN A 57 -22.57 14.08 -15.92
C ASN A 57 -21.99 12.66 -15.92
N VAL A 58 -21.85 12.06 -14.72
CA VAL A 58 -21.27 10.73 -14.62
C VAL A 58 -21.87 9.92 -13.46
N GLY A 59 -23.21 9.98 -13.35
CA GLY A 59 -23.93 9.36 -12.24
C GLY A 59 -25.29 8.83 -12.60
N CYS A 60 -26.31 9.34 -11.93
CA CYS A 60 -27.64 8.71 -12.04
C CYS A 60 -28.12 8.63 -13.51
N VAL A 61 -28.03 9.77 -14.18
CA VAL A 61 -28.62 9.98 -15.46
C VAL A 61 -27.94 9.17 -16.55
N PRO A 62 -26.63 9.34 -16.75
CA PRO A 62 -26.06 8.45 -17.71
C PRO A 62 -26.17 6.97 -17.35
N LYS A 63 -26.01 6.57 -16.09
CA LYS A 63 -26.02 5.14 -15.79
C LYS A 63 -27.41 4.50 -16.04
N LYS A 64 -28.49 5.17 -15.60
CA LYS A 64 -29.84 4.70 -15.90
C LYS A 64 -30.03 4.54 -17.43
N LEU A 65 -29.54 5.49 -18.22
CA LEU A 65 -29.63 5.29 -19.66
C LEU A 65 -28.95 4.00 -20.11
N MET A 66 -27.73 3.80 -19.65
CA MET A 66 -27.03 2.61 -20.06
C MET A 66 -27.66 1.32 -19.50
N VAL A 67 -28.22 1.36 -18.29
CA VAL A 67 -28.86 0.14 -17.78
C VAL A 67 -30.12 -0.20 -18.58
N THR A 68 -30.80 0.84 -19.05
CA THR A 68 -31.92 0.64 -19.96
C THR A 68 -31.43 -0.05 -21.25
N GLY A 69 -30.39 0.48 -21.87
CA GLY A 69 -29.83 -0.18 -23.00
C GLY A 69 -29.58 -1.62 -22.66
N ALA A 70 -28.90 -1.86 -21.54
CA ALA A 70 -28.54 -3.23 -21.16
C ALA A 70 -29.70 -4.24 -21.06
N GLN A 71 -30.94 -3.75 -20.86
CA GLN A 71 -32.08 -4.62 -20.59
C GLN A 71 -32.56 -5.23 -21.91
N TYR A 72 -32.34 -4.52 -23.01
CA TYR A 72 -32.73 -5.08 -24.28
C TYR A 72 -32.03 -6.44 -24.54
N MET A 73 -30.97 -6.75 -23.81
CA MET A 73 -30.44 -8.11 -23.89
C MET A 73 -31.46 -9.11 -23.35
N ASP A 74 -32.06 -8.77 -22.21
CA ASP A 74 -33.08 -9.61 -21.62
C ASP A 74 -34.32 -9.54 -22.52
N HIS A 75 -34.78 -8.34 -22.84
CA HIS A 75 -35.92 -8.13 -23.72
C HIS A 75 -35.86 -8.94 -25.01
N LEU A 76 -34.84 -8.76 -25.85
CA LEU A 76 -34.82 -9.52 -27.10
C LEU A 76 -34.96 -11.02 -26.86
N ARG A 77 -34.10 -11.61 -26.05
CA ARG A 77 -34.21 -13.02 -25.79
C ARG A 77 -35.56 -13.41 -25.17
N GLU A 78 -36.13 -12.56 -24.31
CA GLU A 78 -37.34 -12.87 -23.55
C GLU A 78 -38.58 -12.80 -24.43
N SER A 79 -38.50 -12.12 -25.57
CA SER A 79 -39.67 -12.02 -26.46
C SER A 79 -40.06 -13.36 -27.14
N ALA A 80 -39.05 -14.20 -27.38
CA ALA A 80 -39.21 -15.53 -27.99
C ALA A 80 -40.27 -16.31 -27.23
N GLY A 81 -40.38 -16.02 -25.94
CA GLY A 81 -41.36 -16.71 -25.12
C GLY A 81 -42.78 -16.26 -25.36
N PHE A 82 -42.95 -15.07 -25.94
CA PHE A 82 -44.28 -14.53 -26.24
C PHE A 82 -44.58 -14.60 -27.74
N GLY A 83 -43.73 -15.35 -28.45
CA GLY A 83 -43.93 -15.62 -29.86
C GLY A 83 -43.17 -14.76 -30.84
N TRP A 84 -42.15 -14.07 -30.39
CA TRP A 84 -41.38 -13.26 -31.33
C TRP A 84 -40.23 -14.05 -31.97
N GLU A 85 -40.09 -13.86 -33.28
CA GLU A 85 -39.11 -14.60 -34.04
C GLU A 85 -38.34 -13.62 -34.90
N PHE A 86 -37.00 -13.66 -34.77
CA PHE A 86 -36.14 -12.87 -35.63
C PHE A 86 -34.79 -13.59 -35.65
N ASP A 87 -33.90 -13.22 -36.58
CA ASP A 87 -32.62 -13.91 -36.73
C ASP A 87 -31.66 -13.61 -35.56
N GLY A 88 -31.72 -14.45 -34.53
CA GLY A 88 -30.87 -14.30 -33.37
C GLY A 88 -29.40 -14.02 -33.67
N SER A 89 -28.93 -14.44 -34.84
CA SER A 89 -27.49 -14.39 -35.14
C SER A 89 -27.04 -13.05 -35.75
N SER A 90 -27.99 -12.18 -36.05
CA SER A 90 -27.71 -10.83 -36.54
C SER A 90 -27.57 -9.78 -35.40
N VAL A 91 -27.69 -10.20 -34.15
CA VAL A 91 -27.79 -9.25 -33.03
C VAL A 91 -26.43 -8.73 -32.56
N LYS A 92 -26.27 -7.40 -32.58
CA LYS A 92 -25.07 -6.75 -32.08
C LYS A 92 -25.42 -5.67 -31.05
N ALA A 93 -24.82 -5.74 -29.88
CA ALA A 93 -24.92 -4.62 -28.95
C ALA A 93 -23.84 -3.61 -29.35
N ASN A 94 -24.26 -2.53 -30.01
CA ASN A 94 -23.36 -1.50 -30.50
C ASN A 94 -23.12 -0.40 -29.45
N TRP A 95 -22.08 -0.59 -28.66
CA TRP A 95 -21.74 0.35 -27.60
C TRP A 95 -21.48 1.81 -28.02
N LYS A 96 -20.95 2.03 -29.21
CA LYS A 96 -20.61 3.39 -29.60
C LYS A 96 -21.87 4.22 -29.80
N LYS A 97 -22.86 3.61 -30.43
CA LYS A 97 -24.18 4.19 -30.52
C LYS A 97 -24.74 4.59 -29.15
N LEU A 98 -24.66 3.68 -28.16
CA LEU A 98 -25.16 3.95 -26.81
C LEU A 98 -24.49 5.21 -26.24
N ILE A 99 -23.17 5.25 -26.33
CA ILE A 99 -22.36 6.29 -25.75
C ILE A 99 -22.61 7.61 -26.48
N ALA A 100 -22.71 7.56 -27.81
CA ALA A 100 -23.06 8.76 -28.56
C ALA A 100 -24.41 9.36 -28.13
N ALA A 101 -25.38 8.50 -27.80
CA ALA A 101 -26.70 8.96 -27.34
C ALA A 101 -26.67 9.48 -25.89
N LYS A 102 -25.92 8.80 -25.01
CA LYS A 102 -25.75 9.28 -23.63
C LYS A 102 -25.07 10.64 -23.61
N ASN A 103 -24.06 10.85 -24.44
CA ASN A 103 -23.42 12.18 -24.53
C ASN A 103 -24.36 13.30 -25.00
N GLU A 104 -25.10 13.04 -26.08
CA GLU A 104 -25.98 14.06 -26.66
C GLU A 104 -27.01 14.41 -25.61
N ALA A 105 -27.53 13.41 -24.90
CA ALA A 105 -28.49 13.67 -23.83
C ALA A 105 -27.88 14.38 -22.61
N VAL A 106 -26.67 14.02 -22.21
CA VAL A 106 -26.05 14.68 -21.05
C VAL A 106 -25.72 16.14 -21.36
N LEU A 107 -25.27 16.37 -22.60
CA LEU A 107 -24.82 17.67 -23.06
C LEU A 107 -25.99 18.65 -23.12
N ASP A 108 -27.19 18.15 -23.43
CA ASP A 108 -28.42 18.95 -23.34
C ASP A 108 -28.78 19.42 -21.90
N ILE A 109 -28.55 18.60 -20.89
CA ILE A 109 -28.78 19.04 -19.50
C ILE A 109 -27.79 20.21 -19.12
N ASN A 110 -26.52 20.01 -19.50
CA ASN A 110 -25.46 21.01 -19.40
C ASN A 110 -25.89 22.30 -20.05
N LYS A 111 -26.23 22.24 -21.35
CA LYS A 111 -26.53 23.44 -22.11
C LYS A 111 -27.70 24.11 -21.46
N SER A 112 -28.65 23.26 -21.05
CA SER A 112 -29.91 23.71 -20.50
C SER A 112 -29.73 24.41 -19.16
N TYR A 113 -28.76 23.98 -18.37
CA TYR A 113 -28.53 24.59 -17.09
C TYR A 113 -27.76 25.84 -17.36
N GLU A 114 -26.94 25.81 -18.39
CA GLU A 114 -26.10 26.95 -18.75
C GLU A 114 -27.00 28.14 -19.14
N GLY A 115 -28.19 27.86 -19.67
CA GLY A 115 -29.09 28.89 -20.11
C GLY A 115 -29.81 29.43 -18.91
N MET A 116 -30.09 28.55 -17.95
CA MET A 116 -30.84 28.91 -16.75
C MET A 116 -30.09 29.97 -15.93
N PHE A 117 -28.77 29.81 -15.78
CA PHE A 117 -27.90 30.81 -15.11
C PHE A 117 -28.03 32.16 -15.78
N ASN A 118 -27.77 32.20 -17.09
CA ASN A 118 -27.86 33.43 -17.90
C ASN A 118 -29.21 34.21 -17.78
N ASP A 119 -30.35 33.54 -17.55
CA ASP A 119 -31.62 34.24 -17.34
C ASP A 119 -32.09 34.44 -15.91
N THR A 120 -31.37 33.94 -14.93
CA THR A 120 -31.83 34.12 -13.56
C THR A 120 -31.08 35.27 -12.89
N GLU A 121 -31.88 36.22 -12.42
CA GLU A 121 -31.43 37.35 -11.64
C GLU A 121 -30.78 36.93 -10.32
N GLY A 122 -29.52 37.31 -10.13
CA GLY A 122 -28.83 37.05 -8.88
C GLY A 122 -28.37 35.62 -8.70
N LEU A 123 -28.42 34.84 -9.78
CA LEU A 123 -27.86 33.49 -9.83
C LEU A 123 -26.77 33.45 -10.91
N ASP A 124 -25.50 33.53 -10.51
CA ASP A 124 -24.43 33.57 -11.52
C ASP A 124 -23.45 32.35 -11.47
N PHE A 125 -23.03 31.91 -12.66
CA PHE A 125 -22.05 30.79 -12.83
C PHE A 125 -20.62 31.25 -13.10
N PHE A 126 -19.71 30.81 -12.24
CA PHE A 126 -18.31 30.96 -12.51
C PHE A 126 -17.66 29.62 -12.77
N LEU A 127 -16.62 29.62 -13.62
CA LEU A 127 -15.93 28.43 -14.08
C LEU A 127 -14.54 28.40 -13.47
N GLY A 128 -14.26 27.37 -12.70
CA GLY A 128 -12.94 27.19 -12.17
C GLY A 128 -12.96 26.41 -10.86
N TRP A 129 -11.84 26.46 -10.15
CA TRP A 129 -11.65 25.74 -8.91
C TRP A 129 -11.82 26.67 -7.75
N GLY A 130 -12.80 26.38 -6.91
CA GLY A 130 -13.11 27.22 -5.75
C GLY A 130 -12.45 26.74 -4.47
N SER A 131 -11.80 27.65 -3.74
CA SER A 131 -11.24 27.29 -2.44
C SER A 131 -11.44 28.44 -1.49
N LEU A 132 -11.19 28.18 -0.22
CA LEU A 132 -11.50 29.13 0.79
C LEU A 132 -10.24 29.90 1.20
N GLU A 133 -10.31 31.22 1.00
CA GLU A 133 -9.22 32.14 1.33
C GLU A 133 -9.45 32.72 2.73
N SER A 134 -10.68 33.16 3.00
CA SER A 134 -11.03 33.60 4.34
C SER A 134 -12.50 33.32 4.53
N LYS A 135 -12.98 33.48 5.77
CA LYS A 135 -14.44 33.36 6.13
C LYS A 135 -15.38 34.06 5.14
N ASN A 136 -14.88 35.05 4.40
CA ASN A 136 -15.76 35.82 3.54
C ASN A 136 -15.28 35.99 2.08
N VAL A 137 -14.35 35.14 1.64
CA VAL A 137 -13.87 35.20 0.25
C VAL A 137 -13.63 33.80 -0.33
N VAL A 138 -14.27 33.52 -1.45
CA VAL A 138 -13.94 32.36 -2.19
C VAL A 138 -13.06 32.78 -3.36
N VAL A 139 -11.99 32.04 -3.66
CA VAL A 139 -11.07 32.30 -4.77
C VAL A 139 -11.33 31.28 -5.86
N VAL A 140 -11.43 31.74 -7.09
CA VAL A 140 -11.60 30.85 -8.20
C VAL A 140 -10.31 30.87 -8.98
N ARG A 141 -9.63 29.72 -9.00
CA ARG A 141 -8.32 29.50 -9.67
C ARG A 141 -8.48 28.61 -10.92
N GLU A 142 -7.41 28.44 -11.68
CA GLU A 142 -7.49 27.74 -12.96
C GLU A 142 -7.40 26.23 -12.80
N THR A 143 -6.65 25.78 -11.78
CA THR A 143 -6.61 24.35 -11.46
C THR A 143 -6.65 24.08 -9.98
N ALA A 144 -6.62 22.79 -9.65
CA ALA A 144 -6.78 22.24 -8.31
C ALA A 144 -5.66 22.70 -7.37
N ASP A 145 -4.49 22.95 -7.98
CA ASP A 145 -3.32 23.41 -7.26
C ASP A 145 -3.59 24.81 -6.73
N PRO A 146 -3.47 25.02 -5.40
CA PRO A 146 -3.73 26.38 -4.88
C PRO A 146 -2.75 27.45 -5.41
N LYS A 147 -1.73 27.05 -6.18
CA LYS A 147 -0.74 28.01 -6.73
C LYS A 147 -1.07 28.44 -8.17
N SER A 148 -2.03 27.76 -8.80
CA SER A 148 -2.55 28.20 -10.09
C SER A 148 -3.13 29.63 -10.06
N ALA A 149 -3.22 30.24 -11.25
CA ALA A 149 -3.59 31.63 -11.47
C ALA A 149 -4.98 31.88 -10.92
N VAL A 150 -5.23 33.06 -10.34
CA VAL A 150 -6.57 33.44 -9.88
C VAL A 150 -7.40 33.91 -11.09
N LYS A 151 -8.67 33.47 -11.22
CA LYS A 151 -9.64 34.02 -12.19
C LYS A 151 -10.63 34.98 -11.52
N GLU A 152 -11.13 34.63 -10.35
CA GLU A 152 -11.90 35.60 -9.58
C GLU A 152 -11.75 35.47 -8.08
N ARG A 153 -12.05 36.55 -7.38
CA ARG A 153 -12.31 36.44 -5.97
C ARG A 153 -13.77 36.78 -5.84
N LEU A 154 -14.48 36.00 -5.02
CA LEU A 154 -15.91 36.17 -4.89
C LEU A 154 -16.26 36.39 -3.43
N GLN A 155 -16.77 37.57 -3.10
CA GLN A 155 -17.10 37.94 -1.74
C GLN A 155 -18.39 37.27 -1.32
N ALA A 156 -18.48 36.79 -0.08
CA ALA A 156 -19.67 36.06 0.35
C ALA A 156 -19.96 36.26 1.83
N ASP A 157 -21.21 36.56 2.21
CA ASP A 157 -21.65 36.49 3.62
C ASP A 157 -21.81 35.05 4.10
N HIS A 158 -22.19 34.16 3.16
CA HIS A 158 -22.40 32.72 3.44
C HIS A 158 -21.70 31.88 2.40
N ILE A 159 -21.13 30.76 2.86
CA ILE A 159 -20.43 29.85 1.97
C ILE A 159 -20.96 28.43 2.08
N LEU A 160 -21.29 27.84 0.95
CA LEU A 160 -21.74 26.46 0.94
C LEU A 160 -20.80 25.55 0.16
N LEU A 161 -20.22 24.60 0.88
CA LEU A 161 -19.32 23.57 0.33
C LEU A 161 -20.14 22.40 -0.27
N ALA A 162 -20.25 22.30 -1.59
CA ALA A 162 -21.05 21.21 -2.18
C ALA A 162 -20.27 20.45 -3.25
N THR A 163 -19.03 20.14 -2.96
CA THR A 163 -18.13 19.55 -3.96
C THR A 163 -18.26 18.05 -4.19
N GLY A 164 -19.20 17.40 -3.52
CA GLY A 164 -19.43 16.01 -3.73
C GLY A 164 -18.31 15.08 -3.33
N SER A 165 -18.20 13.98 -4.05
CA SER A 165 -17.20 12.95 -3.77
C SER A 165 -16.45 12.45 -5.01
N TRP A 166 -15.63 11.44 -4.87
CA TRP A 166 -14.69 11.05 -5.95
C TRP A 166 -14.38 9.56 -5.77
N PRO A 167 -14.06 8.82 -6.86
CA PRO A 167 -13.72 7.40 -6.60
C PRO A 167 -12.42 7.21 -5.85
N GLN A 168 -12.46 6.36 -4.84
CA GLN A 168 -11.28 5.89 -4.07
C GLN A 168 -10.54 4.88 -4.92
N MET A 169 -9.24 5.11 -5.17
CA MET A 169 -8.34 4.08 -5.76
C MET A 169 -7.42 3.42 -4.70
N PRO A 170 -7.30 2.07 -4.70
CA PRO A 170 -6.46 1.56 -3.62
C PRO A 170 -5.02 1.52 -4.07
N ALA A 171 -4.14 1.78 -3.10
CA ALA A 171 -2.70 1.78 -3.34
C ALA A 171 -2.33 0.33 -3.53
N ILE A 172 -2.26 -0.07 -4.81
CA ILE A 172 -1.72 -1.37 -5.18
C ILE A 172 -0.86 -1.24 -6.41
N PRO A 173 0.17 -2.07 -6.49
CA PRO A 173 1.03 -1.99 -7.69
C PRO A 173 0.21 -2.15 -9.00
N GLY A 174 0.51 -1.32 -9.98
CA GLY A 174 -0.21 -1.38 -11.26
C GLY A 174 -1.59 -0.72 -11.25
N ILE A 175 -1.83 0.14 -10.26
CA ILE A 175 -3.11 0.81 -10.15
C ILE A 175 -3.38 1.76 -11.34
N GLU A 176 -2.34 2.09 -12.08
CA GLU A 176 -2.45 3.09 -13.16
C GLU A 176 -3.03 2.46 -14.42
N HIS A 177 -3.05 1.14 -14.41
CA HIS A 177 -3.70 0.35 -15.41
C HIS A 177 -5.21 0.21 -15.15
N CYS A 178 -5.70 0.79 -14.05
CA CYS A 178 -7.08 0.69 -13.66
C CYS A 178 -7.82 2.00 -13.91
N ILE A 179 -9.14 1.92 -13.99
CA ILE A 179 -10.01 3.05 -14.26
C ILE A 179 -11.12 3.06 -13.21
N SER A 180 -12.13 3.93 -13.37
CA SER A 180 -13.16 4.07 -12.36
C SER A 180 -14.45 4.23 -13.10
N SER A 181 -15.51 4.64 -12.39
CA SER A 181 -16.78 4.91 -13.08
C SER A 181 -16.56 5.99 -14.16
N ASN A 182 -15.75 6.98 -13.84
CA ASN A 182 -15.64 8.18 -14.62
C ASN A 182 -15.21 7.79 -16.00
N GLU A 183 -14.20 6.92 -16.09
CA GLU A 183 -13.65 6.48 -17.38
C GLU A 183 -14.57 5.49 -18.09
N ALA A 184 -15.26 4.65 -17.32
CA ALA A 184 -16.19 3.69 -17.91
C ALA A 184 -17.16 4.39 -18.86
N PHE A 185 -17.63 5.57 -18.47
CA PHE A 185 -18.67 6.29 -19.23
C PHE A 185 -18.11 6.75 -20.56
N TYR A 186 -16.81 6.55 -20.73
CA TYR A 186 -16.15 7.05 -21.94
C TYR A 186 -15.33 6.02 -22.70
N LEU A 187 -15.39 4.76 -22.30
CA LEU A 187 -14.65 3.77 -23.01
C LEU A 187 -14.96 3.85 -24.49
N PRO A 188 -13.92 3.95 -25.32
CA PRO A 188 -14.13 3.97 -26.76
C PRO A 188 -14.82 2.71 -27.26
N GLU A 189 -14.64 1.59 -26.56
CA GLU A 189 -15.37 0.37 -26.94
C GLU A 189 -15.59 -0.65 -25.79
N PRO A 190 -16.60 -1.54 -25.94
CA PRO A 190 -17.01 -2.33 -24.79
C PRO A 190 -15.95 -3.35 -24.48
N PRO A 191 -15.60 -3.54 -23.19
CA PRO A 191 -14.57 -4.56 -22.94
C PRO A 191 -15.13 -5.94 -23.17
N ARG A 192 -14.36 -6.76 -23.89
CA ARG A 192 -14.62 -8.19 -24.03
C ARG A 192 -14.48 -8.90 -22.67
N ARG A 193 -13.38 -8.66 -21.95
CA ARG A 193 -13.26 -9.10 -20.57
C ARG A 193 -13.01 -7.87 -19.71
N VAL A 194 -13.87 -7.71 -18.71
CA VAL A 194 -13.76 -6.65 -17.72
C VAL A 194 -13.85 -7.26 -16.33
N LEU A 195 -13.09 -6.71 -15.38
CA LEU A 195 -13.27 -7.01 -13.96
C LEU A 195 -13.86 -5.79 -13.30
N THR A 196 -14.92 -5.94 -12.51
CA THR A 196 -15.33 -4.80 -11.69
C THR A 196 -15.09 -5.18 -10.25
N VAL A 197 -14.54 -4.26 -9.50
CA VAL A 197 -14.04 -4.49 -8.16
C VAL A 197 -14.90 -3.64 -7.24
N GLY A 198 -15.62 -4.27 -6.33
CA GLY A 198 -16.57 -3.60 -5.47
C GLY A 198 -17.79 -4.47 -5.30
N GLY A 199 -18.34 -4.48 -4.11
CA GLY A 199 -19.62 -5.13 -3.91
C GLY A 199 -20.83 -4.21 -3.86
N GLY A 200 -20.70 -2.93 -4.23
CA GLY A 200 -21.79 -1.96 -4.10
C GLY A 200 -22.51 -1.64 -5.40
N PHE A 201 -23.46 -0.71 -5.35
CA PHE A 201 -24.35 -0.49 -6.47
C PHE A 201 -23.66 -0.13 -7.76
N ILE A 202 -22.60 0.69 -7.69
CA ILE A 202 -21.79 1.04 -8.88
C ILE A 202 -21.12 -0.18 -9.60
N SER A 203 -20.49 -1.08 -8.85
CA SER A 203 -19.85 -2.24 -9.41
C SER A 203 -20.89 -3.14 -10.04
N VAL A 204 -21.96 -3.36 -9.29
CA VAL A 204 -23.05 -4.21 -9.68
C VAL A 204 -23.79 -3.65 -10.88
N GLU A 205 -24.03 -2.34 -10.90
CA GLU A 205 -24.79 -1.71 -11.98
C GLU A 205 -24.00 -1.83 -13.27
N PHE A 206 -22.70 -1.49 -13.19
CA PHE A 206 -21.78 -1.60 -14.32
C PHE A 206 -21.59 -3.02 -14.89
N ALA A 207 -21.50 -3.97 -13.97
CA ALA A 207 -21.47 -5.39 -14.33
C ALA A 207 -22.60 -5.65 -15.31
N GLY A 208 -23.81 -5.30 -14.92
CA GLY A 208 -24.95 -5.43 -15.79
C GLY A 208 -24.68 -4.78 -17.13
N ILE A 209 -24.19 -3.53 -17.12
CA ILE A 209 -24.02 -2.80 -18.38
C ILE A 209 -23.00 -3.48 -19.36
N PHE A 210 -21.82 -3.82 -18.86
CA PHE A 210 -20.83 -4.51 -19.70
C PHE A 210 -21.31 -5.89 -20.14
N ASN A 211 -22.03 -6.58 -19.27
CA ASN A 211 -22.41 -7.94 -19.51
C ASN A 211 -23.26 -8.06 -20.77
N ALA A 212 -24.00 -6.99 -21.09
CA ALA A 212 -24.95 -6.95 -22.20
C ALA A 212 -24.35 -6.32 -23.43
N TYR A 213 -23.38 -5.43 -23.25
CA TYR A 213 -22.75 -4.83 -24.40
C TYR A 213 -21.50 -5.54 -24.83
N LYS A 214 -21.03 -6.52 -24.05
CA LYS A 214 -19.81 -7.31 -24.45
C LYS A 214 -19.90 -7.88 -25.87
N PRO A 215 -18.78 -7.80 -26.63
CA PRO A 215 -18.62 -8.49 -27.93
C PRO A 215 -18.72 -10.03 -27.80
N PRO A 216 -18.67 -10.76 -28.93
CA PRO A 216 -18.80 -12.23 -29.05
C PRO A 216 -18.14 -13.11 -27.95
N GLY A 217 -16.88 -12.87 -27.59
CA GLY A 217 -16.29 -13.85 -26.69
C GLY A 217 -16.32 -13.43 -25.24
N GLY A 218 -17.23 -12.51 -24.90
CA GLY A 218 -17.05 -11.69 -23.72
C GLY A 218 -17.17 -12.40 -22.39
N LYS A 219 -16.67 -11.76 -21.35
CA LYS A 219 -16.87 -12.24 -19.99
C LYS A 219 -16.72 -11.12 -18.97
N VAL A 220 -17.79 -10.92 -18.18
CA VAL A 220 -17.80 -10.01 -17.03
C VAL A 220 -17.58 -10.72 -15.70
N THR A 221 -16.68 -10.14 -14.92
CA THR A 221 -16.36 -10.70 -13.63
C THR A 221 -16.41 -9.56 -12.59
N LEU A 222 -17.25 -9.76 -11.57
CA LEU A 222 -17.27 -8.84 -10.44
C LEU A 222 -16.57 -9.56 -9.28
N CYS A 223 -15.63 -8.87 -8.61
CA CYS A 223 -15.00 -9.42 -7.39
C CYS A 223 -15.33 -8.62 -6.16
N TYR A 224 -15.52 -9.30 -5.05
CA TYR A 224 -15.76 -8.62 -3.79
C TYR A 224 -14.93 -9.14 -2.63
N ARG A 225 -14.34 -8.21 -1.89
CA ARG A 225 -13.47 -8.51 -0.75
C ARG A 225 -14.10 -9.32 0.42
N ASN A 226 -15.45 -9.42 0.47
CA ASN A 226 -16.20 -10.19 1.53
C ASN A 226 -17.02 -11.29 0.89
N ASN A 227 -17.82 -12.06 1.66
CA ASN A 227 -18.50 -13.23 1.04
C ASN A 227 -19.79 -12.92 0.38
N LEU A 228 -20.37 -11.79 0.76
CA LEU A 228 -21.63 -11.44 0.13
C LEU A 228 -21.73 -10.01 -0.41
N ILE A 229 -22.01 -9.85 -1.70
CA ILE A 229 -22.18 -8.51 -2.26
C ILE A 229 -23.32 -7.66 -1.61
N LEU A 230 -23.28 -6.35 -1.88
CA LEU A 230 -24.26 -5.35 -1.40
C LEU A 230 -24.44 -5.19 0.14
N ARG A 231 -23.34 -5.05 0.87
CA ARG A 231 -23.41 -4.84 2.32
C ARG A 231 -24.39 -3.67 2.54
N GLY A 232 -25.22 -3.78 3.57
CA GLY A 232 -26.21 -2.77 3.83
C GLY A 232 -27.62 -3.00 3.33
N PHE A 233 -27.83 -3.89 2.35
CA PHE A 233 -29.20 -4.17 1.83
C PHE A 233 -29.76 -5.44 2.48
N ASP A 234 -31.01 -5.77 2.15
CA ASP A 234 -31.63 -6.97 2.70
C ASP A 234 -30.88 -8.25 2.31
N GLU A 235 -30.61 -9.12 3.27
CA GLU A 235 -29.78 -10.31 2.99
C GLU A 235 -30.45 -11.28 1.97
N THR A 236 -31.77 -11.35 1.96
CA THR A 236 -32.42 -12.21 1.03
C THR A 236 -32.16 -11.65 -0.34
N ILE A 237 -32.22 -10.33 -0.45
CA ILE A 237 -32.09 -9.64 -1.73
C ILE A 237 -30.63 -9.79 -2.17
N ARG A 238 -29.72 -9.61 -1.23
CA ARG A 238 -28.31 -9.74 -1.56
C ARG A 238 -27.97 -11.07 -2.20
N GLU A 239 -28.42 -12.14 -1.57
CA GLU A 239 -28.16 -13.49 -2.01
C GLU A 239 -28.86 -13.69 -3.30
N GLU A 240 -30.07 -13.15 -3.43
CA GLU A 240 -30.83 -13.38 -4.66
C GLU A 240 -30.21 -12.69 -5.91
N VAL A 241 -29.89 -11.42 -5.79
CA VAL A 241 -29.36 -10.71 -6.90
C VAL A 241 -28.08 -11.37 -7.41
N THR A 242 -27.32 -11.97 -6.48
CA THR A 242 -26.15 -12.79 -6.80
C THR A 242 -26.61 -13.94 -7.71
N LYS A 243 -27.49 -14.80 -7.19
CA LYS A 243 -28.03 -15.86 -7.99
C LYS A 243 -28.37 -15.37 -9.37
N GLN A 244 -29.00 -14.22 -9.46
CA GLN A 244 -29.48 -13.76 -10.74
C GLN A 244 -28.40 -13.12 -11.64
N LEU A 245 -27.45 -12.40 -11.06
CA LEU A 245 -26.34 -11.92 -11.85
C LEU A 245 -25.59 -13.10 -12.45
N THR A 246 -25.32 -14.11 -11.59
CA THR A 246 -24.73 -15.40 -12.02
C THR A 246 -25.51 -16.03 -13.21
N ALA A 247 -26.81 -16.16 -13.07
CA ALA A 247 -27.62 -16.81 -14.11
C ALA A 247 -27.63 -16.04 -15.42
N ASN A 248 -27.22 -14.78 -15.38
CA ASN A 248 -27.14 -13.99 -16.61
C ASN A 248 -25.69 -13.87 -17.14
N GLY A 249 -24.81 -14.78 -16.67
CA GLY A 249 -23.46 -14.87 -17.19
C GLY A 249 -22.38 -14.02 -16.54
N ILE A 250 -22.64 -13.52 -15.32
CA ILE A 250 -21.61 -12.78 -14.56
C ILE A 250 -21.02 -13.66 -13.47
N GLU A 251 -19.70 -13.74 -13.42
CA GLU A 251 -19.01 -14.45 -12.35
C GLU A 251 -18.91 -13.49 -11.18
N ILE A 252 -19.42 -13.92 -10.04
CA ILE A 252 -19.26 -13.15 -8.79
C ILE A 252 -18.19 -13.83 -7.93
N MET A 253 -16.97 -13.32 -7.97
CA MET A 253 -15.87 -13.75 -7.14
C MET A 253 -15.97 -13.06 -5.77
N THR A 254 -16.54 -13.75 -4.80
CA THR A 254 -16.55 -13.27 -3.42
C THR A 254 -15.30 -13.72 -2.68
N ASN A 255 -14.99 -13.03 -1.58
CA ASN A 255 -13.81 -13.31 -0.76
C ASN A 255 -12.48 -13.17 -1.52
N GLU A 256 -12.48 -12.39 -2.60
CA GLU A 256 -11.28 -12.10 -3.41
C GLU A 256 -11.01 -10.60 -3.52
N ASN A 257 -9.73 -10.21 -3.52
CA ASN A 257 -9.34 -8.80 -3.63
C ASN A 257 -7.98 -8.64 -4.42
N PRO A 258 -7.95 -7.79 -5.47
CA PRO A 258 -6.74 -7.62 -6.29
C PRO A 258 -5.51 -7.18 -5.46
N ALA A 259 -4.37 -7.83 -5.70
CA ALA A 259 -3.17 -7.45 -4.96
C ALA A 259 -2.18 -6.61 -5.77
N LYS A 260 -2.05 -6.95 -7.05
CA LYS A 260 -1.34 -6.13 -8.00
C LYS A 260 -2.01 -6.33 -9.34
N VAL A 261 -1.54 -5.60 -10.35
CA VAL A 261 -2.06 -5.69 -11.70
C VAL A 261 -0.89 -5.33 -12.55
N SER A 262 -0.66 -6.06 -13.62
CA SER A 262 0.37 -5.72 -14.57
C SER A 262 -0.17 -5.97 -15.96
N LEU A 263 0.57 -5.52 -16.96
CA LEU A 263 0.17 -5.66 -18.34
C LEU A 263 0.83 -6.87 -18.93
N ASN A 264 0.06 -7.72 -19.60
CA ASN A 264 0.63 -8.75 -20.45
C ASN A 264 1.24 -8.15 -21.71
N THR A 265 1.91 -8.98 -22.49
CA THR A 265 2.63 -8.54 -23.68
C THR A 265 1.70 -8.07 -24.79
N ASP A 266 0.54 -8.71 -24.95
CA ASP A 266 -0.47 -8.21 -25.89
C ASP A 266 -1.23 -6.97 -25.33
N GLY A 267 -0.81 -6.43 -24.18
CA GLY A 267 -1.43 -5.22 -23.64
C GLY A 267 -2.64 -5.44 -22.73
N SER A 268 -3.12 -6.68 -22.68
CA SER A 268 -4.19 -7.03 -21.74
C SER A 268 -3.74 -6.88 -20.27
N LYS A 269 -4.71 -6.70 -19.38
CA LYS A 269 -4.43 -6.53 -17.95
C LYS A 269 -4.37 -7.89 -17.27
N HIS A 270 -3.34 -8.12 -16.46
CA HIS A 270 -3.20 -9.41 -15.73
C HIS A 270 -3.31 -9.17 -14.25
N VAL A 271 -4.35 -9.67 -13.63
CA VAL A 271 -4.69 -9.32 -12.24
C VAL A 271 -4.32 -10.48 -11.27
N THR A 272 -3.55 -10.19 -10.22
CA THR A 272 -3.22 -11.23 -9.21
C THR A 272 -3.97 -10.86 -7.96
N PHE A 273 -4.94 -11.68 -7.60
CA PHE A 273 -5.60 -11.53 -6.33
C PHE A 273 -4.64 -11.85 -5.21
N GLU A 274 -4.86 -11.25 -4.04
CA GLU A 274 -4.14 -11.63 -2.83
C GLU A 274 -4.05 -13.11 -2.59
N SER A 275 -5.09 -13.84 -2.95
CA SER A 275 -5.13 -15.27 -2.71
C SER A 275 -4.30 -16.09 -3.69
N GLY A 276 -3.64 -15.44 -4.64
CA GLY A 276 -2.82 -16.19 -5.61
C GLY A 276 -3.51 -16.48 -6.93
N LYS A 277 -4.85 -16.51 -6.90
CA LYS A 277 -5.73 -16.57 -8.10
C LYS A 277 -5.46 -15.41 -9.09
N THR A 278 -5.59 -15.67 -10.39
CA THR A 278 -5.31 -14.69 -11.43
C THR A 278 -6.43 -14.63 -12.41
N LEU A 279 -6.51 -13.52 -13.13
CA LEU A 279 -7.58 -13.31 -14.08
C LEU A 279 -7.09 -12.36 -15.15
N ASP A 280 -7.38 -12.68 -16.40
CA ASP A 280 -6.93 -11.86 -17.50
C ASP A 280 -8.05 -11.05 -18.17
N VAL A 281 -7.88 -9.73 -18.18
CA VAL A 281 -8.95 -8.84 -18.65
C VAL A 281 -8.52 -7.64 -19.47
N ASP A 282 -9.50 -7.06 -20.15
CA ASP A 282 -9.29 -5.86 -20.95
C ASP A 282 -9.43 -4.55 -20.12
N VAL A 283 -10.30 -4.54 -19.11
CA VAL A 283 -10.50 -3.35 -18.30
C VAL A 283 -10.65 -3.74 -16.85
N VAL A 284 -9.89 -3.13 -15.97
CA VAL A 284 -10.17 -3.32 -14.58
C VAL A 284 -10.82 -2.07 -14.07
N MET A 285 -12.09 -2.17 -13.70
CA MET A 285 -12.78 -1.00 -13.17
C MET A 285 -12.88 -1.01 -11.67
N MET A 286 -12.23 -0.02 -11.05
CA MET A 286 -12.30 0.15 -9.59
C MET A 286 -13.60 0.84 -9.10
N ALA A 287 -14.25 0.24 -8.11
CA ALA A 287 -15.51 0.75 -7.59
C ALA A 287 -15.77 0.22 -6.18
N ILE A 288 -14.83 0.57 -5.29
CA ILE A 288 -14.80 0.07 -3.92
C ILE A 288 -15.13 1.10 -2.84
N GLY A 289 -15.40 2.34 -3.24
CA GLY A 289 -15.75 3.39 -2.31
C GLY A 289 -15.71 4.76 -2.98
N ARG A 290 -16.48 5.69 -2.47
CA ARG A 290 -16.32 7.05 -2.92
C ARG A 290 -15.95 7.94 -1.74
N ILE A 291 -14.97 8.79 -1.92
CA ILE A 291 -14.48 9.56 -0.80
C ILE A 291 -14.92 11.00 -0.95
N PRO A 292 -15.24 11.64 0.18
CA PRO A 292 -15.62 13.03 0.20
C PRO A 292 -14.49 13.88 -0.36
N ARG A 293 -14.85 14.86 -1.19
CA ARG A 293 -13.92 15.63 -1.97
C ARG A 293 -13.48 16.93 -1.28
N THR A 294 -12.50 16.83 -0.37
CA THR A 294 -12.15 17.97 0.46
C THR A 294 -10.82 18.64 0.23
N ASN A 295 -9.87 17.97 -0.43
CA ASN A 295 -8.48 18.45 -0.42
C ASN A 295 -8.31 19.85 -0.99
N ASP A 296 -9.16 20.16 -1.99
CA ASP A 296 -8.89 21.33 -2.82
C ASP A 296 -9.42 22.62 -2.22
N LEU A 297 -10.33 22.47 -1.25
CA LEU A 297 -10.99 23.60 -0.66
C LEU A 297 -10.15 24.47 0.26
N GLN A 298 -9.00 23.97 0.69
CA GLN A 298 -8.05 24.69 1.61
C GLN A 298 -8.76 25.07 2.91
N LEU A 299 -9.50 24.11 3.46
CA LEU A 299 -10.29 24.29 4.65
C LEU A 299 -9.48 24.77 5.86
N GLY A 300 -8.22 24.29 5.99
CA GLY A 300 -7.22 24.85 6.89
C GLY A 300 -7.17 26.39 6.91
N ASN A 301 -7.44 27.02 5.77
CA ASN A 301 -7.42 28.49 5.69
C ASN A 301 -8.45 29.13 6.59
N VAL A 302 -9.46 28.37 7.00
CA VAL A 302 -10.52 28.93 7.85
C VAL A 302 -10.87 28.01 9.03
N GLY A 303 -10.32 26.80 9.06
CA GLY A 303 -10.49 25.95 10.23
C GLY A 303 -11.73 25.06 10.21
N VAL A 304 -12.28 24.77 9.03
CA VAL A 304 -13.45 23.90 8.95
C VAL A 304 -13.04 22.50 9.28
N LYS A 305 -13.69 21.90 10.29
CA LYS A 305 -13.35 20.59 10.85
C LYS A 305 -13.86 19.43 10.00
N LEU A 306 -13.04 18.38 9.93
CA LEU A 306 -13.38 17.18 9.18
C LEU A 306 -13.63 16.03 10.13
N THR A 307 -14.54 15.14 9.75
CA THR A 307 -14.82 13.98 10.53
C THR A 307 -13.58 13.09 10.48
N PRO A 308 -13.42 12.22 11.51
CA PRO A 308 -12.29 11.27 11.44
C PRO A 308 -12.29 10.58 10.07
N LYS A 309 -13.49 10.28 9.54
CA LYS A 309 -13.65 9.55 8.25
C LYS A 309 -13.27 10.38 6.99
N GLY A 310 -13.23 11.71 7.11
CA GLY A 310 -12.79 12.59 6.02
C GLY A 310 -13.81 13.54 5.41
N GLY A 311 -15.06 13.43 5.84
CA GLY A 311 -16.16 14.29 5.36
C GLY A 311 -16.18 15.58 6.16
N VAL A 312 -16.88 16.60 5.65
CA VAL A 312 -17.02 17.87 6.37
C VAL A 312 -18.00 17.65 7.47
N GLN A 313 -17.61 17.96 8.70
CA GLN A 313 -18.52 17.81 9.83
C GLN A 313 -19.61 18.89 9.79
N VAL A 314 -20.83 18.47 10.13
CA VAL A 314 -21.99 19.34 10.13
C VAL A 314 -22.95 18.94 11.28
N ASP A 315 -23.66 19.93 11.80
CA ASP A 315 -24.73 19.66 12.77
C ASP A 315 -25.93 19.24 11.93
N GLU A 316 -27.02 18.84 12.59
CA GLU A 316 -28.22 18.40 11.86
C GLU A 316 -28.75 19.49 10.91
N PHE A 317 -28.26 20.74 11.02
CA PHE A 317 -28.67 21.84 10.14
C PHE A 317 -27.74 22.20 9.00
N SER A 318 -26.77 21.31 8.75
CA SER A 318 -25.71 21.47 7.74
C SER A 318 -24.66 22.53 8.06
N ARG A 319 -24.58 22.96 9.31
CA ARG A 319 -23.60 23.98 9.70
C ARG A 319 -22.28 23.38 10.20
N THR A 320 -21.17 23.86 9.64
CA THR A 320 -19.82 23.53 10.10
C THR A 320 -19.46 24.29 11.41
N ASN A 321 -18.24 24.08 11.91
CA ASN A 321 -17.85 24.73 13.16
C ASN A 321 -17.59 26.22 13.00
N VAL A 322 -17.43 26.66 11.76
CA VAL A 322 -17.30 28.06 11.40
C VAL A 322 -18.67 28.53 10.91
N PRO A 323 -19.30 29.50 11.60
CA PRO A 323 -20.68 29.83 11.16
C PRO A 323 -20.67 30.43 9.76
N ASN A 324 -21.81 30.44 9.10
CA ASN A 324 -21.84 31.10 7.80
C ASN A 324 -21.10 30.26 6.76
N ILE A 325 -20.41 29.22 7.21
CA ILE A 325 -19.96 28.17 6.28
C ILE A 325 -20.74 26.85 6.46
N TYR A 326 -21.30 26.39 5.36
CA TYR A 326 -22.18 25.25 5.39
C TYR A 326 -21.66 24.24 4.40
N ALA A 327 -22.08 23.00 4.59
CA ALA A 327 -21.82 21.95 3.60
C ALA A 327 -23.02 21.00 3.48
N ILE A 328 -23.25 20.50 2.27
CA ILE A 328 -24.32 19.55 1.98
C ILE A 328 -23.84 18.49 1.00
N GLY A 329 -24.59 17.40 0.96
CA GLY A 329 -24.42 16.31 0.03
C GLY A 329 -23.23 15.40 0.30
N ASP A 330 -22.71 14.83 -0.78
CA ASP A 330 -21.66 13.84 -0.72
C ASP A 330 -20.48 14.28 0.07
N ILE A 331 -20.19 15.57 0.08
CA ILE A 331 -19.05 16.02 0.90
C ILE A 331 -19.22 15.67 2.41
N THR A 332 -20.44 15.43 2.87
CA THR A 332 -20.68 15.19 4.28
C THR A 332 -20.57 13.72 4.72
N ASP A 333 -20.32 12.83 3.77
CA ASP A 333 -20.05 11.42 4.02
C ASP A 333 -21.17 10.71 4.79
N ARG A 334 -22.41 11.14 4.61
CA ARG A 334 -23.55 10.45 5.19
CA ARG A 334 -23.56 10.47 5.20
C ARG A 334 -24.17 9.58 4.09
N LEU A 335 -25.45 9.84 3.76
CA LEU A 335 -26.14 9.22 2.61
C LEU A 335 -25.73 9.89 1.28
N MET A 336 -25.30 9.08 0.31
CA MET A 336 -24.68 9.61 -0.91
C MET A 336 -25.57 9.47 -2.11
N LEU A 337 -26.69 10.18 -2.10
CA LEU A 337 -27.68 10.08 -3.16
C LEU A 337 -28.14 11.47 -3.52
N THR A 338 -28.53 11.66 -4.76
CA THR A 338 -28.94 12.96 -5.26
C THR A 338 -30.14 13.58 -4.54
N PRO A 339 -31.29 12.88 -4.48
CA PRO A 339 -32.43 13.53 -3.85
C PRO A 339 -32.14 13.95 -2.41
N VAL A 340 -31.30 13.20 -1.72
CA VAL A 340 -30.92 13.57 -0.38
C VAL A 340 -30.20 14.94 -0.38
N ALA A 341 -29.30 15.17 -1.36
CA ALA A 341 -28.44 16.35 -1.37
C ALA A 341 -29.28 17.54 -1.66
N ILE A 342 -30.23 17.35 -2.58
CA ILE A 342 -31.17 18.39 -2.99
C ILE A 342 -32.05 18.95 -1.83
N ASN A 343 -32.56 18.05 -1.00
CA ASN A 343 -33.31 18.33 0.21
C ASN A 343 -32.46 19.02 1.31
N GLU A 344 -31.21 18.61 1.48
CA GLU A 344 -30.35 19.33 2.41
C GLU A 344 -30.16 20.74 1.91
N GLY A 345 -30.03 20.91 0.60
CA GLY A 345 -29.89 22.24 0.01
C GLY A 345 -31.16 23.10 0.23
N ALA A 346 -32.32 22.54 -0.08
CA ALA A 346 -33.56 23.25 0.13
C ALA A 346 -33.75 23.63 1.59
N ALA A 347 -33.44 22.74 2.53
CA ALA A 347 -33.67 23.05 3.93
C ALA A 347 -32.66 24.07 4.40
N LEU A 348 -31.44 23.99 3.84
CA LEU A 348 -30.39 24.94 4.22
C LEU A 348 -30.87 26.38 3.98
N VAL A 349 -31.19 26.65 2.72
CA VAL A 349 -31.71 27.93 2.30
C VAL A 349 -32.96 28.37 3.05
N ASP A 350 -33.91 27.47 3.27
CA ASP A 350 -35.10 27.76 4.08
C ASP A 350 -34.72 28.23 5.52
N THR A 351 -33.75 27.56 6.13
CA THR A 351 -33.36 27.86 7.50
C THR A 351 -32.63 29.18 7.50
N VAL A 352 -31.90 29.45 6.41
CA VAL A 352 -30.91 30.50 6.42
C VAL A 352 -31.42 31.80 5.79
N PHE A 353 -32.21 31.72 4.74
CA PHE A 353 -32.62 32.93 4.09
C PHE A 353 -34.13 33.05 4.19
N GLY A 354 -34.68 32.23 5.09
CA GLY A 354 -36.11 32.04 5.22
C GLY A 354 -36.73 32.23 6.61
N ASN A 355 -38.01 32.56 6.54
CA ASN A 355 -38.97 32.47 7.61
C ASN A 355 -38.93 31.10 8.39
N LYS A 356 -38.30 30.06 7.83
CA LYS A 356 -38.57 28.70 8.32
C LYS A 356 -37.44 27.69 8.43
N PRO A 357 -36.89 27.49 9.64
CA PRO A 357 -35.85 26.48 9.90
C PRO A 357 -36.32 25.07 9.57
N ARG A 358 -35.38 24.18 9.24
CA ARG A 358 -35.70 22.83 8.81
C ARG A 358 -34.51 21.83 8.72
N LYS A 359 -34.67 20.64 9.30
CA LYS A 359 -33.62 19.62 9.19
C LYS A 359 -34.02 18.42 8.32
N THR A 360 -33.21 18.17 7.29
CA THR A 360 -33.42 17.04 6.41
C THR A 360 -33.48 15.77 7.25
N ASP A 361 -34.49 14.93 6.97
CA ASP A 361 -34.65 13.63 7.62
C ASP A 361 -33.86 12.55 6.86
N HIS A 362 -32.91 11.89 7.54
CA HIS A 362 -32.06 10.88 6.91
C HIS A 362 -32.53 9.45 7.12
N THR A 363 -33.75 9.31 7.63
CA THR A 363 -34.33 8.00 7.90
C THR A 363 -35.38 7.67 6.86
N ARG A 364 -35.67 6.39 6.72
CA ARG A 364 -36.76 6.03 5.82
C ARG A 364 -36.62 6.67 4.43
N VAL A 365 -35.39 6.78 3.91
CA VAL A 365 -35.12 7.33 2.59
C VAL A 365 -35.14 6.24 1.52
N ALA A 366 -36.08 6.38 0.59
CA ALA A 366 -36.20 5.41 -0.51
C ALA A 366 -35.10 5.55 -1.55
N SER A 367 -34.45 4.44 -1.87
CA SER A 367 -33.42 4.46 -2.87
C SER A 367 -33.53 3.19 -3.66
N ALA A 368 -32.74 3.12 -4.74
CA ALA A 368 -32.81 2.03 -5.68
C ALA A 368 -31.42 1.53 -6.16
N VAL A 369 -31.41 0.33 -6.74
CA VAL A 369 -30.21 -0.18 -7.38
C VAL A 369 -30.64 -0.64 -8.76
N PHE A 370 -30.06 -0.05 -9.80
CA PHE A 370 -30.50 -0.48 -11.09
C PHE A 370 -29.72 -1.65 -11.57
N SER A 371 -29.71 -2.70 -10.77
CA SER A 371 -29.22 -4.00 -11.17
C SER A 371 -30.25 -4.62 -12.11
N ILE A 372 -29.88 -5.63 -12.88
CA ILE A 372 -30.85 -6.34 -13.68
C ILE A 372 -31.16 -7.68 -12.99
N PRO A 373 -32.41 -7.89 -12.52
CA PRO A 373 -33.51 -6.92 -12.35
C PRO A 373 -33.16 -6.01 -11.18
N PRO A 374 -33.94 -4.91 -10.94
CA PRO A 374 -33.43 -3.95 -9.93
C PRO A 374 -33.92 -4.16 -8.53
N ILE A 375 -33.38 -3.36 -7.62
CA ILE A 375 -33.80 -3.33 -6.22
C ILE A 375 -34.54 -1.99 -5.88
N GLY A 376 -35.63 -2.06 -5.10
CA GLY A 376 -36.19 -0.87 -4.47
C GLY A 376 -36.13 -1.03 -2.94
N THR A 377 -35.74 0.04 -2.24
CA THR A 377 -35.68 -0.05 -0.78
C THR A 377 -36.00 1.22 0.07
N CYS A 378 -36.68 0.99 1.19
CA CYS A 378 -36.89 2.07 2.13
C CYS A 378 -36.93 1.60 3.60
N GLY A 379 -35.93 2.04 4.40
CA GLY A 379 -35.94 1.82 5.83
C GLY A 379 -35.00 0.75 6.39
N LEU A 380 -35.26 0.29 7.62
CA LEU A 380 -34.35 -0.65 8.27
C LEU A 380 -34.36 -2.07 7.67
N ILE A 381 -33.17 -2.61 7.44
CA ILE A 381 -33.07 -4.02 7.08
C ILE A 381 -33.22 -4.82 8.37
N GLU A 382 -33.84 -5.98 8.29
CA GLU A 382 -34.30 -6.66 9.50
C GLU A 382 -33.24 -6.81 10.59
N GLU A 383 -32.03 -7.21 10.17
CA GLU A 383 -30.89 -7.40 11.06
C GLU A 383 -30.60 -6.15 11.87
N VAL A 384 -30.82 -4.96 11.28
CA VAL A 384 -30.71 -3.70 12.04
C VAL A 384 -31.89 -3.52 12.99
N ALA A 385 -33.11 -3.49 12.45
CA ALA A 385 -34.34 -3.49 13.27
C ALA A 385 -34.22 -4.28 14.55
N ALA A 386 -33.67 -5.48 14.41
CA ALA A 386 -33.62 -6.48 15.46
C ALA A 386 -32.77 -6.06 16.65
N LYS A 387 -31.84 -5.13 16.39
CA LYS A 387 -30.98 -4.60 17.43
C LYS A 387 -31.66 -3.53 18.27
N GLU A 388 -32.72 -2.93 17.72
CA GLU A 388 -33.37 -1.75 18.32
C GLU A 388 -34.75 -2.01 18.93
N PHE A 389 -35.42 -3.10 18.55
CA PHE A 389 -36.79 -3.33 19.00
C PHE A 389 -36.89 -4.70 19.62
N GLU A 390 -37.60 -4.80 20.73
CA GLU A 390 -37.76 -6.07 21.44
C GLU A 390 -38.29 -7.16 20.52
N LYS A 391 -39.39 -6.87 19.81
CA LYS A 391 -40.09 -7.82 18.90
C LYS A 391 -40.28 -7.30 17.46
N VAL A 392 -39.61 -7.92 16.50
CA VAL A 392 -39.75 -7.55 15.10
C VAL A 392 -40.33 -8.71 14.33
N ALA A 393 -41.25 -8.44 13.40
CA ALA A 393 -41.71 -9.44 12.41
C ALA A 393 -41.36 -9.11 10.95
N VAL A 394 -41.26 -10.17 10.12
CA VAL A 394 -40.89 -10.01 8.72
C VAL A 394 -41.88 -10.71 7.85
N TYR A 395 -42.47 -9.96 6.93
CA TYR A 395 -43.42 -10.51 5.94
C TYR A 395 -42.69 -10.63 4.61
N MET A 396 -42.79 -11.79 3.99
CA MET A 396 -41.91 -12.11 2.90
C MET A 396 -42.63 -12.90 1.86
N SER A 397 -42.55 -12.43 0.63
CA SER A 397 -43.13 -13.13 -0.51
C SER A 397 -42.08 -13.12 -1.62
N SER A 398 -41.83 -14.31 -2.16
CA SER A 398 -40.77 -14.50 -3.14
C SER A 398 -41.24 -15.55 -4.14
N PHE A 399 -42.12 -15.11 -5.02
CA PHE A 399 -42.59 -15.93 -6.12
C PHE A 399 -41.68 -15.67 -7.32
N THR A 400 -41.78 -16.51 -8.36
CA THR A 400 -41.31 -16.14 -9.70
C THR A 400 -42.51 -15.66 -10.46
N PRO A 401 -42.54 -14.35 -10.84
CA PRO A 401 -43.66 -13.74 -11.60
C PRO A 401 -44.02 -14.58 -12.81
N LEU A 402 -45.32 -14.67 -13.05
CA LEU A 402 -45.88 -15.55 -14.07
C LEU A 402 -45.39 -15.23 -15.50
N MET A 403 -45.17 -13.94 -15.81
CA MET A 403 -44.58 -13.50 -17.11
C MET A 403 -43.24 -14.11 -17.44
N HIS A 404 -42.42 -14.35 -16.42
CA HIS A 404 -41.11 -14.91 -16.61
C HIS A 404 -41.23 -16.44 -16.63
N ASN A 405 -42.46 -16.95 -16.47
CA ASN A 405 -42.74 -18.39 -16.72
C ASN A 405 -42.90 -18.71 -18.22
N ILE A 406 -43.36 -17.71 -18.98
CA ILE A 406 -43.49 -17.80 -20.43
C ILE A 406 -42.24 -17.25 -21.15
N SER A 407 -41.38 -16.53 -20.43
CA SER A 407 -40.34 -15.73 -21.10
C SER A 407 -39.03 -16.43 -21.05
N GLY A 408 -38.97 -17.44 -20.19
CA GLY A 408 -37.78 -18.27 -20.09
C GLY A 408 -36.91 -17.96 -18.89
N SER A 409 -37.03 -16.77 -18.28
CA SER A 409 -36.13 -16.35 -17.17
C SER A 409 -36.62 -16.75 -15.75
N LYS A 410 -36.78 -18.05 -15.50
CA LYS A 410 -37.25 -18.56 -14.20
C LYS A 410 -36.31 -18.24 -13.03
N TYR A 411 -35.06 -17.84 -13.33
CA TYR A 411 -34.13 -17.41 -12.30
C TYR A 411 -34.60 -16.11 -11.63
N LYS A 412 -35.46 -15.37 -12.34
CA LYS A 412 -35.88 -14.02 -11.93
C LYS A 412 -37.05 -13.98 -10.93
N LYS A 413 -36.81 -14.40 -9.69
CA LYS A 413 -37.82 -14.28 -8.63
C LYS A 413 -38.08 -12.85 -8.18
N PHE A 414 -39.34 -12.47 -8.04
CA PHE A 414 -39.65 -11.25 -7.29
C PHE A 414 -39.45 -11.44 -5.76
N VAL A 415 -38.87 -10.46 -5.11
CA VAL A 415 -38.80 -10.51 -3.66
C VAL A 415 -39.49 -9.26 -3.10
N ALA A 416 -40.53 -9.49 -2.31
CA ALA A 416 -41.10 -8.42 -1.49
C ALA A 416 -40.88 -8.71 0.01
N LYS A 417 -40.29 -7.78 0.75
CA LYS A 417 -40.20 -7.95 2.20
C LYS A 417 -40.68 -6.72 3.04
N ILE A 418 -41.46 -6.96 4.07
CA ILE A 418 -41.80 -5.89 5.00
C ILE A 418 -41.33 -6.23 6.40
N VAL A 419 -40.52 -5.33 6.96
CA VAL A 419 -40.06 -5.43 8.34
C VAL A 419 -40.87 -4.50 9.23
N THR A 420 -41.37 -5.03 10.36
CA THR A 420 -42.21 -4.26 11.28
C THR A 420 -41.75 -4.23 12.75
N ASN A 421 -42.17 -3.24 13.51
CA ASN A 421 -42.10 -3.40 14.96
C ASN A 421 -43.34 -4.21 15.26
N HIS A 422 -43.17 -5.43 15.75
CA HIS A 422 -44.35 -6.28 15.91
C HIS A 422 -45.26 -5.84 17.08
N SER A 423 -44.77 -4.96 17.93
CA SER A 423 -45.54 -4.48 19.08
C SER A 423 -46.65 -3.51 18.66
N ASP A 424 -46.45 -2.74 17.59
CA ASP A 424 -47.51 -1.85 17.13
C ASP A 424 -47.79 -1.97 15.62
N GLY A 425 -47.04 -2.82 14.94
CA GLY A 425 -47.22 -3.05 13.51
C GLY A 425 -46.65 -1.96 12.59
N THR A 426 -46.02 -0.94 13.19
CA THR A 426 -45.35 0.12 12.41
C THR A 426 -44.43 -0.55 11.42
N VAL A 427 -44.60 -0.22 10.14
CA VAL A 427 -43.70 -0.72 9.10
C VAL A 427 -42.37 0.00 9.15
N LEU A 428 -41.34 -0.73 9.57
CA LEU A 428 -39.96 -0.22 9.69
C LEU A 428 -39.13 -0.20 8.40
N GLY A 429 -39.47 -1.02 7.42
CA GLY A 429 -38.76 -1.04 6.15
C GLY A 429 -39.39 -1.97 5.13
N VAL A 430 -39.20 -1.62 3.86
CA VAL A 430 -39.80 -2.34 2.74
C VAL A 430 -38.64 -2.51 1.76
N HIS A 431 -38.42 -3.76 1.37
CA HIS A 431 -37.26 -4.18 0.62
C HIS A 431 -37.76 -5.05 -0.54
N LEU A 432 -37.44 -4.64 -1.76
CA LEU A 432 -37.99 -5.26 -2.95
C LEU A 432 -36.92 -5.60 -3.99
N LEU A 433 -37.11 -6.74 -4.69
CA LEU A 433 -36.30 -7.13 -5.85
C LEU A 433 -37.18 -7.66 -6.99
N GLY A 434 -36.85 -7.26 -8.23
CA GLY A 434 -37.61 -7.60 -9.45
C GLY A 434 -38.05 -6.38 -10.24
N ASP A 435 -38.60 -6.58 -11.41
CA ASP A 435 -38.96 -5.49 -12.30
C ASP A 435 -39.91 -4.46 -11.65
N GLY A 436 -39.70 -3.18 -11.95
CA GLY A 436 -40.47 -2.09 -11.35
C GLY A 436 -40.18 -1.76 -9.90
N ALA A 437 -39.22 -2.44 -9.28
CA ALA A 437 -39.00 -2.27 -7.85
C ALA A 437 -38.73 -0.81 -7.52
N PRO A 438 -37.83 -0.12 -8.29
CA PRO A 438 -37.60 1.30 -8.02
C PRO A 438 -38.84 2.16 -8.18
N GLU A 439 -39.75 1.81 -9.09
CA GLU A 439 -41.02 2.55 -9.23
C GLU A 439 -42.01 2.24 -8.09
N ILE A 440 -41.99 1.00 -7.60
CA ILE A 440 -42.87 0.63 -6.51
C ILE A 440 -42.45 1.36 -5.26
N ILE A 441 -41.14 1.50 -5.06
CA ILE A 441 -40.68 1.97 -3.76
C ILE A 441 -41.04 3.42 -3.44
N GLN A 442 -41.29 4.24 -4.46
CA GLN A 442 -41.44 5.69 -4.25
C GLN A 442 -42.53 6.04 -3.24
N ALA A 443 -43.70 5.46 -3.43
CA ALA A 443 -44.84 5.88 -2.69
C ALA A 443 -44.81 5.20 -1.34
N VAL A 444 -44.14 4.06 -1.27
CA VAL A 444 -43.89 3.36 -0.02
C VAL A 444 -43.19 4.33 0.92
N GLY A 445 -42.31 5.13 0.33
CA GLY A 445 -41.62 6.21 1.03
C GLY A 445 -42.52 7.22 1.69
N VAL A 446 -43.62 7.60 1.04
CA VAL A 446 -44.61 8.49 1.65
C VAL A 446 -45.27 7.77 2.83
N CYS A 447 -45.63 6.51 2.60
CA CYS A 447 -46.18 5.67 3.61
C CYS A 447 -45.37 5.69 4.88
N LEU A 448 -44.07 5.36 4.80
CA LEU A 448 -43.25 5.23 6.00
C LEU A 448 -43.11 6.60 6.69
N ARG A 449 -43.09 7.63 5.88
CA ARG A 449 -43.04 8.97 6.40
C ARG A 449 -44.37 9.25 7.15
N LEU A 450 -45.44 8.54 6.79
CA LEU A 450 -46.73 8.73 7.48
C LEU A 450 -47.00 7.73 8.59
N ASN A 451 -45.96 7.03 9.03
CA ASN A 451 -46.08 5.96 10.03
C ASN A 451 -47.05 4.87 9.62
N ALA A 452 -46.85 4.30 8.43
CA ALA A 452 -47.69 3.18 7.99
C ALA A 452 -47.60 2.07 9.02
N LYS A 453 -48.66 1.28 9.04
CA LYS A 453 -48.63 -0.02 9.68
C LYS A 453 -48.89 -1.14 8.67
N ILE A 454 -48.48 -2.35 9.04
CA ILE A 454 -48.71 -3.49 8.16
C ILE A 454 -50.19 -3.57 7.80
N SER A 455 -51.03 -3.27 8.78
CA SER A 455 -52.48 -3.23 8.56
C SER A 455 -52.94 -2.17 7.53
N ASP A 456 -52.34 -0.99 7.56
CA ASP A 456 -52.64 0.02 6.55
C ASP A 456 -52.29 -0.46 5.14
N PHE A 457 -51.28 -1.34 5.11
CA PHE A 457 -50.87 -2.05 3.93
C PHE A 457 -51.88 -3.09 3.49
N TYR A 458 -52.06 -4.18 4.26
CA TYR A 458 -52.92 -5.27 3.79
CA TYR A 458 -52.92 -5.27 3.79
CA TYR A 458 -52.93 -5.31 3.86
C TYR A 458 -54.36 -4.91 3.55
N ASN A 459 -54.84 -3.88 4.26
CA ASN A 459 -56.20 -3.37 4.15
C ASN A 459 -56.37 -2.59 2.87
N THR A 460 -55.27 -2.16 2.25
CA THR A 460 -55.39 -1.54 0.93
C THR A 460 -55.67 -2.61 -0.14
N ILE A 461 -56.48 -2.24 -1.11
CA ILE A 461 -56.88 -3.15 -2.18
C ILE A 461 -55.78 -3.16 -3.24
N GLY A 462 -55.45 -4.35 -3.76
CA GLY A 462 -54.36 -4.53 -4.72
C GLY A 462 -54.73 -4.02 -6.10
N VAL A 463 -53.72 -3.68 -6.92
CA VAL A 463 -53.96 -3.51 -8.36
C VAL A 463 -53.53 -4.83 -8.96
N HIS A 464 -54.40 -5.38 -9.78
CA HIS A 464 -54.18 -6.72 -10.30
C HIS A 464 -54.19 -6.71 -11.80
N PRO A 465 -53.19 -7.36 -12.43
CA PRO A 465 -52.05 -8.03 -11.82
C PRO A 465 -50.75 -7.24 -11.92
N THR A 466 -50.05 -7.23 -10.79
CA THR A 466 -48.84 -6.42 -10.62
C THR A 466 -48.05 -7.12 -9.51
N SER A 467 -46.75 -6.79 -9.42
CA SER A 467 -45.96 -7.24 -8.26
C SER A 467 -46.23 -6.40 -7.01
N ALA A 468 -46.28 -5.08 -7.16
CA ALA A 468 -46.69 -4.18 -6.08
C ALA A 468 -47.80 -4.76 -5.18
N GLU A 469 -48.79 -5.45 -5.75
CA GLU A 469 -49.93 -5.97 -4.97
C GLU A 469 -49.52 -6.94 -3.84
N GLU A 470 -48.45 -7.68 -4.06
CA GLU A 470 -47.89 -8.49 -3.01
C GLU A 470 -47.73 -7.72 -1.66
N LEU A 471 -47.61 -6.40 -1.73
CA LEU A 471 -47.28 -5.60 -0.57
C LEU A 471 -48.44 -5.47 0.37
N CYS A 472 -49.62 -5.74 -0.19
CA CYS A 472 -50.94 -5.44 0.41
C CYS A 472 -51.72 -6.74 0.59
N SER A 473 -51.00 -7.86 0.73
CA SER A 473 -51.59 -9.21 0.75
C SER A 473 -50.78 -10.12 1.69
N MET A 474 -49.87 -9.50 2.44
CA MET A 474 -49.17 -10.17 3.50
C MET A 474 -49.89 -9.81 4.75
N ARG A 475 -50.38 -10.84 5.43
CA ARG A 475 -51.11 -10.67 6.69
C ARG A 475 -50.42 -11.33 7.88
N THR A 476 -49.92 -12.55 7.68
CA THR A 476 -49.20 -13.34 8.69
C THR A 476 -47.69 -13.08 8.60
N PRO A 477 -47.03 -12.89 9.78
CA PRO A 477 -45.59 -12.85 9.77
C PRO A 477 -44.99 -14.11 9.18
N SER A 478 -44.03 -13.95 8.31
CA SER A 478 -43.26 -15.06 7.84
C SER A 478 -42.30 -15.61 8.94
N TYR A 479 -41.76 -14.72 9.79
CA TYR A 479 -40.91 -15.09 10.93
C TYR A 479 -40.62 -13.88 11.88
N TYR A 480 -39.80 -14.06 12.91
CA TYR A 480 -39.66 -13.02 13.96
C TYR A 480 -38.25 -12.79 14.49
N TYR A 481 -38.07 -11.71 15.23
CA TYR A 481 -36.85 -11.55 16.04
C TYR A 481 -37.30 -11.15 17.46
N VAL A 482 -36.86 -11.91 18.46
CA VAL A 482 -37.20 -11.62 19.88
C VAL A 482 -35.91 -11.44 20.67
N LYS A 483 -35.90 -10.39 21.50
CA LYS A 483 -34.65 -9.72 21.90
C LYS A 483 -33.41 -10.23 21.13
N GLY A 484 -33.43 -10.02 19.82
CA GLY A 484 -32.28 -10.29 18.97
C GLY A 484 -32.31 -11.56 18.12
N GLU A 485 -32.98 -12.62 18.57
CA GLU A 485 -32.91 -13.90 17.83
C GLU A 485 -34.06 -14.26 16.85
N LYS A 486 -33.66 -14.89 15.74
CA LYS A 486 -34.55 -15.30 14.65
C LYS A 486 -35.29 -16.60 15.02
N MET A 487 -36.62 -16.61 14.84
CA MET A 487 -37.44 -17.80 15.14
C MET A 487 -38.69 -17.80 14.28
N GLU A 488 -39.17 -18.99 13.90
CA GLU A 488 -40.35 -19.09 13.06
C GLU A 488 -41.66 -18.66 13.74
N LYS A 489 -41.71 -18.71 15.07
CA LYS A 489 -42.92 -18.33 15.87
C LYS A 489 -42.60 -17.73 17.25
N LEU A 490 -43.61 -17.15 17.89
CA LEU A 490 -43.50 -16.57 19.23
C LEU A 490 -43.73 -17.64 20.32
N SER B 5 -77.81 -36.31 -1.99
CA SER B 5 -78.18 -35.02 -1.34
C SER B 5 -77.27 -34.81 -0.09
N LYS B 6 -76.95 -33.53 0.23
CA LYS B 6 -75.83 -33.13 1.15
C LYS B 6 -76.08 -31.77 1.92
N ALA B 7 -75.51 -31.60 3.12
CA ALA B 7 -75.78 -30.36 3.94
C ALA B 7 -74.53 -29.49 4.17
N PHE B 8 -74.70 -28.16 4.17
CA PHE B 8 -73.58 -27.19 4.16
C PHE B 8 -73.90 -25.90 4.93
N ASP B 9 -72.90 -25.36 5.65
CA ASP B 9 -73.05 -24.05 6.32
C ASP B 9 -73.11 -22.94 5.26
N LEU B 10 -72.48 -23.19 4.10
CA LEU B 10 -72.44 -22.24 2.98
C LEU B 10 -72.24 -22.89 1.60
N VAL B 11 -73.01 -22.43 0.62
CA VAL B 11 -72.79 -22.84 -0.77
C VAL B 11 -72.50 -21.61 -1.61
N VAL B 12 -71.55 -21.75 -2.53
CA VAL B 12 -71.17 -20.60 -3.33
C VAL B 12 -71.32 -20.93 -4.79
N ILE B 13 -72.10 -20.10 -5.44
CA ILE B 13 -72.40 -20.27 -6.84
C ILE B 13 -71.39 -19.41 -7.57
N GLY B 14 -70.40 -20.06 -8.18
CA GLY B 14 -69.36 -19.35 -8.90
C GLY B 14 -68.00 -19.45 -8.24
N ALA B 15 -67.15 -20.31 -8.80
CA ALA B 15 -65.80 -20.50 -8.27
C ALA B 15 -64.88 -19.41 -8.78
N GLY B 16 -65.24 -18.17 -8.46
CA GLY B 16 -64.66 -16.99 -9.10
C GLY B 16 -63.81 -16.25 -8.13
N SER B 17 -63.36 -15.08 -8.56
CA SER B 17 -62.66 -14.19 -7.65
C SER B 17 -63.29 -14.13 -6.26
N GLY B 18 -64.48 -13.55 -6.15
CA GLY B 18 -65.15 -13.36 -4.86
C GLY B 18 -65.46 -14.71 -4.22
N GLY B 19 -65.96 -15.63 -5.07
CA GLY B 19 -66.39 -16.98 -4.65
C GLY B 19 -65.32 -17.80 -3.91
N LEU B 20 -64.16 -17.95 -4.54
CA LEU B 20 -63.09 -18.75 -4.00
C LEU B 20 -62.50 -18.17 -2.72
N GLU B 21 -62.46 -16.85 -2.59
CA GLU B 21 -61.95 -16.21 -1.39
C GLU B 21 -62.82 -16.52 -0.16
N ALA B 22 -64.13 -16.31 -0.30
CA ALA B 22 -65.08 -16.42 0.79
C ALA B 22 -65.31 -17.90 1.08
N GLY B 23 -65.14 -18.72 0.06
CA GLY B 23 -65.24 -20.16 0.21
C GLY B 23 -64.08 -20.61 1.07
N TRP B 24 -62.88 -20.18 0.64
CA TRP B 24 -61.61 -20.51 1.29
C TRP B 24 -61.61 -20.07 2.72
N ASN B 25 -61.97 -18.81 3.00
CA ASN B 25 -61.86 -18.31 4.39
C ASN B 25 -62.84 -18.99 5.35
N ALA B 26 -64.02 -19.34 4.82
CA ALA B 26 -65.04 -19.91 5.67
C ALA B 26 -64.57 -21.28 6.13
N ALA B 27 -63.93 -22.02 5.23
CA ALA B 27 -63.43 -23.36 5.56
C ALA B 27 -62.18 -23.31 6.48
N THR B 28 -61.13 -22.63 6.02
CA THR B 28 -59.83 -22.67 6.68
C THR B 28 -59.71 -21.79 7.93
N LEU B 29 -60.57 -20.79 8.10
CA LEU B 29 -60.47 -19.87 9.24
C LEU B 29 -61.51 -20.04 10.36
N TYR B 30 -62.71 -20.48 10.00
CA TYR B 30 -63.80 -20.59 10.95
C TYR B 30 -64.34 -22.03 10.94
N GLY B 31 -63.70 -22.89 10.13
CA GLY B 31 -64.02 -24.30 10.06
C GLY B 31 -65.50 -24.55 9.82
N LYS B 32 -66.01 -24.03 8.70
CA LYS B 32 -67.40 -24.20 8.29
C LYS B 32 -67.45 -25.10 7.07
N ARG B 33 -68.65 -25.54 6.72
CA ARG B 33 -68.84 -26.57 5.70
C ARG B 33 -69.39 -26.00 4.40
N VAL B 34 -68.66 -26.23 3.31
CA VAL B 34 -68.76 -25.35 2.14
C VAL B 34 -68.84 -26.04 0.77
N ALA B 35 -69.91 -25.76 0.03
CA ALA B 35 -69.90 -26.15 -1.39
C ALA B 35 -69.75 -24.98 -2.37
N VAL B 36 -68.98 -25.19 -3.43
CA VAL B 36 -68.82 -24.22 -4.52
C VAL B 36 -69.11 -24.87 -5.87
N VAL B 37 -69.90 -24.18 -6.69
CA VAL B 37 -70.27 -24.70 -7.99
C VAL B 37 -69.67 -23.87 -9.09
N ASP B 38 -69.12 -24.53 -10.09
CA ASP B 38 -68.87 -23.85 -11.34
C ASP B 38 -69.13 -24.75 -12.54
N VAL B 39 -69.33 -24.12 -13.70
CA VAL B 39 -69.74 -24.79 -14.95
C VAL B 39 -68.62 -25.50 -15.76
N GLN B 40 -67.36 -25.14 -15.53
CA GLN B 40 -66.21 -25.85 -16.14
C GLN B 40 -65.03 -25.99 -15.16
N THR B 41 -64.09 -26.90 -15.43
CA THR B 41 -62.86 -27.05 -14.61
C THR B 41 -61.54 -26.60 -15.31
N SER B 42 -61.33 -26.99 -16.58
CA SER B 42 -60.41 -26.27 -17.50
C SER B 42 -61.03 -24.94 -17.99
N HIS B 43 -60.19 -24.00 -18.44
CA HIS B 43 -60.60 -22.72 -19.06
C HIS B 43 -61.08 -22.88 -20.48
N GLY B 44 -61.88 -21.96 -20.99
CA GLY B 44 -62.09 -21.91 -22.45
C GLY B 44 -63.44 -22.35 -22.95
N PRO B 45 -63.64 -22.31 -24.29
CA PRO B 45 -64.95 -22.72 -24.82
C PRO B 45 -65.28 -24.14 -24.32
N PRO B 46 -66.58 -24.42 -24.05
CA PRO B 46 -67.74 -23.65 -24.51
C PRO B 46 -68.12 -22.49 -23.66
N PHE B 47 -67.70 -22.50 -22.39
CA PHE B 47 -68.23 -21.59 -21.36
C PHE B 47 -67.30 -20.52 -20.84
N TYR B 48 -66.04 -20.60 -21.28
CA TYR B 48 -65.05 -19.53 -21.08
C TYR B 48 -64.59 -19.35 -19.65
N ALA B 49 -65.28 -18.53 -18.88
CA ALA B 49 -65.05 -18.53 -17.42
C ALA B 49 -65.16 -19.98 -16.88
N ALA B 50 -64.58 -20.26 -15.72
CA ALA B 50 -64.51 -21.63 -15.18
C ALA B 50 -63.98 -21.57 -13.74
N LEU B 51 -63.36 -22.68 -13.31
CA LEU B 51 -62.61 -22.69 -12.06
C LEU B 51 -61.55 -21.58 -12.13
N GLY B 52 -61.59 -20.70 -11.12
CA GLY B 52 -60.75 -19.51 -11.04
C GLY B 52 -61.56 -18.28 -11.41
N GLY B 53 -62.60 -18.48 -12.19
CA GLY B 53 -63.42 -17.36 -12.60
C GLY B 53 -62.89 -16.65 -13.82
N THR B 54 -63.49 -15.50 -14.09
CA THR B 54 -63.18 -14.66 -15.24
C THR B 54 -61.72 -14.17 -15.29
N CYS B 55 -61.29 -13.55 -14.21
CA CYS B 55 -59.93 -13.05 -14.09
C CYS B 55 -58.92 -14.07 -14.52
N VAL B 56 -59.02 -15.25 -13.90
CA VAL B 56 -58.08 -16.33 -14.13
C VAL B 56 -58.13 -16.85 -15.56
N ASN B 57 -59.35 -17.05 -16.09
CA ASN B 57 -59.49 -17.82 -17.32
C ASN B 57 -59.56 -17.00 -18.62
N VAL B 58 -60.27 -15.87 -18.57
CA VAL B 58 -60.48 -15.01 -19.74
C VAL B 58 -60.56 -13.55 -19.31
N GLY B 59 -59.66 -13.16 -18.39
CA GLY B 59 -59.64 -11.81 -17.88
C GLY B 59 -58.24 -11.28 -17.58
N CYS B 60 -58.07 -10.76 -16.36
CA CYS B 60 -56.78 -10.22 -15.91
C CYS B 60 -55.58 -11.03 -16.40
N VAL B 61 -55.45 -12.25 -15.89
CA VAL B 61 -54.28 -13.07 -16.09
C VAL B 61 -53.85 -13.26 -17.56
N PRO B 62 -54.68 -13.93 -18.39
CA PRO B 62 -54.25 -14.02 -19.80
C PRO B 62 -54.04 -12.66 -20.52
N LYS B 63 -54.80 -11.62 -20.16
CA LYS B 63 -54.62 -10.41 -20.94
C LYS B 63 -53.29 -9.75 -20.55
N LYS B 64 -52.99 -9.78 -19.26
CA LYS B 64 -51.75 -9.27 -18.78
C LYS B 64 -50.66 -9.87 -19.65
N LEU B 65 -50.70 -11.19 -19.83
CA LEU B 65 -49.67 -11.90 -20.56
C LEU B 65 -49.61 -11.54 -22.04
N MET B 66 -50.75 -11.43 -22.69
CA MET B 66 -50.72 -11.09 -24.11
C MET B 66 -50.27 -9.62 -24.26
N VAL B 67 -50.78 -8.71 -23.42
CA VAL B 67 -50.37 -7.32 -23.48
C VAL B 67 -48.85 -7.24 -23.28
N THR B 68 -48.33 -8.04 -22.34
CA THR B 68 -46.88 -8.18 -22.21
C THR B 68 -46.30 -8.63 -23.54
N GLY B 69 -46.94 -9.62 -24.18
CA GLY B 69 -46.58 -10.00 -25.54
C GLY B 69 -46.51 -8.81 -26.48
N ALA B 70 -47.56 -8.03 -26.54
CA ALA B 70 -47.61 -6.92 -27.46
C ALA B 70 -46.55 -5.85 -27.17
N GLN B 71 -46.16 -5.71 -25.89
CA GLN B 71 -45.16 -4.74 -25.41
C GLN B 71 -43.84 -4.84 -26.22
N TYR B 72 -43.47 -6.07 -26.61
CA TYR B 72 -42.30 -6.35 -27.45
C TYR B 72 -42.33 -5.74 -28.86
N MET B 73 -43.49 -5.37 -29.39
CA MET B 73 -43.49 -4.66 -30.67
C MET B 73 -42.72 -3.36 -30.51
N ASP B 74 -43.01 -2.66 -29.41
CA ASP B 74 -42.35 -1.42 -29.03
C ASP B 74 -40.90 -1.66 -28.62
N HIS B 75 -40.66 -2.67 -27.77
CA HIS B 75 -39.30 -2.95 -27.24
C HIS B 75 -38.28 -3.24 -28.30
N LEU B 76 -38.66 -3.87 -29.41
CA LEU B 76 -37.71 -4.19 -30.49
C LEU B 76 -37.40 -2.93 -31.28
N ARG B 77 -38.43 -2.19 -31.68
CA ARG B 77 -38.22 -0.91 -32.33
C ARG B 77 -37.40 0.00 -31.41
N GLU B 78 -37.78 0.08 -30.14
CA GLU B 78 -37.08 0.99 -29.23
C GLU B 78 -35.56 0.73 -29.00
N SER B 79 -35.11 -0.53 -29.10
CA SER B 79 -33.73 -0.88 -28.74
C SER B 79 -32.65 -0.25 -29.64
N ALA B 80 -32.98 -0.09 -30.91
CA ALA B 80 -32.12 0.59 -31.90
C ALA B 80 -31.50 1.91 -31.43
N GLY B 81 -32.25 2.69 -30.63
CA GLY B 81 -31.71 3.90 -30.01
C GLY B 81 -30.73 3.71 -28.83
N PHE B 82 -30.64 2.50 -28.29
CA PHE B 82 -29.61 2.22 -27.31
C PHE B 82 -28.56 1.37 -27.99
N GLY B 83 -28.58 1.37 -29.33
CA GLY B 83 -27.51 0.76 -30.11
C GLY B 83 -27.67 -0.69 -30.49
N TRP B 84 -28.80 -1.28 -30.12
CA TRP B 84 -29.04 -2.66 -30.50
C TRP B 84 -29.32 -2.77 -31.98
N GLU B 85 -28.76 -3.83 -32.57
CA GLU B 85 -28.81 -3.98 -33.99
C GLU B 85 -29.16 -5.39 -34.37
N PHE B 86 -30.16 -5.53 -35.26
CA PHE B 86 -30.60 -6.81 -35.81
C PHE B 86 -31.39 -6.69 -37.14
N ASP B 87 -31.61 -7.83 -37.80
CA ASP B 87 -32.38 -7.88 -39.05
C ASP B 87 -33.87 -7.65 -38.75
N GLY B 88 -34.27 -6.41 -38.96
CA GLY B 88 -35.66 -5.99 -38.77
C GLY B 88 -36.60 -6.66 -39.74
N SER B 89 -36.09 -7.02 -40.92
CA SER B 89 -36.90 -7.75 -41.92
C SER B 89 -37.23 -9.18 -41.51
N SER B 90 -36.58 -9.72 -40.47
CA SER B 90 -36.78 -11.15 -40.10
C SER B 90 -37.73 -11.31 -38.91
N VAL B 91 -38.30 -10.20 -38.48
CA VAL B 91 -39.11 -10.15 -37.29
C VAL B 91 -40.50 -10.59 -37.67
N LYS B 92 -41.08 -11.54 -36.94
CA LYS B 92 -42.53 -11.77 -37.04
C LYS B 92 -43.23 -11.93 -35.67
N ALA B 93 -44.54 -11.65 -35.64
CA ALA B 93 -45.33 -11.81 -34.42
C ALA B 93 -46.12 -13.10 -34.48
N ASN B 94 -45.73 -14.08 -33.68
CA ASN B 94 -46.40 -15.39 -33.68
C ASN B 94 -47.50 -15.57 -32.65
N TRP B 95 -48.67 -15.05 -32.96
CA TRP B 95 -49.91 -15.24 -32.21
C TRP B 95 -50.09 -16.68 -31.74
N LYS B 96 -49.94 -17.64 -32.66
CA LYS B 96 -50.18 -19.04 -32.31
C LYS B 96 -49.30 -19.52 -31.16
N LYS B 97 -48.04 -19.08 -31.13
CA LYS B 97 -47.10 -19.42 -30.07
C LYS B 97 -47.45 -18.79 -28.73
N LEU B 98 -47.87 -17.53 -28.76
CA LEU B 98 -48.40 -16.80 -27.59
C LEU B 98 -49.67 -17.41 -26.93
N ILE B 99 -50.69 -17.68 -27.75
CA ILE B 99 -51.92 -18.30 -27.28
C ILE B 99 -51.62 -19.67 -26.61
N ALA B 100 -50.79 -20.51 -27.24
CA ALA B 100 -50.39 -21.80 -26.64
C ALA B 100 -49.74 -21.56 -25.27
N ALA B 101 -48.61 -20.86 -25.29
CA ALA B 101 -48.00 -20.37 -24.03
C ALA B 101 -49.08 -19.87 -23.06
N LYS B 102 -49.85 -18.87 -23.44
CA LYS B 102 -51.00 -18.41 -22.65
C LYS B 102 -51.90 -19.56 -22.08
N ASN B 103 -52.29 -20.49 -22.96
CA ASN B 103 -53.14 -21.58 -22.56
C ASN B 103 -52.58 -22.46 -21.47
N GLU B 104 -51.27 -22.68 -21.51
CA GLU B 104 -50.68 -23.56 -20.54
C GLU B 104 -50.61 -22.91 -19.16
N ALA B 105 -50.25 -21.64 -19.12
CA ALA B 105 -50.29 -20.91 -17.86
C ALA B 105 -51.70 -20.96 -17.28
N VAL B 106 -52.72 -20.77 -18.12
CA VAL B 106 -54.05 -20.69 -17.54
C VAL B 106 -54.41 -22.04 -16.95
N LEU B 107 -54.09 -23.08 -17.71
CA LEU B 107 -54.38 -24.48 -17.33
C LEU B 107 -53.73 -24.92 -16.01
N ASP B 108 -52.47 -24.52 -15.77
CA ASP B 108 -51.78 -24.78 -14.51
C ASP B 108 -52.59 -24.26 -13.31
N ILE B 109 -53.03 -23.01 -13.37
CA ILE B 109 -53.80 -22.40 -12.29
C ILE B 109 -55.08 -23.17 -12.06
N ASN B 110 -55.71 -23.50 -13.17
CA ASN B 110 -56.81 -24.46 -13.19
C ASN B 110 -56.54 -25.76 -12.37
N LYS B 111 -55.46 -26.47 -12.69
CA LYS B 111 -55.05 -27.69 -11.99
C LYS B 111 -54.81 -27.40 -10.49
N SER B 112 -53.81 -26.56 -10.23
CA SER B 112 -53.55 -26.07 -8.90
C SER B 112 -54.79 -25.83 -8.00
N TYR B 113 -55.80 -25.12 -8.50
CA TYR B 113 -56.98 -24.76 -7.70
C TYR B 113 -57.89 -25.96 -7.43
N GLU B 114 -57.90 -26.89 -8.37
CA GLU B 114 -58.47 -28.23 -8.19
C GLU B 114 -57.70 -28.95 -7.05
N GLY B 115 -56.37 -28.88 -7.12
CA GLY B 115 -55.53 -29.44 -6.07
C GLY B 115 -55.96 -28.87 -4.74
N MET B 116 -56.16 -27.56 -4.72
CA MET B 116 -56.54 -26.91 -3.48
C MET B 116 -57.84 -27.47 -2.94
N PHE B 117 -58.84 -27.67 -3.79
CA PHE B 117 -60.12 -28.26 -3.36
C PHE B 117 -59.88 -29.66 -2.80
N ASN B 118 -59.35 -30.56 -3.64
CA ASN B 118 -58.95 -31.90 -3.17
C ASN B 118 -58.26 -31.85 -1.80
N ASP B 119 -57.34 -30.91 -1.61
CA ASP B 119 -56.52 -30.83 -0.39
C ASP B 119 -57.09 -30.03 0.80
N THR B 120 -58.15 -29.28 0.58
CA THR B 120 -58.77 -28.54 1.68
C THR B 120 -59.98 -29.27 2.28
N GLU B 121 -59.92 -29.41 3.60
CA GLU B 121 -61.01 -30.02 4.32
C GLU B 121 -62.13 -29.00 4.44
N GLY B 122 -63.36 -29.45 4.14
CA GLY B 122 -64.60 -28.61 4.25
C GLY B 122 -64.82 -27.63 3.11
N LEU B 123 -64.27 -27.97 1.95
CA LEU B 123 -64.29 -27.09 0.81
C LEU B 123 -64.49 -28.01 -0.35
N ASP B 124 -65.76 -28.13 -0.74
CA ASP B 124 -66.22 -29.14 -1.69
C ASP B 124 -66.70 -28.54 -3.04
N PHE B 125 -66.13 -29.01 -4.15
CA PHE B 125 -66.44 -28.44 -5.47
C PHE B 125 -67.46 -29.23 -6.28
N PHE B 126 -68.43 -28.54 -6.87
CA PHE B 126 -69.38 -29.18 -7.78
C PHE B 126 -69.50 -28.54 -9.19
N LEU B 127 -69.37 -29.40 -10.22
CA LEU B 127 -69.56 -29.05 -11.62
C LEU B 127 -71.05 -28.89 -11.97
N GLY B 128 -71.36 -28.12 -13.02
CA GLY B 128 -72.74 -27.90 -13.42
C GLY B 128 -73.29 -26.52 -13.12
N TRP B 129 -74.58 -26.34 -13.41
CA TRP B 129 -75.16 -25.03 -13.31
C TRP B 129 -75.99 -24.94 -12.02
N GLY B 130 -75.69 -23.95 -11.20
CA GLY B 130 -76.38 -23.79 -9.93
C GLY B 130 -77.44 -22.72 -10.03
N SER B 131 -78.46 -22.83 -9.18
CA SER B 131 -79.67 -22.02 -9.25
C SER B 131 -80.39 -22.14 -7.92
N LEU B 132 -81.04 -21.05 -7.52
CA LEU B 132 -81.81 -21.07 -6.31
C LEU B 132 -83.05 -21.89 -6.56
N GLU B 133 -83.12 -23.07 -5.96
CA GLU B 133 -84.35 -23.85 -5.95
C GLU B 133 -85.34 -23.32 -4.87
N SER B 134 -84.81 -22.82 -3.75
CA SER B 134 -85.59 -22.05 -2.76
C SER B 134 -84.65 -21.55 -1.67
N LYS B 135 -85.22 -20.72 -0.79
CA LYS B 135 -84.54 -19.89 0.21
C LYS B 135 -83.36 -20.57 0.92
N ASN B 136 -83.44 -21.90 1.07
CA ASN B 136 -82.42 -22.60 1.78
C ASN B 136 -81.86 -23.81 1.02
N VAL B 137 -82.13 -23.87 -0.29
CA VAL B 137 -81.70 -25.02 -1.12
C VAL B 137 -81.18 -24.50 -2.44
N VAL B 138 -79.97 -24.95 -2.81
CA VAL B 138 -79.39 -24.66 -4.11
C VAL B 138 -79.23 -25.95 -4.85
N VAL B 139 -79.70 -25.90 -6.10
CA VAL B 139 -79.86 -27.02 -6.99
C VAL B 139 -78.91 -26.83 -8.18
N VAL B 140 -78.26 -27.91 -8.58
CA VAL B 140 -77.19 -27.86 -9.56
C VAL B 140 -77.56 -28.70 -10.77
N ARG B 141 -77.83 -28.07 -11.90
CA ARG B 141 -78.18 -28.85 -13.08
C ARG B 141 -77.02 -29.07 -14.06
N GLU B 142 -77.34 -29.58 -15.25
CA GLU B 142 -76.32 -30.13 -16.13
C GLU B 142 -75.99 -29.14 -17.21
N THR B 143 -77.00 -28.35 -17.56
CA THR B 143 -76.83 -27.19 -18.39
C THR B 143 -77.65 -26.06 -17.79
N ALA B 144 -77.50 -24.86 -18.34
CA ALA B 144 -78.16 -23.66 -17.82
C ALA B 144 -79.68 -23.73 -17.89
N ASP B 145 -80.18 -24.54 -18.82
CA ASP B 145 -81.63 -24.80 -18.99
C ASP B 145 -82.31 -25.29 -17.67
N PRO B 146 -83.26 -24.51 -17.13
CA PRO B 146 -83.88 -24.97 -15.86
C PRO B 146 -84.75 -26.25 -16.05
N LYS B 147 -84.37 -27.08 -17.00
CA LYS B 147 -85.19 -28.18 -17.47
C LYS B 147 -84.34 -29.41 -17.60
N SER B 148 -83.03 -29.23 -17.53
CA SER B 148 -82.08 -30.33 -17.77
C SER B 148 -81.90 -31.27 -16.56
N ALA B 149 -81.19 -32.37 -16.80
CA ALA B 149 -80.90 -33.37 -15.77
C ALA B 149 -80.41 -32.66 -14.52
N VAL B 150 -81.08 -32.90 -13.39
CA VAL B 150 -80.57 -32.45 -12.09
C VAL B 150 -79.31 -33.26 -11.81
N LYS B 151 -78.41 -32.70 -10.99
CA LYS B 151 -77.13 -33.36 -10.62
C LYS B 151 -76.98 -33.52 -9.11
N GLU B 152 -77.21 -32.45 -8.35
CA GLU B 152 -77.21 -32.53 -6.90
C GLU B 152 -78.19 -31.52 -6.33
N ARG B 153 -78.51 -31.72 -5.05
CA ARG B 153 -79.35 -30.78 -4.32
C ARG B 153 -78.63 -30.39 -3.00
N LEU B 154 -78.26 -29.11 -2.88
CA LEU B 154 -77.47 -28.68 -1.76
C LEU B 154 -78.35 -27.81 -0.87
N GLN B 155 -78.63 -28.26 0.35
CA GLN B 155 -79.34 -27.38 1.31
C GLN B 155 -78.25 -26.50 1.90
N ALA B 156 -78.60 -25.37 2.47
CA ALA B 156 -77.59 -24.45 2.89
C ALA B 156 -78.14 -23.54 3.96
N ASP B 157 -77.34 -23.26 4.97
CA ASP B 157 -77.77 -22.27 5.94
C ASP B 157 -77.61 -20.89 5.30
N HIS B 158 -76.62 -20.77 4.42
CA HIS B 158 -76.26 -19.51 3.78
C HIS B 158 -75.95 -19.71 2.30
N ILE B 159 -76.42 -18.79 1.47
CA ILE B 159 -76.13 -18.86 0.05
C ILE B 159 -75.47 -17.60 -0.47
N LEU B 160 -74.54 -17.83 -1.40
CA LEU B 160 -73.72 -16.75 -1.95
C LEU B 160 -73.69 -16.70 -3.48
N LEU B 161 -74.16 -15.55 -3.97
CA LEU B 161 -74.34 -15.27 -5.39
C LEU B 161 -73.06 -14.62 -5.96
N ALA B 162 -72.29 -15.37 -6.75
CA ALA B 162 -70.96 -14.88 -7.20
C ALA B 162 -70.61 -15.35 -8.61
N THR B 163 -71.46 -15.01 -9.56
CA THR B 163 -71.52 -15.68 -10.86
C THR B 163 -70.92 -14.80 -11.94
N GLY B 164 -70.71 -13.53 -11.56
CA GLY B 164 -69.83 -12.63 -12.28
C GLY B 164 -70.62 -11.74 -13.17
N SER B 165 -70.00 -11.41 -14.30
CA SER B 165 -70.65 -10.71 -15.40
C SER B 165 -70.43 -11.42 -16.74
N TRP B 166 -71.07 -10.87 -17.79
CA TRP B 166 -71.04 -11.40 -19.17
C TRP B 166 -70.93 -10.17 -20.10
N PRO B 167 -70.25 -10.32 -21.27
CA PRO B 167 -70.18 -9.17 -22.18
C PRO B 167 -71.58 -8.76 -22.63
N GLN B 168 -71.86 -7.47 -22.74
CA GLN B 168 -73.17 -7.10 -23.27
C GLN B 168 -73.11 -6.86 -24.76
N MET B 169 -74.09 -7.35 -25.49
CA MET B 169 -74.00 -7.40 -26.93
C MET B 169 -75.20 -6.70 -27.40
N PRO B 170 -75.03 -5.65 -28.21
CA PRO B 170 -76.17 -4.81 -28.51
C PRO B 170 -77.09 -5.52 -29.50
N ALA B 171 -78.39 -5.17 -29.40
CA ALA B 171 -79.44 -5.71 -30.31
C ALA B 171 -79.28 -5.11 -31.68
N ILE B 172 -78.31 -5.58 -32.45
CA ILE B 172 -78.15 -5.09 -33.81
C ILE B 172 -78.10 -6.22 -34.85
N PRO B 173 -78.63 -5.95 -36.05
CA PRO B 173 -78.62 -6.92 -37.14
C PRO B 173 -77.21 -7.44 -37.46
N GLY B 174 -77.03 -8.76 -37.31
CA GLY B 174 -75.70 -9.35 -37.48
C GLY B 174 -74.84 -9.16 -36.25
N ILE B 175 -75.48 -9.01 -35.11
CA ILE B 175 -74.78 -9.05 -33.85
C ILE B 175 -74.16 -10.45 -33.73
N GLU B 176 -74.86 -11.44 -34.27
CA GLU B 176 -74.41 -12.80 -34.21
C GLU B 176 -73.03 -13.02 -34.89
N HIS B 177 -72.58 -12.05 -35.69
CA HIS B 177 -71.30 -12.17 -36.34
C HIS B 177 -70.10 -11.59 -35.53
N CYS B 178 -70.41 -10.98 -34.39
CA CYS B 178 -69.42 -10.34 -33.56
C CYS B 178 -68.98 -11.29 -32.47
N ILE B 179 -67.77 -11.09 -31.97
CA ILE B 179 -67.35 -11.79 -30.78
C ILE B 179 -67.24 -10.80 -29.61
N SER B 180 -66.70 -11.28 -28.49
CA SER B 180 -66.37 -10.46 -27.33
C SER B 180 -64.98 -10.89 -26.85
N SER B 181 -64.58 -10.43 -25.68
CA SER B 181 -63.27 -10.75 -25.15
C SER B 181 -63.15 -12.22 -24.98
N ASN B 182 -64.24 -12.88 -24.56
CA ASN B 182 -64.22 -14.33 -24.43
C ASN B 182 -63.56 -15.04 -25.61
N GLU B 183 -64.10 -14.80 -26.80
CA GLU B 183 -63.69 -15.53 -28.00
C GLU B 183 -62.32 -15.02 -28.46
N ALA B 184 -62.04 -13.79 -28.05
CA ALA B 184 -60.85 -13.11 -28.48
C ALA B 184 -59.60 -13.88 -28.05
N PHE B 185 -59.61 -14.43 -26.83
CA PHE B 185 -58.55 -15.30 -26.30
C PHE B 185 -58.31 -16.59 -27.07
N TYR B 186 -59.14 -16.90 -28.04
CA TYR B 186 -58.94 -18.15 -28.70
C TYR B 186 -58.97 -18.09 -30.22
N LEU B 187 -58.98 -16.88 -30.77
CA LEU B 187 -58.84 -16.73 -32.24
C LEU B 187 -57.69 -17.62 -32.76
N PRO B 188 -57.96 -18.55 -33.67
CA PRO B 188 -56.86 -19.44 -34.09
C PRO B 188 -55.74 -18.68 -34.80
N GLU B 189 -56.09 -17.58 -35.44
CA GLU B 189 -55.08 -16.80 -36.13
C GLU B 189 -55.21 -15.31 -35.80
N PRO B 190 -54.13 -14.52 -35.94
CA PRO B 190 -54.31 -13.15 -35.54
C PRO B 190 -55.08 -12.34 -36.61
N PRO B 191 -56.15 -11.65 -36.20
CA PRO B 191 -56.93 -10.90 -37.18
C PRO B 191 -56.09 -9.82 -37.85
N ARG B 192 -56.27 -9.69 -39.15
CA ARG B 192 -55.50 -8.80 -39.98
C ARG B 192 -56.11 -7.43 -39.84
N ARG B 193 -57.40 -7.34 -40.13
CA ARG B 193 -58.16 -6.14 -39.74
C ARG B 193 -59.09 -6.45 -38.58
N VAL B 194 -59.01 -5.65 -37.52
CA VAL B 194 -59.94 -5.81 -36.42
C VAL B 194 -60.62 -4.49 -36.05
N LEU B 195 -61.92 -4.56 -35.79
CA LEU B 195 -62.60 -3.45 -35.18
C LEU B 195 -62.94 -3.79 -33.73
N THR B 196 -62.40 -3.04 -32.79
CA THR B 196 -62.90 -3.19 -31.42
C THR B 196 -63.88 -2.08 -31.06
N VAL B 197 -65.02 -2.49 -30.52
CA VAL B 197 -66.11 -1.58 -30.18
C VAL B 197 -66.18 -1.41 -28.68
N GLY B 198 -65.84 -0.21 -28.20
CA GLY B 198 -66.00 0.18 -26.80
C GLY B 198 -64.89 1.12 -26.40
N GLY B 199 -65.20 2.05 -25.51
CA GLY B 199 -64.20 3.00 -25.05
C GLY B 199 -63.46 2.59 -23.78
N GLY B 200 -63.77 1.44 -23.18
CA GLY B 200 -63.20 1.10 -21.89
C GLY B 200 -61.94 0.25 -21.95
N PHE B 201 -61.55 -0.28 -20.79
CA PHE B 201 -60.24 -0.89 -20.64
C PHE B 201 -60.10 -2.13 -21.50
N ILE B 202 -61.21 -2.85 -21.70
CA ILE B 202 -61.18 -4.05 -22.52
C ILE B 202 -60.84 -3.78 -24.03
N SER B 203 -61.57 -2.85 -24.66
CA SER B 203 -61.36 -2.46 -26.07
C SER B 203 -60.00 -1.84 -26.28
N VAL B 204 -59.61 -1.02 -25.32
CA VAL B 204 -58.34 -0.34 -25.41
C VAL B 204 -57.22 -1.36 -25.27
N GLU B 205 -57.34 -2.32 -24.32
CA GLU B 205 -56.26 -3.26 -23.98
C GLU B 205 -56.08 -4.22 -25.13
N PHE B 206 -57.19 -4.66 -25.72
CA PHE B 206 -57.13 -5.55 -26.86
C PHE B 206 -56.61 -4.84 -28.10
N ALA B 207 -56.99 -3.56 -28.24
CA ALA B 207 -56.54 -2.77 -29.37
C ALA B 207 -55.01 -2.95 -29.45
N GLY B 208 -54.34 -2.71 -28.33
CA GLY B 208 -52.90 -2.78 -28.28
C GLY B 208 -52.40 -4.20 -28.51
N ILE B 209 -53.00 -5.18 -27.83
CA ILE B 209 -52.72 -6.58 -28.10
C ILE B 209 -52.77 -6.85 -29.62
N PHE B 210 -53.91 -6.56 -30.25
CA PHE B 210 -54.05 -6.95 -31.66
C PHE B 210 -53.09 -6.17 -32.52
N ASN B 211 -52.87 -4.88 -32.21
CA ASN B 211 -51.98 -4.03 -32.99
C ASN B 211 -50.55 -4.56 -33.16
N ALA B 212 -50.02 -5.12 -32.08
CA ALA B 212 -48.75 -5.81 -32.10
C ALA B 212 -48.82 -7.08 -32.94
N TYR B 213 -49.86 -7.86 -32.75
CA TYR B 213 -49.82 -9.21 -33.27
C TYR B 213 -50.28 -9.36 -34.73
N LYS B 214 -50.73 -8.26 -35.34
CA LYS B 214 -51.38 -8.30 -36.65
C LYS B 214 -50.45 -8.76 -37.74
N PRO B 215 -50.94 -9.58 -38.68
CA PRO B 215 -50.09 -10.06 -39.77
C PRO B 215 -49.82 -8.93 -40.74
N PRO B 216 -49.07 -9.21 -41.83
CA PRO B 216 -48.39 -8.00 -42.27
C PRO B 216 -49.26 -6.84 -42.78
N GLY B 217 -50.30 -7.09 -43.57
CA GLY B 217 -51.02 -5.88 -44.08
C GLY B 217 -51.93 -5.12 -43.09
N GLY B 218 -51.76 -5.39 -41.77
CA GLY B 218 -52.84 -5.26 -40.78
C GLY B 218 -53.25 -3.89 -40.26
N LYS B 219 -54.53 -3.72 -39.95
CA LYS B 219 -55.01 -2.45 -39.39
C LYS B 219 -55.91 -2.74 -38.19
N VAL B 220 -55.63 -2.16 -37.03
CA VAL B 220 -56.50 -2.32 -35.87
C VAL B 220 -57.30 -1.02 -35.72
N THR B 221 -58.63 -1.12 -35.59
CA THR B 221 -59.52 0.07 -35.51
C THR B 221 -60.37 0.02 -34.23
N LEU B 222 -60.36 1.11 -33.49
CA LEU B 222 -61.19 1.20 -32.29
C LEU B 222 -62.24 2.21 -32.60
N CYS B 223 -63.50 1.89 -32.27
CA CYS B 223 -64.59 2.83 -32.33
C CYS B 223 -65.29 2.98 -30.97
N TYR B 224 -65.90 4.13 -30.75
CA TYR B 224 -66.59 4.42 -29.51
C TYR B 224 -67.70 5.47 -29.76
N ARG B 225 -68.85 5.26 -29.15
CA ARG B 225 -70.05 5.97 -29.56
C ARG B 225 -70.02 7.49 -29.25
N ASN B 226 -69.20 7.89 -28.26
CA ASN B 226 -69.09 9.29 -27.77
C ASN B 226 -67.80 9.95 -28.20
N ASN B 227 -67.43 11.12 -27.63
CA ASN B 227 -66.24 11.84 -28.13
CA ASN B 227 -66.24 11.88 -28.08
C ASN B 227 -64.88 11.44 -27.55
N LEU B 228 -64.85 10.93 -26.32
CA LEU B 228 -63.55 10.60 -25.71
C LEU B 228 -63.49 9.24 -25.02
N ILE B 229 -62.46 8.45 -25.30
CA ILE B 229 -62.51 7.09 -24.82
C ILE B 229 -62.21 7.10 -23.35
N LEU B 230 -62.62 6.03 -22.67
CA LEU B 230 -62.38 5.81 -21.24
C LEU B 230 -63.01 6.85 -20.31
N ARG B 231 -64.33 7.09 -20.48
CA ARG B 231 -65.07 7.95 -19.55
CA ARG B 231 -65.12 7.87 -19.52
C ARG B 231 -64.77 7.36 -18.16
N GLY B 232 -64.48 8.25 -17.21
CA GLY B 232 -64.28 7.85 -15.82
C GLY B 232 -62.85 7.98 -15.40
N PHE B 233 -61.92 7.96 -16.36
CA PHE B 233 -60.52 8.09 -16.02
C PHE B 233 -60.17 9.57 -16.19
N ASP B 234 -59.12 10.02 -15.51
CA ASP B 234 -58.60 11.37 -15.76
C ASP B 234 -58.68 11.84 -17.21
N GLU B 235 -59.08 13.10 -17.44
CA GLU B 235 -59.28 13.56 -18.81
C GLU B 235 -58.02 13.72 -19.67
N THR B 236 -57.03 14.47 -19.17
CA THR B 236 -55.74 14.51 -19.84
C THR B 236 -55.21 13.10 -20.26
N ILE B 237 -55.31 12.14 -19.34
CA ILE B 237 -54.88 10.78 -19.61
C ILE B 237 -55.68 10.18 -20.78
N ARG B 238 -56.98 10.42 -20.82
CA ARG B 238 -57.80 10.02 -22.01
C ARG B 238 -57.35 10.72 -23.31
N GLU B 239 -57.10 12.03 -23.24
CA GLU B 239 -56.60 12.77 -24.39
C GLU B 239 -55.22 12.23 -24.81
N GLU B 240 -54.29 12.08 -23.86
CA GLU B 240 -52.97 11.47 -24.19
C GLU B 240 -52.99 10.02 -24.70
N VAL B 241 -53.70 9.11 -24.03
CA VAL B 241 -53.69 7.72 -24.48
C VAL B 241 -54.29 7.60 -25.89
N THR B 242 -55.23 8.47 -26.22
CA THR B 242 -55.71 8.59 -27.60
C THR B 242 -54.55 8.86 -28.55
N LYS B 243 -53.76 9.88 -28.24
CA LYS B 243 -52.73 10.30 -29.14
C LYS B 243 -51.71 9.18 -29.24
N GLN B 244 -51.35 8.58 -28.09
CA GLN B 244 -50.28 7.57 -28.07
C GLN B 244 -50.66 6.30 -28.81
N LEU B 245 -51.94 5.95 -28.77
CA LEU B 245 -52.40 4.79 -29.47
C LEU B 245 -52.44 5.09 -30.97
N THR B 246 -52.94 6.27 -31.35
CA THR B 246 -52.88 6.69 -32.75
C THR B 246 -51.44 6.68 -33.26
N ALA B 247 -50.53 7.14 -32.39
CA ALA B 247 -49.11 7.21 -32.69
C ALA B 247 -48.53 5.83 -33.02
N ASN B 248 -49.20 4.80 -32.52
CA ASN B 248 -48.79 3.40 -32.68
C ASN B 248 -49.57 2.67 -33.76
N GLY B 249 -50.31 3.43 -34.57
CA GLY B 249 -50.99 2.89 -35.77
C GLY B 249 -52.40 2.37 -35.51
N ILE B 250 -53.04 2.87 -34.44
CA ILE B 250 -54.39 2.47 -34.16
C ILE B 250 -55.30 3.61 -34.56
N GLU B 251 -56.31 3.34 -35.37
CA GLU B 251 -57.27 4.38 -35.74
C GLU B 251 -58.37 4.48 -34.73
N ILE B 252 -58.51 5.66 -34.11
CA ILE B 252 -59.64 5.86 -33.27
C ILE B 252 -60.75 6.43 -34.10
N MET B 253 -61.88 5.72 -34.05
CA MET B 253 -63.15 6.20 -34.54
C MET B 253 -64.09 6.56 -33.39
N THR B 254 -64.03 7.80 -32.95
CA THR B 254 -64.92 8.36 -31.93
C THR B 254 -66.21 8.91 -32.56
N ASN B 255 -67.24 9.11 -31.73
CA ASN B 255 -68.61 9.43 -32.19
C ASN B 255 -69.28 8.49 -33.20
N GLU B 256 -68.59 7.43 -33.61
CA GLU B 256 -69.18 6.35 -34.43
C GLU B 256 -69.76 5.24 -33.57
N ASN B 257 -70.71 4.49 -34.10
CA ASN B 257 -71.27 3.34 -33.37
C ASN B 257 -71.90 2.34 -34.34
N PRO B 258 -71.50 1.06 -34.27
CA PRO B 258 -72.10 0.04 -35.14
C PRO B 258 -73.64 0.05 -35.13
N ALA B 259 -74.23 -0.12 -36.31
CA ALA B 259 -75.67 -0.22 -36.49
C ALA B 259 -76.09 -1.53 -37.17
N LYS B 260 -75.31 -2.02 -38.14
CA LYS B 260 -75.45 -3.40 -38.58
C LYS B 260 -74.11 -4.00 -38.96
N VAL B 261 -74.09 -5.34 -39.07
CA VAL B 261 -72.88 -6.10 -39.40
C VAL B 261 -73.31 -7.23 -40.35
N SER B 262 -72.58 -7.44 -41.45
CA SER B 262 -72.98 -8.53 -42.34
C SER B 262 -71.82 -9.37 -42.94
N LEU B 263 -72.18 -10.55 -43.47
CA LEU B 263 -71.19 -11.55 -43.87
C LEU B 263 -70.77 -11.32 -45.29
N ASN B 264 -69.49 -11.03 -45.52
CA ASN B 264 -68.92 -11.02 -46.85
C ASN B 264 -68.68 -12.43 -47.39
N THR B 265 -68.67 -12.55 -48.69
CA THR B 265 -68.49 -13.81 -49.36
C THR B 265 -67.21 -14.54 -48.91
N ASP B 266 -66.17 -13.78 -48.55
CA ASP B 266 -64.90 -14.31 -48.01
C ASP B 266 -64.92 -14.57 -46.50
N GLY B 267 -66.03 -14.27 -45.80
CA GLY B 267 -66.14 -14.60 -44.38
C GLY B 267 -65.68 -13.50 -43.44
N SER B 268 -65.19 -12.42 -44.01
CA SER B 268 -64.99 -11.16 -43.24
C SER B 268 -66.33 -10.48 -43.02
N LYS B 269 -66.32 -9.43 -42.21
CA LYS B 269 -67.55 -8.80 -41.73
C LYS B 269 -67.62 -7.44 -42.34
N HIS B 270 -68.80 -7.07 -42.80
CA HIS B 270 -69.02 -5.72 -43.36
C HIS B 270 -69.79 -4.87 -42.37
N VAL B 271 -69.16 -3.79 -41.89
CA VAL B 271 -69.77 -3.01 -40.79
C VAL B 271 -70.33 -1.67 -41.21
N THR B 272 -71.57 -1.41 -40.81
CA THR B 272 -72.21 -0.16 -41.12
C THR B 272 -72.51 0.52 -39.82
N PHE B 273 -71.96 1.72 -39.69
CA PHE B 273 -72.14 2.55 -38.50
C PHE B 273 -73.35 3.40 -38.70
N GLU B 274 -74.04 3.65 -37.59
CA GLU B 274 -75.01 4.70 -37.51
C GLU B 274 -74.69 5.90 -38.38
N SER B 275 -73.42 6.28 -38.52
CA SER B 275 -73.09 7.44 -39.34
C SER B 275 -73.31 7.27 -40.86
N GLY B 276 -73.42 6.01 -41.34
CA GLY B 276 -73.42 5.66 -42.77
C GLY B 276 -72.09 5.05 -43.22
N LYS B 277 -70.98 5.55 -42.66
CA LYS B 277 -69.65 5.00 -42.95
CA LYS B 277 -69.64 5.02 -42.87
C LYS B 277 -69.59 3.48 -42.75
N THR B 278 -68.74 2.82 -43.52
CA THR B 278 -68.68 1.36 -43.51
C THR B 278 -67.25 0.89 -43.46
N LEU B 279 -67.01 -0.24 -42.81
CA LEU B 279 -65.65 -0.78 -42.61
C LEU B 279 -65.63 -2.28 -42.70
N ASP B 280 -64.74 -2.83 -43.54
CA ASP B 280 -64.63 -4.30 -43.67
C ASP B 280 -63.53 -4.87 -42.81
N VAL B 281 -63.87 -5.79 -41.91
CA VAL B 281 -62.84 -6.33 -41.01
C VAL B 281 -62.85 -7.85 -40.94
N ASP B 282 -61.85 -8.43 -40.29
CA ASP B 282 -61.86 -9.88 -40.09
C ASP B 282 -62.69 -10.23 -38.88
N VAL B 283 -62.60 -9.35 -37.88
CA VAL B 283 -63.28 -9.52 -36.61
C VAL B 283 -63.87 -8.19 -36.19
N VAL B 284 -65.11 -8.22 -35.71
CA VAL B 284 -65.64 -7.13 -34.95
C VAL B 284 -65.66 -7.68 -33.55
N MET B 285 -64.79 -7.18 -32.66
CA MET B 285 -64.85 -7.51 -31.25
C MET B 285 -65.62 -6.45 -30.47
N MET B 286 -66.72 -6.91 -29.89
CA MET B 286 -67.60 -6.07 -29.09
C MET B 286 -67.21 -6.03 -27.63
N ALA B 287 -66.93 -4.83 -27.11
CA ALA B 287 -66.64 -4.62 -25.69
C ALA B 287 -67.19 -3.28 -25.20
N ILE B 288 -68.51 -3.17 -25.27
CA ILE B 288 -69.25 -1.95 -24.91
C ILE B 288 -69.76 -1.93 -23.47
N GLY B 289 -69.54 -3.00 -22.70
CA GLY B 289 -69.92 -3.06 -21.29
C GLY B 289 -69.97 -4.47 -20.68
N ARG B 290 -69.97 -4.58 -19.36
CA ARG B 290 -70.19 -5.89 -18.76
C ARG B 290 -71.42 -5.89 -17.85
N ILE B 291 -72.30 -6.87 -18.03
CA ILE B 291 -73.58 -6.93 -17.31
C ILE B 291 -73.66 -8.09 -16.31
N PRO B 292 -74.26 -7.81 -15.11
CA PRO B 292 -74.27 -8.80 -14.04
C PRO B 292 -74.88 -10.09 -14.56
N ARG B 293 -74.33 -11.24 -14.18
CA ARG B 293 -74.76 -12.50 -14.73
C ARG B 293 -75.87 -13.08 -13.84
N THR B 294 -77.12 -12.63 -14.01
CA THR B 294 -78.19 -13.07 -13.09
C THR B 294 -79.22 -14.03 -13.71
N ASN B 295 -79.21 -14.18 -15.02
CA ASN B 295 -80.31 -14.87 -15.67
C ASN B 295 -80.54 -16.36 -15.36
N ASP B 296 -79.45 -17.11 -15.18
CA ASP B 296 -79.55 -18.55 -14.91
C ASP B 296 -79.81 -18.89 -13.44
N LEU B 297 -79.86 -17.88 -12.58
CA LEU B 297 -79.94 -18.12 -11.15
C LEU B 297 -81.36 -18.44 -10.63
N GLN B 298 -82.36 -17.89 -11.32
CA GLN B 298 -83.78 -18.08 -10.99
C GLN B 298 -84.12 -17.35 -9.68
N LEU B 299 -83.68 -16.10 -9.63
CA LEU B 299 -83.89 -15.26 -8.45
C LEU B 299 -85.36 -15.02 -8.10
N GLY B 300 -86.23 -15.53 -8.96
CA GLY B 300 -87.68 -15.43 -8.78
C GLY B 300 -88.18 -16.51 -7.84
N ASN B 301 -87.62 -17.71 -8.00
CA ASN B 301 -87.96 -18.82 -7.11
C ASN B 301 -88.02 -18.35 -5.65
N VAL B 302 -87.13 -17.43 -5.27
CA VAL B 302 -87.03 -16.97 -3.89
C VAL B 302 -87.31 -15.50 -3.68
N GLY B 303 -87.12 -14.67 -4.71
CA GLY B 303 -87.49 -13.25 -4.67
C GLY B 303 -86.41 -12.22 -4.37
N VAL B 304 -85.14 -12.53 -4.70
CA VAL B 304 -84.04 -11.54 -4.60
C VAL B 304 -84.22 -10.34 -5.54
N LYS B 305 -84.40 -9.15 -4.98
CA LYS B 305 -84.44 -7.92 -5.75
C LYS B 305 -83.18 -7.70 -6.57
N LEU B 306 -83.34 -7.00 -7.68
CA LEU B 306 -82.24 -6.44 -8.46
C LEU B 306 -82.41 -4.94 -8.41
N THR B 307 -81.35 -4.21 -8.75
CA THR B 307 -81.44 -2.77 -8.91
C THR B 307 -81.80 -2.60 -10.37
N PRO B 308 -82.27 -1.38 -10.76
CA PRO B 308 -82.90 -1.22 -12.10
C PRO B 308 -81.98 -1.60 -13.25
N LYS B 309 -80.68 -1.48 -12.99
CA LYS B 309 -79.62 -1.78 -13.96
C LYS B 309 -79.45 -3.27 -14.20
N GLY B 310 -80.00 -4.08 -13.31
CA GLY B 310 -80.08 -5.51 -13.55
C GLY B 310 -79.20 -6.32 -12.66
N GLY B 311 -78.59 -5.68 -11.65
CA GLY B 311 -77.74 -6.36 -10.64
C GLY B 311 -78.39 -6.66 -9.29
N VAL B 312 -77.91 -7.71 -8.59
CA VAL B 312 -78.44 -8.09 -7.25
C VAL B 312 -78.17 -6.94 -6.31
N GLN B 313 -79.22 -6.47 -5.65
CA GLN B 313 -79.13 -5.34 -4.73
C GLN B 313 -78.52 -5.81 -3.42
N VAL B 314 -77.48 -5.15 -2.97
CA VAL B 314 -76.99 -5.45 -1.62
C VAL B 314 -76.87 -4.21 -0.75
N ASP B 315 -76.64 -4.41 0.55
CA ASP B 315 -76.23 -3.33 1.43
C ASP B 315 -74.72 -3.38 1.62
N GLU B 316 -74.21 -2.40 2.37
CA GLU B 316 -72.79 -2.22 2.57
C GLU B 316 -72.09 -3.47 3.12
N PHE B 317 -72.87 -4.51 3.46
CA PHE B 317 -72.37 -5.74 4.09
C PHE B 317 -72.58 -6.96 3.20
N SER B 318 -73.08 -6.73 1.97
CA SER B 318 -73.29 -7.77 0.95
C SER B 318 -74.49 -8.68 1.21
N ARG B 319 -75.32 -8.31 2.19
CA ARG B 319 -76.61 -8.99 2.46
C ARG B 319 -77.68 -8.54 1.49
N THR B 320 -78.47 -9.47 0.94
CA THR B 320 -79.62 -9.12 0.08
C THR B 320 -80.92 -8.79 0.88
N ASN B 321 -82.06 -8.67 0.17
CA ASN B 321 -83.36 -8.54 0.88
C ASN B 321 -83.87 -9.92 1.40
N VAL B 322 -83.24 -11.02 0.98
CA VAL B 322 -83.58 -12.36 1.46
C VAL B 322 -82.57 -12.95 2.44
N PRO B 323 -82.88 -12.90 3.77
CA PRO B 323 -82.06 -13.27 4.95
C PRO B 323 -80.76 -14.13 4.82
N ASN B 324 -80.88 -15.36 4.30
CA ASN B 324 -79.73 -16.26 4.18
C ASN B 324 -78.88 -16.04 2.89
N ILE B 325 -79.25 -15.00 2.13
CA ILE B 325 -78.65 -14.79 0.80
C ILE B 325 -77.78 -13.53 0.68
N TYR B 326 -76.65 -13.69 -0.03
CA TYR B 326 -75.62 -12.65 -0.19
C TYR B 326 -75.05 -12.60 -1.63
N ALA B 327 -74.61 -11.40 -2.01
CA ALA B 327 -74.05 -11.17 -3.33
C ALA B 327 -72.75 -10.34 -3.36
N ILE B 328 -71.74 -10.90 -3.97
CA ILE B 328 -70.45 -10.26 -4.07
C ILE B 328 -69.94 -10.29 -5.50
N GLY B 329 -69.10 -9.31 -5.80
CA GLY B 329 -68.35 -9.24 -7.06
C GLY B 329 -69.14 -8.59 -8.18
N ASP B 330 -68.88 -9.02 -9.41
CA ASP B 330 -69.39 -8.37 -10.62
C ASP B 330 -70.90 -8.40 -10.69
N ILE B 331 -71.52 -9.43 -10.10
CA ILE B 331 -72.98 -9.56 -10.01
C ILE B 331 -73.68 -8.39 -9.33
N THR B 332 -72.96 -7.61 -8.53
CA THR B 332 -73.58 -6.55 -7.76
C THR B 332 -73.48 -5.22 -8.50
N ASP B 333 -72.82 -5.22 -9.66
CA ASP B 333 -72.74 -4.03 -10.51
C ASP B 333 -72.07 -2.76 -9.90
N ARG B 334 -71.14 -2.95 -8.95
CA ARG B 334 -70.33 -1.87 -8.37
CA ARG B 334 -70.35 -1.85 -8.38
C ARG B 334 -69.00 -1.82 -9.14
N LEU B 335 -67.85 -1.69 -8.44
CA LEU B 335 -66.57 -1.80 -9.14
C LEU B 335 -66.28 -3.24 -9.60
N MET B 336 -66.08 -3.40 -10.90
CA MET B 336 -65.87 -4.72 -11.50
C MET B 336 -64.36 -5.03 -11.53
N LEU B 337 -63.85 -5.44 -10.37
CA LEU B 337 -62.43 -5.71 -10.16
C LEU B 337 -62.18 -6.94 -9.26
N THR B 338 -61.24 -7.76 -9.67
CA THR B 338 -60.83 -8.95 -8.94
C THR B 338 -60.49 -8.67 -7.43
N PRO B 339 -59.53 -7.76 -7.16
CA PRO B 339 -59.27 -7.45 -5.75
C PRO B 339 -60.48 -6.93 -4.94
N VAL B 340 -61.43 -6.24 -5.59
CA VAL B 340 -62.62 -5.72 -4.90
C VAL B 340 -63.49 -6.91 -4.54
N ALA B 341 -63.62 -7.83 -5.50
CA ALA B 341 -64.36 -9.09 -5.27
C ALA B 341 -63.75 -9.80 -4.05
N ILE B 342 -62.47 -10.13 -4.14
CA ILE B 342 -61.84 -10.87 -3.06
C ILE B 342 -62.08 -10.13 -1.75
N ASN B 343 -61.97 -8.82 -1.77
CA ASN B 343 -62.17 -8.03 -0.58
C ASN B 343 -63.63 -8.13 -0.08
N GLU B 344 -64.61 -8.25 -1.00
CA GLU B 344 -66.04 -8.35 -0.62
C GLU B 344 -66.37 -9.69 0.04
N GLY B 345 -65.81 -10.76 -0.50
CA GLY B 345 -66.09 -12.11 -0.03
C GLY B 345 -65.52 -12.28 1.35
N ALA B 346 -64.32 -11.75 1.56
CA ALA B 346 -63.65 -11.87 2.82
C ALA B 346 -64.43 -11.09 3.88
N ALA B 347 -64.75 -9.83 3.62
CA ALA B 347 -65.61 -9.05 4.53
C ALA B 347 -66.89 -9.81 4.89
N LEU B 348 -67.54 -10.35 3.87
CA LEU B 348 -68.78 -11.10 4.04
C LEU B 348 -68.67 -12.22 5.05
N VAL B 349 -67.63 -13.05 4.90
CA VAL B 349 -67.43 -14.20 5.77
C VAL B 349 -67.02 -13.78 7.19
N ASP B 350 -66.14 -12.80 7.29
CA ASP B 350 -65.80 -12.27 8.60
C ASP B 350 -67.07 -11.73 9.26
N THR B 351 -68.02 -11.26 8.45
CA THR B 351 -69.28 -10.72 8.97
C THR B 351 -70.16 -11.87 9.43
N VAL B 352 -70.28 -12.90 8.61
CA VAL B 352 -71.31 -13.92 8.74
C VAL B 352 -70.86 -15.19 9.49
N PHE B 353 -69.58 -15.31 9.79
CA PHE B 353 -69.11 -16.40 10.65
C PHE B 353 -68.12 -15.88 11.70
N GLY B 354 -67.88 -14.57 11.70
CA GLY B 354 -67.19 -13.86 12.79
C GLY B 354 -68.19 -13.09 13.66
N ASN B 355 -67.94 -12.96 14.95
CA ASN B 355 -66.67 -12.52 15.48
C ASN B 355 -66.87 -11.02 15.35
N LYS B 356 -66.60 -10.50 14.13
CA LYS B 356 -66.88 -9.08 13.82
C LYS B 356 -67.07 -8.76 12.34
N PRO B 357 -68.17 -8.03 12.06
CA PRO B 357 -68.58 -7.56 10.75
C PRO B 357 -67.55 -6.67 10.11
N ARG B 358 -67.25 -6.91 8.85
CA ARG B 358 -66.42 -6.01 8.06
C ARG B 358 -67.15 -5.50 6.80
N LYS B 359 -66.90 -4.24 6.43
CA LYS B 359 -67.46 -3.77 5.16
C LYS B 359 -66.39 -3.28 4.19
N THR B 360 -66.44 -3.82 2.98
CA THR B 360 -65.58 -3.39 1.90
C THR B 360 -65.73 -1.90 1.56
N ASP B 361 -64.60 -1.21 1.41
CA ASP B 361 -64.63 0.21 1.11
C ASP B 361 -64.36 0.39 -0.36
N HIS B 362 -65.27 1.05 -1.07
CA HIS B 362 -65.22 1.11 -2.53
C HIS B 362 -64.64 2.43 -3.01
N THR B 363 -64.30 3.33 -2.09
CA THR B 363 -63.60 4.53 -2.49
C THR B 363 -62.10 4.25 -2.50
N ARG B 364 -61.35 5.14 -3.16
CA ARG B 364 -59.88 5.10 -3.07
C ARG B 364 -59.25 3.76 -3.48
N VAL B 365 -59.97 2.98 -4.30
CA VAL B 365 -59.42 1.73 -4.81
C VAL B 365 -58.58 1.96 -6.06
N ALA B 366 -57.31 1.65 -6.00
CA ALA B 366 -56.46 1.83 -7.20
C ALA B 366 -56.76 0.81 -8.32
N SER B 367 -56.50 1.21 -9.57
CA SER B 367 -56.67 0.28 -10.70
C SER B 367 -55.76 0.64 -11.83
N ALA B 368 -55.71 -0.22 -12.85
CA ALA B 368 -54.93 -0.03 -14.07
C ALA B 368 -55.66 -0.40 -15.39
N VAL B 369 -55.15 0.17 -16.47
CA VAL B 369 -55.56 -0.12 -17.86
C VAL B 369 -54.28 -0.54 -18.53
N PHE B 370 -54.17 -1.82 -18.90
CA PHE B 370 -52.91 -2.25 -19.56
C PHE B 370 -52.87 -1.91 -21.02
N SER B 371 -53.06 -0.63 -21.27
CA SER B 371 -52.91 -0.11 -22.58
C SER B 371 -51.40 0.06 -22.78
N ILE B 372 -50.96 0.23 -24.02
CA ILE B 372 -49.58 0.54 -24.27
C ILE B 372 -49.56 1.99 -24.70
N PRO B 373 -48.96 2.88 -23.87
CA PRO B 373 -48.51 2.71 -22.47
C PRO B 373 -49.66 2.61 -21.42
N PRO B 374 -49.35 2.05 -20.21
CA PRO B 374 -50.35 1.69 -19.21
C PRO B 374 -50.74 2.84 -18.28
N ILE B 375 -51.96 2.76 -17.73
CA ILE B 375 -52.56 3.77 -16.84
C ILE B 375 -52.57 3.31 -15.38
N GLY B 376 -52.33 4.18 -14.44
CA GLY B 376 -52.47 3.81 -13.03
C GLY B 376 -53.20 4.94 -12.37
N THR B 377 -54.31 4.62 -11.72
CA THR B 377 -55.16 5.63 -11.07
C THR B 377 -55.65 5.15 -9.71
N CYS B 378 -55.77 6.10 -8.79
CA CYS B 378 -56.44 5.85 -7.55
C CYS B 378 -57.23 7.06 -7.05
N GLY B 379 -58.54 6.90 -6.88
CA GLY B 379 -59.36 7.95 -6.30
C GLY B 379 -59.99 8.88 -7.31
N LEU B 380 -60.41 10.05 -6.87
CA LEU B 380 -61.26 10.92 -7.70
C LEU B 380 -60.51 11.61 -8.83
N ILE B 381 -61.17 11.66 -9.99
CA ILE B 381 -60.75 12.56 -11.07
C ILE B 381 -61.27 13.96 -10.70
N GLU B 382 -60.75 14.99 -11.36
CA GLU B 382 -61.00 16.36 -10.92
C GLU B 382 -62.46 16.78 -11.12
N GLU B 383 -63.03 16.49 -12.29
CA GLU B 383 -64.45 16.82 -12.50
C GLU B 383 -65.39 16.24 -11.44
N VAL B 384 -65.19 15.01 -11.01
CA VAL B 384 -65.93 14.50 -9.85
C VAL B 384 -65.55 15.24 -8.57
N ALA B 385 -64.26 15.59 -8.39
CA ALA B 385 -63.81 16.24 -7.14
C ALA B 385 -64.38 17.62 -7.00
N ALA B 386 -64.47 18.32 -8.13
CA ALA B 386 -64.92 19.71 -8.18
C ALA B 386 -66.33 19.90 -7.67
N LYS B 387 -67.11 18.81 -7.70
CA LYS B 387 -68.51 18.88 -7.35
C LYS B 387 -68.79 18.40 -5.94
N GLU B 388 -67.80 17.82 -5.30
CA GLU B 388 -68.00 17.35 -3.94
C GLU B 388 -67.34 18.36 -2.98
N PHE B 389 -66.49 19.22 -3.53
CA PHE B 389 -65.61 20.05 -2.72
C PHE B 389 -65.50 21.43 -3.35
N GLU B 390 -65.50 22.44 -2.48
CA GLU B 390 -65.54 23.82 -2.92
C GLU B 390 -64.21 24.27 -3.52
N LYS B 391 -63.09 23.78 -2.98
CA LYS B 391 -61.77 24.15 -3.55
C LYS B 391 -60.95 22.88 -3.81
N VAL B 392 -60.74 22.60 -5.09
CA VAL B 392 -59.96 21.46 -5.54
C VAL B 392 -58.78 21.99 -6.28
N ALA B 393 -57.59 21.55 -5.88
CA ALA B 393 -56.39 21.84 -6.65
C ALA B 393 -55.92 20.63 -7.45
N VAL B 394 -55.25 20.93 -8.55
CA VAL B 394 -54.75 19.95 -9.49
C VAL B 394 -53.29 20.22 -9.78
N TYR B 395 -52.45 19.21 -9.54
CA TYR B 395 -51.00 19.30 -9.76
C TYR B 395 -50.61 18.37 -10.91
N MET B 396 -50.05 18.95 -11.97
CA MET B 396 -49.82 18.25 -13.23
C MET B 396 -48.40 18.45 -13.76
N SER B 397 -47.79 17.32 -14.09
CA SER B 397 -46.41 17.20 -14.55
C SER B 397 -46.48 16.36 -15.82
N SER B 398 -45.77 16.76 -16.90
CA SER B 398 -46.00 16.13 -18.24
C SER B 398 -44.97 16.39 -19.36
N PHE B 399 -44.41 15.29 -19.89
CA PHE B 399 -43.18 15.36 -20.68
C PHE B 399 -42.80 13.97 -21.20
N THR B 400 -41.98 13.96 -22.25
CA THR B 400 -41.40 12.76 -22.75
C THR B 400 -40.19 12.53 -21.86
N PRO B 401 -40.07 11.32 -21.30
CA PRO B 401 -38.93 11.10 -20.44
C PRO B 401 -37.73 10.91 -21.31
N LEU B 402 -36.56 11.21 -20.77
CA LEU B 402 -35.30 10.98 -21.47
C LEU B 402 -35.27 9.63 -22.21
N MET B 403 -35.55 8.53 -21.52
CA MET B 403 -35.40 7.23 -22.13
C MET B 403 -36.17 7.10 -23.42
N HIS B 404 -37.20 7.91 -23.63
CA HIS B 404 -37.96 7.85 -24.89
C HIS B 404 -37.60 8.94 -25.91
N ASN B 405 -36.94 10.02 -25.49
CA ASN B 405 -36.15 10.85 -26.41
C ASN B 405 -35.24 9.91 -27.19
N ILE B 406 -34.48 9.11 -26.44
CA ILE B 406 -33.56 8.20 -27.05
C ILE B 406 -34.24 7.03 -27.75
N SER B 407 -35.18 6.37 -27.09
CA SER B 407 -35.85 5.23 -27.74
C SER B 407 -36.33 5.51 -29.18
N GLY B 408 -36.68 6.76 -29.45
CA GLY B 408 -37.29 7.17 -30.70
C GLY B 408 -38.80 7.37 -30.59
N SER B 409 -39.42 6.94 -29.48
CA SER B 409 -40.88 7.04 -29.34
C SER B 409 -41.30 8.35 -28.70
N LYS B 410 -40.99 9.48 -29.34
CA LYS B 410 -41.15 10.78 -28.69
C LYS B 410 -42.59 11.02 -28.18
N TYR B 411 -43.56 10.41 -28.86
CA TYR B 411 -44.96 10.52 -28.46
C TYR B 411 -45.30 10.00 -27.07
N LYS B 412 -44.41 9.24 -26.45
CA LYS B 412 -44.70 8.55 -25.20
C LYS B 412 -44.55 9.50 -24.06
N LYS B 413 -45.54 10.39 -23.96
CA LYS B 413 -45.58 11.37 -22.88
C LYS B 413 -46.07 10.78 -21.56
N PHE B 414 -45.24 10.89 -20.52
CA PHE B 414 -45.64 10.56 -19.15
C PHE B 414 -46.56 11.67 -18.55
N VAL B 415 -47.56 11.24 -17.79
CA VAL B 415 -48.49 12.14 -17.20
C VAL B 415 -48.66 11.73 -15.74
N ALA B 416 -48.52 12.72 -14.83
CA ALA B 416 -48.81 12.57 -13.41
C ALA B 416 -49.66 13.73 -12.90
N LYS B 417 -50.85 13.41 -12.40
CA LYS B 417 -51.77 14.40 -11.80
C LYS B 417 -52.17 14.01 -10.38
N ILE B 418 -51.95 14.93 -9.44
CA ILE B 418 -52.49 14.83 -8.10
C ILE B 418 -53.70 15.80 -8.01
N VAL B 419 -54.81 15.27 -7.49
CA VAL B 419 -56.02 16.05 -7.24
C VAL B 419 -56.20 16.17 -5.75
N THR B 420 -56.42 17.40 -5.28
CA THR B 420 -56.47 17.64 -3.85
C THR B 420 -57.68 18.44 -3.40
N ASN B 421 -58.00 18.34 -2.12
CA ASN B 421 -58.89 19.25 -1.44
C ASN B 421 -58.07 20.48 -1.05
N HIS B 422 -58.11 21.50 -1.91
CA HIS B 422 -57.28 22.66 -1.68
C HIS B 422 -57.47 23.28 -0.30
N SER B 423 -58.69 23.18 0.26
CA SER B 423 -58.95 23.68 1.61
C SER B 423 -57.99 23.16 2.68
N ASP B 424 -57.74 21.85 2.70
CA ASP B 424 -56.85 21.31 3.70
C ASP B 424 -55.66 20.58 3.09
N GLY B 425 -55.64 20.45 1.76
CA GLY B 425 -54.50 19.83 1.11
C GLY B 425 -54.53 18.32 0.95
N THR B 426 -55.53 17.63 1.55
CA THR B 426 -55.75 16.16 1.39
C THR B 426 -55.71 15.72 -0.07
N VAL B 427 -55.03 14.62 -0.36
CA VAL B 427 -55.00 14.09 -1.72
C VAL B 427 -56.27 13.33 -1.97
N LEU B 428 -57.00 13.72 -3.00
CA LEU B 428 -58.25 13.06 -3.36
C LEU B 428 -58.12 12.03 -4.51
N GLY B 429 -57.25 12.32 -5.45
CA GLY B 429 -56.92 11.33 -6.48
C GLY B 429 -55.49 11.41 -6.98
N VAL B 430 -55.05 10.35 -7.65
CA VAL B 430 -53.77 10.37 -8.35
C VAL B 430 -53.90 9.58 -9.63
N HIS B 431 -53.44 10.17 -10.73
CA HIS B 431 -53.56 9.56 -12.06
C HIS B 431 -52.29 9.61 -12.88
N LEU B 432 -51.98 8.46 -13.46
CA LEU B 432 -50.71 8.16 -14.11
C LEU B 432 -50.91 7.51 -15.48
N LEU B 433 -50.15 8.02 -16.44
CA LEU B 433 -49.95 7.36 -17.70
C LEU B 433 -48.45 7.35 -17.96
N GLY B 434 -47.91 6.16 -18.22
CA GLY B 434 -46.52 5.94 -18.62
C GLY B 434 -46.15 4.53 -18.23
N ASP B 435 -45.01 4.04 -18.74
CA ASP B 435 -44.31 2.84 -18.22
C ASP B 435 -44.31 2.78 -16.69
N GLY B 436 -44.62 1.61 -16.13
CA GLY B 436 -44.66 1.42 -14.68
C GLY B 436 -45.83 2.02 -13.94
N ALA B 437 -46.62 2.88 -14.56
CA ALA B 437 -47.81 3.42 -13.88
C ALA B 437 -48.59 2.48 -12.97
N PRO B 438 -49.05 1.30 -13.48
CA PRO B 438 -49.76 0.34 -12.63
C PRO B 438 -48.98 -0.06 -11.42
N GLU B 439 -47.65 -0.23 -11.55
CA GLU B 439 -46.82 -0.53 -10.38
C GLU B 439 -46.69 0.65 -9.43
N ILE B 440 -46.34 1.83 -9.94
CA ILE B 440 -46.22 3.05 -9.13
C ILE B 440 -47.42 3.31 -8.21
N ILE B 441 -48.60 2.85 -8.59
CA ILE B 441 -49.80 3.37 -7.93
C ILE B 441 -50.20 2.62 -6.68
N GLN B 442 -49.81 1.36 -6.60
CA GLN B 442 -50.19 0.53 -5.49
C GLN B 442 -50.00 1.22 -4.17
N ALA B 443 -48.75 1.53 -3.88
CA ALA B 443 -48.36 2.22 -2.63
C ALA B 443 -49.11 3.54 -2.46
N VAL B 444 -49.56 4.14 -3.57
CA VAL B 444 -50.37 5.36 -3.54
C VAL B 444 -51.75 5.09 -2.96
N GLY B 445 -52.33 3.96 -3.32
CA GLY B 445 -53.57 3.50 -2.67
C GLY B 445 -53.47 3.47 -1.14
N VAL B 446 -52.30 3.07 -0.63
CA VAL B 446 -52.03 3.02 0.83
C VAL B 446 -51.91 4.43 1.39
N CYS B 447 -51.16 5.29 0.71
CA CYS B 447 -51.04 6.67 1.11
C CYS B 447 -52.39 7.30 1.44
N LEU B 448 -53.34 7.22 0.49
CA LEU B 448 -54.69 7.82 0.64
C LEU B 448 -55.49 7.24 1.82
N ARG B 449 -55.08 6.03 2.24
CA ARG B 449 -55.60 5.37 3.44
C ARG B 449 -54.88 5.80 4.73
N LEU B 450 -53.96 6.75 4.61
CA LEU B 450 -53.38 7.42 5.80
C LEU B 450 -53.55 8.95 5.71
N ASN B 451 -54.68 9.36 5.11
CA ASN B 451 -54.99 10.74 4.78
CA ASN B 451 -54.97 10.79 4.90
C ASN B 451 -53.70 11.58 4.57
N ALA B 452 -53.09 11.25 3.45
CA ALA B 452 -51.92 11.88 2.95
C ALA B 452 -52.33 13.20 2.27
N LYS B 453 -51.53 14.23 2.51
CA LYS B 453 -51.79 15.52 1.97
C LYS B 453 -50.70 15.80 0.95
N ILE B 454 -50.98 16.72 0.04
CA ILE B 454 -50.01 17.08 -0.99
C ILE B 454 -48.59 17.25 -0.39
N SER B 455 -48.48 17.90 0.76
CA SER B 455 -47.15 18.13 1.33
C SER B 455 -46.45 16.84 1.81
N ASP B 456 -47.23 15.86 2.26
CA ASP B 456 -46.65 14.58 2.62
C ASP B 456 -45.98 13.99 1.39
N PHE B 457 -46.59 14.16 0.22
CA PHE B 457 -45.96 13.71 -1.02
C PHE B 457 -44.70 14.51 -1.33
N TYR B 458 -44.79 15.85 -1.36
CA TYR B 458 -43.58 16.62 -1.67
C TYR B 458 -42.47 16.71 -0.60
N ASN B 459 -42.75 16.34 0.66
CA ASN B 459 -41.68 16.28 1.68
C ASN B 459 -40.90 14.93 1.64
N THR B 460 -41.51 13.91 1.02
CA THR B 460 -40.85 12.62 0.82
C THR B 460 -39.68 12.79 -0.15
N ILE B 461 -38.53 12.23 0.23
CA ILE B 461 -37.33 12.35 -0.58
C ILE B 461 -37.47 11.33 -1.69
N GLY B 462 -37.28 11.81 -2.93
CA GLY B 462 -37.55 11.05 -4.13
C GLY B 462 -36.53 9.96 -4.35
N VAL B 463 -36.83 9.09 -5.32
CA VAL B 463 -35.90 8.06 -5.75
C VAL B 463 -35.47 8.40 -7.15
N HIS B 464 -34.19 8.58 -7.36
CA HIS B 464 -33.76 9.12 -8.61
C HIS B 464 -32.79 8.12 -9.19
N PRO B 465 -32.99 7.75 -10.47
CA PRO B 465 -34.02 8.33 -11.35
C PRO B 465 -35.20 7.39 -11.68
N THR B 466 -36.41 7.95 -11.60
CA THR B 466 -37.65 7.19 -11.75
C THR B 466 -38.76 8.15 -12.20
N SER B 467 -39.69 7.67 -12.99
CA SER B 467 -40.93 8.43 -13.19
C SER B 467 -41.71 8.66 -11.90
N ALA B 468 -41.74 7.66 -11.02
CA ALA B 468 -42.49 7.76 -9.77
C ALA B 468 -42.10 9.00 -8.95
N GLU B 469 -40.81 9.29 -8.92
CA GLU B 469 -40.34 10.44 -8.16
C GLU B 469 -41.06 11.74 -8.58
N GLU B 470 -41.68 11.72 -9.74
CA GLU B 470 -42.38 12.89 -10.23
C GLU B 470 -43.56 13.26 -9.29
N LEU B 471 -44.10 12.28 -8.56
CA LEU B 471 -45.13 12.49 -7.53
C LEU B 471 -44.63 13.21 -6.29
N CYS B 472 -43.31 13.38 -6.21
CA CYS B 472 -42.66 14.02 -5.05
C CYS B 472 -41.86 15.26 -5.44
N SER B 473 -42.37 16.06 -6.37
CA SER B 473 -41.64 17.24 -6.86
C SER B 473 -42.60 18.34 -7.23
N MET B 474 -43.84 18.17 -6.81
CA MET B 474 -44.88 19.11 -7.20
C MET B 474 -45.33 19.89 -5.97
N ARG B 475 -45.04 21.18 -5.98
CA ARG B 475 -45.43 22.08 -4.88
C ARG B 475 -46.62 22.97 -5.27
N THR B 476 -46.69 23.35 -6.54
CA THR B 476 -47.58 24.40 -6.97
C THR B 476 -48.61 23.91 -7.95
N PRO B 477 -49.89 24.17 -7.68
CA PRO B 477 -50.99 23.78 -8.56
C PRO B 477 -50.90 24.42 -9.94
N SER B 478 -51.15 23.65 -10.98
CA SER B 478 -51.21 24.17 -12.35
C SER B 478 -52.56 24.83 -12.55
N TYR B 479 -53.54 24.46 -11.73
CA TYR B 479 -54.82 25.15 -11.69
C TYR B 479 -55.74 24.55 -10.59
N TYR B 480 -57.05 24.76 -10.76
CA TYR B 480 -58.01 24.85 -9.63
C TYR B 480 -59.46 24.69 -10.05
N TYR B 481 -60.30 24.28 -9.12
CA TYR B 481 -61.72 24.33 -9.33
C TYR B 481 -62.30 25.02 -8.11
N VAL B 482 -62.94 26.16 -8.31
CA VAL B 482 -63.66 26.80 -7.20
C VAL B 482 -65.14 26.75 -7.42
N LYS B 483 -65.85 26.39 -6.35
CA LYS B 483 -67.32 26.24 -6.40
C LYS B 483 -67.75 25.38 -7.58
N GLY B 484 -66.79 24.76 -8.28
CA GLY B 484 -67.12 23.94 -9.41
C GLY B 484 -66.47 24.30 -10.73
N GLU B 485 -65.95 25.51 -10.85
CA GLU B 485 -65.34 25.86 -12.13
C GLU B 485 -63.83 25.98 -12.11
N LYS B 486 -63.25 25.43 -13.18
CA LYS B 486 -61.83 25.40 -13.46
C LYS B 486 -61.29 26.79 -13.78
N MET B 487 -60.32 27.25 -12.98
CA MET B 487 -59.54 28.49 -13.23
C MET B 487 -58.08 28.35 -12.77
N GLU B 488 -57.20 29.28 -13.11
CA GLU B 488 -56.00 29.45 -12.26
C GLU B 488 -56.17 30.71 -11.38
N LYS B 489 -57.01 30.64 -10.33
CA LYS B 489 -57.25 31.83 -9.52
C LYS B 489 -55.99 32.24 -8.78
N SER C 5 4.34 -32.31 25.38
CA SER C 5 4.60 -30.84 25.37
C SER C 5 5.95 -30.59 26.06
N LYS C 6 6.61 -29.47 25.77
CA LYS C 6 7.83 -29.11 26.49
C LYS C 6 7.66 -27.68 26.98
N ALA C 7 8.38 -27.30 28.04
CA ALA C 7 8.21 -25.94 28.64
C ALA C 7 9.48 -25.35 29.29
N PHE C 8 9.58 -23.99 29.31
CA PHE C 8 10.86 -23.23 29.56
C PHE C 8 10.78 -21.81 30.16
N ASP C 9 11.89 -21.41 30.78
CA ASP C 9 12.13 -20.04 31.21
C ASP C 9 12.12 -18.99 30.09
N LEU C 10 12.84 -19.28 29.00
CA LEU C 10 12.93 -18.37 27.88
C LEU C 10 12.87 -19.13 26.56
N VAL C 11 11.96 -18.67 25.71
CA VAL C 11 11.86 -19.18 24.35
C VAL C 11 12.23 -18.08 23.37
N VAL C 12 13.17 -18.39 22.48
CA VAL C 12 13.67 -17.43 21.50
C VAL C 12 13.23 -17.85 20.12
N ILE C 13 12.58 -16.92 19.40
CA ILE C 13 12.24 -17.19 17.99
C ILE C 13 13.26 -16.49 17.10
N GLY C 14 14.18 -17.31 16.57
CA GLY C 14 15.29 -16.84 15.72
C GLY C 14 16.66 -17.11 16.32
N ALA C 15 17.40 -18.08 15.80
CA ALA C 15 18.73 -18.37 16.36
C ALA C 15 19.81 -17.49 15.74
N GLY C 16 19.71 -16.18 16.02
CA GLY C 16 20.45 -15.17 15.32
C GLY C 16 21.36 -14.42 16.27
N SER C 17 21.87 -13.27 15.83
CA SER C 17 22.89 -12.58 16.59
C SER C 17 22.31 -12.26 17.94
N GLY C 18 21.11 -11.67 17.92
CA GLY C 18 20.53 -11.15 19.14
C GLY C 18 20.14 -12.35 19.95
N GLY C 19 19.28 -13.17 19.37
CA GLY C 19 18.74 -14.28 20.10
C GLY C 19 19.74 -15.31 20.64
N LEU C 20 20.78 -15.64 19.90
CA LEU C 20 21.72 -16.61 20.41
C LEU C 20 22.55 -16.04 21.58
N GLU C 21 22.70 -14.73 21.61
CA GLU C 21 23.35 -14.13 22.76
C GLU C 21 22.35 -14.22 23.93
N ALA C 22 21.18 -13.60 23.75
CA ALA C 22 20.04 -13.69 24.65
C ALA C 22 19.96 -15.08 25.25
N GLY C 23 19.84 -16.08 24.39
CA GLY C 23 19.82 -17.47 24.81
C GLY C 23 20.96 -17.80 25.75
N TRP C 24 22.17 -17.81 25.21
CA TRP C 24 23.36 -18.27 25.90
C TRP C 24 23.57 -17.58 27.26
N ASN C 25 23.39 -16.27 27.29
CA ASN C 25 23.46 -15.47 28.50
C ASN C 25 22.43 -15.84 29.53
N ALA C 26 21.21 -16.15 29.09
CA ALA C 26 20.17 -16.55 30.05
C ALA C 26 20.46 -17.98 30.50
N ALA C 27 20.78 -18.84 29.53
CA ALA C 27 21.06 -20.25 29.76
C ALA C 27 22.31 -20.57 30.58
N THR C 28 23.33 -19.69 30.57
CA THR C 28 24.64 -20.05 31.17
C THR C 28 25.03 -19.17 32.33
N LEU C 29 24.65 -17.90 32.23
CA LEU C 29 25.02 -16.95 33.26
C LEU C 29 23.95 -16.92 34.33
N TYR C 30 22.76 -17.42 34.03
CA TYR C 30 21.64 -17.38 34.99
C TYR C 30 21.03 -18.72 35.36
N GLY C 31 21.49 -19.79 34.71
CA GLY C 31 20.99 -21.17 34.88
C GLY C 31 19.57 -21.45 34.41
N LYS C 32 19.01 -20.55 33.61
CA LYS C 32 17.64 -20.68 33.15
C LYS C 32 17.54 -21.65 31.99
N ARG C 33 16.35 -22.25 31.81
CA ARG C 33 16.10 -23.24 30.74
C ARG C 33 15.57 -22.52 29.50
N VAL C 34 16.15 -22.85 28.36
CA VAL C 34 15.98 -22.05 27.17
C VAL C 34 15.73 -22.84 25.88
N ALA C 35 14.74 -22.39 25.12
CA ALA C 35 14.52 -22.85 23.75
C ALA C 35 14.86 -21.79 22.69
N VAL C 36 15.42 -22.25 21.58
CA VAL C 36 15.67 -21.37 20.44
C VAL C 36 15.24 -22.11 19.21
N VAL C 37 14.60 -21.35 18.32
CA VAL C 37 13.93 -21.92 17.16
C VAL C 37 14.46 -21.28 15.88
N ASP C 38 14.80 -22.12 14.91
CA ASP C 38 15.15 -21.64 13.56
C ASP C 38 14.72 -22.67 12.54
N VAL C 39 14.81 -22.26 11.28
CA VAL C 39 14.12 -22.89 10.18
C VAL C 39 15.05 -23.82 9.41
N GLN C 40 16.33 -23.70 9.74
CA GLN C 40 17.40 -24.39 9.06
C GLN C 40 18.60 -24.51 10.03
N THR C 41 19.38 -25.57 9.90
CA THR C 41 20.50 -25.80 10.81
C THR C 41 21.84 -25.24 10.31
N SER C 42 21.97 -25.19 8.98
CA SER C 42 23.16 -24.78 8.28
C SER C 42 22.73 -23.80 7.22
N HIS C 43 23.70 -23.16 6.57
CA HIS C 43 23.46 -22.05 5.64
C HIS C 43 22.92 -22.47 4.30
N GLY C 44 22.20 -21.57 3.65
CA GLY C 44 21.98 -21.69 2.20
C GLY C 44 20.54 -21.85 1.72
N PRO C 45 20.35 -22.01 0.41
CA PRO C 45 19.00 -22.28 -0.07
C PRO C 45 18.43 -23.47 0.70
N PRO C 46 17.12 -23.47 0.96
CA PRO C 46 16.04 -22.54 0.54
C PRO C 46 15.81 -21.32 1.44
N PHE C 47 16.33 -21.34 2.67
CA PHE C 47 15.98 -20.30 3.63
C PHE C 47 17.12 -19.31 3.91
N TYR C 48 18.30 -19.64 3.39
CA TYR C 48 19.48 -18.78 3.41
C TYR C 48 19.99 -18.49 4.81
N ALA C 49 19.31 -17.60 5.53
CA ALA C 49 19.53 -17.47 6.98
C ALA C 49 19.17 -18.82 7.63
N ALA C 50 19.73 -19.04 8.81
CA ALA C 50 19.68 -20.35 9.43
C ALA C 50 20.40 -20.20 10.76
N LEU C 51 20.70 -21.31 11.40
CA LEU C 51 21.34 -21.32 12.69
C LEU C 51 22.63 -20.53 12.61
N GLY C 52 22.72 -19.49 13.43
CA GLY C 52 23.79 -18.52 13.30
C GLY C 52 23.28 -17.15 12.92
N GLY C 53 22.11 -17.09 12.30
CA GLY C 53 21.49 -15.81 11.93
C GLY C 53 21.94 -15.27 10.57
N THR C 54 21.55 -14.04 10.28
CA THR C 54 21.92 -13.46 8.99
C THR C 54 23.44 -13.28 8.87
N CYS C 55 23.99 -12.50 9.79
CA CYS C 55 25.42 -12.22 9.78
C CYS C 55 26.32 -13.42 9.50
N VAL C 56 26.03 -14.57 10.10
CA VAL C 56 26.89 -15.75 9.89
C VAL C 56 26.63 -16.35 8.52
N ASN C 57 25.36 -16.47 8.15
CA ASN C 57 25.01 -17.31 7.03
C ASN C 57 25.02 -16.59 5.73
N VAL C 58 24.48 -15.38 5.74
CA VAL C 58 24.35 -14.59 4.50
C VAL C 58 24.47 -13.09 4.79
N GLY C 59 25.45 -12.76 5.62
CA GLY C 59 25.64 -11.39 6.11
C GLY C 59 27.12 -11.09 6.22
N CYS C 60 27.54 -10.55 7.35
CA CYS C 60 28.85 -9.97 7.48
C CYS C 60 29.94 -10.98 7.17
N VAL C 61 29.84 -12.13 7.83
CA VAL C 61 30.93 -13.06 7.75
C VAL C 61 31.22 -13.49 6.29
N PRO C 62 30.22 -14.10 5.60
CA PRO C 62 30.48 -14.44 4.20
C PRO C 62 30.88 -13.25 3.30
N LYS C 63 30.24 -12.07 3.41
CA LYS C 63 30.65 -10.93 2.55
C LYS C 63 32.05 -10.40 2.83
N LYS C 64 32.43 -10.41 4.11
CA LYS C 64 33.75 -9.99 4.48
C LYS C 64 34.69 -10.85 3.68
N LEU C 65 34.45 -12.17 3.63
CA LEU C 65 35.47 -13.06 3.02
C LEU C 65 35.52 -12.83 1.55
N MET C 66 34.35 -12.78 0.94
CA MET C 66 34.25 -12.43 -0.46
C MET C 66 34.87 -11.05 -0.81
N VAL C 67 34.63 -10.02 0.01
CA VAL C 67 35.32 -8.77 -0.26
C VAL C 67 36.85 -8.97 -0.12
N THR C 68 37.32 -9.61 0.95
CA THR C 68 38.75 -9.91 1.08
C THR C 68 39.31 -10.52 -0.20
N GLY C 69 38.55 -11.40 -0.85
CA GLY C 69 38.95 -12.02 -2.11
C GLY C 69 38.86 -11.08 -3.29
N ALA C 70 37.88 -10.19 -3.29
CA ALA C 70 37.86 -9.14 -4.32
C ALA C 70 39.14 -8.29 -4.31
N GLN C 71 39.61 -7.91 -3.12
CA GLN C 71 40.67 -6.94 -3.01
C GLN C 71 41.90 -7.37 -3.80
N TYR C 72 42.08 -8.69 -3.95
CA TYR C 72 43.30 -9.23 -4.56
C TYR C 72 43.37 -8.81 -6.00
N MET C 73 42.24 -8.46 -6.59
CA MET C 73 42.27 -7.77 -7.87
C MET C 73 43.21 -6.59 -7.79
N ASP C 74 42.93 -5.69 -6.84
CA ASP C 74 43.76 -4.50 -6.56
C ASP C 74 45.17 -4.92 -6.20
N HIS C 75 45.30 -5.89 -5.29
CA HIS C 75 46.61 -6.36 -4.79
C HIS C 75 47.47 -6.86 -5.93
N LEU C 76 46.93 -7.74 -6.75
CA LEU C 76 47.77 -8.32 -7.79
C LEU C 76 48.37 -7.28 -8.69
N ARG C 77 47.64 -6.21 -8.95
CA ARG C 77 48.07 -5.22 -9.89
C ARG C 77 49.08 -4.29 -9.27
N GLU C 78 48.80 -3.88 -8.04
CA GLU C 78 49.67 -2.95 -7.31
C GLU C 78 51.03 -3.51 -6.92
N SER C 79 51.20 -4.84 -7.00
CA SER C 79 52.44 -5.52 -6.63
C SER C 79 53.56 -5.16 -7.60
N ALA C 80 53.18 -4.79 -8.83
CA ALA C 80 54.14 -4.42 -9.85
C ALA C 80 55.01 -3.24 -9.40
N GLY C 81 54.36 -2.17 -8.94
CA GLY C 81 55.06 -0.98 -8.48
C GLY C 81 56.18 -1.27 -7.51
N PHE C 82 56.05 -2.38 -6.76
CA PHE C 82 56.98 -2.79 -5.73
C PHE C 82 57.91 -3.87 -6.28
N GLY C 83 57.79 -4.09 -7.61
CA GLY C 83 58.75 -4.84 -8.42
C GLY C 83 58.40 -6.32 -8.53
N TRP C 84 57.19 -6.67 -8.11
CA TRP C 84 56.75 -8.05 -8.31
C TRP C 84 56.53 -8.29 -9.79
N GLU C 85 57.15 -9.36 -10.28
CA GLU C 85 56.99 -9.73 -11.70
C GLU C 85 56.30 -11.09 -11.86
N PHE C 86 55.24 -11.12 -12.67
CA PHE C 86 54.60 -12.38 -13.00
C PHE C 86 53.82 -12.28 -14.28
N ASP C 87 53.44 -13.41 -14.86
CA ASP C 87 52.71 -13.38 -16.13
C ASP C 87 51.26 -12.87 -15.91
N GLY C 88 51.03 -11.61 -16.27
CA GLY C 88 49.73 -10.99 -16.05
C GLY C 88 48.58 -11.64 -16.79
N SER C 89 48.88 -12.18 -17.97
CA SER C 89 47.89 -12.82 -18.86
C SER C 89 47.36 -14.15 -18.31
N SER C 90 48.03 -14.75 -17.33
CA SER C 90 47.63 -16.07 -16.76
C SER C 90 46.65 -15.90 -15.60
N VAL C 91 46.41 -14.64 -15.23
CA VAL C 91 45.58 -14.29 -14.07
C VAL C 91 44.12 -14.60 -14.40
N LYS C 92 43.50 -15.47 -13.59
CA LYS C 92 42.03 -15.68 -13.58
C LYS C 92 41.41 -15.62 -12.16
N ALA C 93 40.23 -15.01 -12.09
CA ALA C 93 39.46 -14.87 -10.85
C ALA C 93 38.42 -15.95 -10.75
N ASN C 94 38.74 -17.00 -10.00
CA ASN C 94 37.87 -18.16 -9.92
C ASN C 94 36.74 -18.06 -8.89
N TRP C 95 35.54 -17.71 -9.34
CA TRP C 95 34.39 -17.51 -8.45
C TRP C 95 33.96 -18.77 -7.67
N LYS C 96 33.76 -19.89 -8.39
CA LYS C 96 33.36 -21.17 -7.77
C LYS C 96 34.27 -21.58 -6.62
N LYS C 97 35.58 -21.42 -6.81
CA LYS C 97 36.56 -21.70 -5.77
C LYS C 97 36.28 -20.89 -4.48
N LEU C 98 36.07 -19.58 -4.61
CA LEU C 98 35.72 -18.68 -3.48
C LEU C 98 34.41 -19.04 -2.79
N ILE C 99 33.39 -19.34 -3.60
CA ILE C 99 32.08 -19.72 -3.07
C ILE C 99 32.20 -21.05 -2.32
N ALA C 100 32.88 -22.02 -2.90
CA ALA C 100 33.14 -23.27 -2.20
C ALA C 100 33.88 -22.99 -0.88
N ALA C 101 34.90 -22.13 -0.98
CA ALA C 101 35.69 -21.75 0.18
C ALA C 101 34.83 -21.09 1.24
N LYS C 102 34.02 -20.11 0.84
CA LYS C 102 33.13 -19.41 1.75
C LYS C 102 32.12 -20.38 2.41
N ASN C 103 31.63 -21.32 1.61
CA ASN C 103 30.68 -22.33 2.07
C ASN C 103 31.17 -23.21 3.20
N GLU C 104 32.45 -23.63 3.17
CA GLU C 104 33.00 -24.39 4.32
C GLU C 104 33.22 -23.52 5.55
N ALA C 105 33.64 -22.27 5.37
CA ALA C 105 33.77 -21.44 6.55
C ALA C 105 32.42 -21.33 7.23
N VAL C 106 31.41 -20.85 6.50
CA VAL C 106 30.03 -20.76 7.01
C VAL C 106 29.52 -22.11 7.58
N LEU C 107 29.54 -23.15 6.75
CA LEU C 107 29.21 -24.48 7.23
C LEU C 107 29.87 -24.81 8.58
N ASP C 108 31.14 -24.45 8.79
CA ASP C 108 31.82 -24.81 10.04
C ASP C 108 31.32 -24.15 11.30
N ILE C 109 30.91 -22.88 11.17
CA ILE C 109 30.36 -22.10 12.27
C ILE C 109 28.99 -22.63 12.65
N ASN C 110 28.16 -22.90 11.63
CA ASN C 110 26.90 -23.67 11.80
C ASN C 110 27.10 -24.89 12.68
N LYS C 111 27.97 -25.80 12.23
CA LYS C 111 28.32 -27.06 12.92
C LYS C 111 28.76 -26.81 14.38
N SER C 112 29.61 -25.83 14.61
CA SER C 112 30.08 -25.64 15.95
C SER C 112 29.04 -24.93 16.82
N TYR C 113 28.12 -24.22 16.19
CA TYR C 113 27.00 -23.64 16.91
C TYR C 113 26.02 -24.72 17.36
N GLU C 114 25.81 -25.70 16.48
CA GLU C 114 25.10 -26.92 16.82
C GLU C 114 25.92 -27.73 17.80
N GLY C 115 27.23 -27.60 17.74
CA GLY C 115 28.07 -28.19 18.79
C GLY C 115 27.88 -27.52 20.16
N MET C 116 27.46 -26.27 20.18
CA MET C 116 27.35 -25.60 21.44
C MET C 116 26.00 -25.97 22.04
N PHE C 117 25.08 -26.35 21.17
CA PHE C 117 23.74 -26.72 21.61
C PHE C 117 23.69 -28.10 22.28
N ASN C 118 24.44 -29.04 21.70
CA ASN C 118 24.48 -30.37 22.25
C ASN C 118 25.40 -30.43 23.49
N ASP C 119 26.30 -29.45 23.62
CA ASP C 119 27.20 -29.42 24.78
C ASP C 119 26.53 -28.71 25.95
N THR C 120 25.73 -27.68 25.65
CA THR C 120 25.17 -26.79 26.70
C THR C 120 23.86 -27.31 27.34
N GLU C 121 23.95 -27.41 28.68
CA GLU C 121 22.88 -27.84 29.56
C GLU C 121 21.83 -26.75 29.67
N GLY C 122 20.59 -27.07 29.33
CA GLY C 122 19.48 -26.11 29.52
C GLY C 122 19.32 -24.99 28.49
N LEU C 123 19.74 -25.30 27.26
CA LEU C 123 19.53 -24.47 26.08
C LEU C 123 19.39 -25.45 24.92
N ASP C 124 18.19 -25.46 24.34
CA ASP C 124 17.85 -26.47 23.35
C ASP C 124 17.43 -25.83 22.04
N PHE C 125 17.80 -26.51 20.97
CA PHE C 125 17.53 -26.04 19.62
C PHE C 125 16.36 -26.74 18.96
N PHE C 126 15.52 -25.95 18.33
CA PHE C 126 14.36 -26.47 17.63
C PHE C 126 14.25 -26.07 16.15
N LEU C 127 14.19 -27.08 15.28
CA LEU C 127 14.01 -26.92 13.85
C LEU C 127 12.53 -26.74 13.40
N GLY C 128 12.25 -25.61 12.76
CA GLY C 128 10.94 -25.30 12.21
C GLY C 128 10.56 -23.83 12.37
N TRP C 129 9.30 -23.51 12.11
CA TRP C 129 8.87 -22.12 12.08
C TRP C 129 8.14 -21.74 13.31
N GLY C 130 8.62 -20.71 13.96
CA GLY C 130 8.08 -20.22 15.20
C GLY C 130 6.95 -19.26 14.93
N SER C 131 5.99 -19.21 15.85
CA SER C 131 4.79 -18.37 15.72
C SER C 131 4.13 -18.24 17.08
N LEU C 132 3.57 -17.07 17.36
CA LEU C 132 2.87 -16.87 18.62
C LEU C 132 1.49 -17.48 18.56
N GLU C 133 1.30 -18.63 19.21
CA GLU C 133 -0.04 -19.25 19.40
C GLU C 133 -0.72 -18.44 20.51
N SER C 134 -0.03 -18.28 21.63
CA SER C 134 -0.56 -17.59 22.76
C SER C 134 0.60 -17.04 23.61
N LYS C 135 0.39 -15.85 24.15
CA LYS C 135 1.22 -15.23 25.18
C LYS C 135 1.73 -16.15 26.29
N ASN C 136 2.45 -17.22 25.93
CA ASN C 136 2.99 -18.24 26.85
C ASN C 136 3.11 -19.54 26.09
N VAL C 137 2.86 -19.46 24.79
CA VAL C 137 2.86 -20.63 23.94
C VAL C 137 3.43 -20.26 22.56
N VAL C 138 4.49 -20.94 22.17
CA VAL C 138 5.03 -20.73 20.85
C VAL C 138 4.90 -22.03 20.07
N VAL C 139 4.24 -21.92 18.91
CA VAL C 139 4.14 -23.08 18.04
C VAL C 139 5.32 -23.09 17.07
N VAL C 140 5.80 -24.31 16.83
CA VAL C 140 6.82 -24.58 15.82
C VAL C 140 6.18 -25.45 14.74
N ARG C 141 5.70 -24.80 13.68
CA ARG C 141 5.21 -25.54 12.52
C ARG C 141 6.35 -26.03 11.63
N GLU C 142 5.97 -26.79 10.61
CA GLU C 142 6.95 -27.45 9.77
C GLU C 142 7.42 -26.47 8.70
N THR C 143 6.58 -25.50 8.37
CA THR C 143 6.88 -24.47 7.38
C THR C 143 6.24 -23.15 7.78
N ALA C 144 6.56 -22.11 7.01
CA ALA C 144 5.98 -20.77 7.21
C ALA C 144 4.44 -20.74 7.13
N ASP C 145 3.87 -21.68 6.35
CA ASP C 145 2.40 -21.79 6.23
C ASP C 145 1.78 -22.10 7.60
N PRO C 146 1.01 -21.14 8.14
CA PRO C 146 0.55 -21.16 9.52
C PRO C 146 -0.53 -22.21 9.72
N LYS C 147 -0.79 -22.97 8.65
CA LYS C 147 -1.75 -24.03 8.69
C LYS C 147 -1.05 -25.36 8.56
N SER C 148 0.27 -25.37 8.68
CA SER C 148 0.98 -26.65 8.47
C SER C 148 1.07 -27.46 9.76
N ALA C 149 1.60 -28.67 9.64
CA ALA C 149 1.72 -29.58 10.79
C ALA C 149 2.45 -28.89 11.95
N VAL C 150 1.83 -28.84 13.12
CA VAL C 150 2.55 -28.47 14.36
C VAL C 150 3.66 -29.52 14.65
N LYS C 151 4.84 -29.03 15.06
CA LYS C 151 5.97 -29.91 15.38
C LYS C 151 6.20 -29.89 16.87
N GLU C 152 5.95 -28.73 17.48
CA GLU C 152 6.04 -28.47 18.91
C GLU C 152 5.17 -27.28 19.29
N ARG C 153 4.63 -27.35 20.51
CA ARG C 153 4.12 -26.18 21.22
C ARG C 153 5.10 -26.10 22.40
N LEU C 154 5.56 -24.88 22.70
CA LEU C 154 6.61 -24.67 23.68
C LEU C 154 6.07 -23.66 24.67
N GLN C 155 6.01 -24.07 25.93
CA GLN C 155 5.41 -23.23 26.95
C GLN C 155 6.48 -22.29 27.43
N ALA C 156 6.16 -21.01 27.42
CA ALA C 156 7.17 -19.98 27.45
C ALA C 156 6.83 -18.99 28.50
N ASP C 157 7.50 -19.09 29.64
CA ASP C 157 7.42 -18.01 30.57
C ASP C 157 7.60 -16.64 29.84
N HIS C 158 8.82 -16.38 29.33
CA HIS C 158 9.13 -15.15 28.62
C HIS C 158 9.39 -15.45 27.14
N ILE C 159 8.94 -14.56 26.24
CA ILE C 159 9.15 -14.70 24.76
C ILE C 159 10.06 -13.64 24.12
N LEU C 160 10.91 -14.11 23.19
CA LEU C 160 11.85 -13.26 22.41
C LEU C 160 11.72 -13.30 20.87
N LEU C 161 11.40 -12.14 20.32
CA LEU C 161 11.28 -12.02 18.87
C LEU C 161 12.62 -11.52 18.34
N ALA C 162 13.33 -12.39 17.60
CA ALA C 162 14.61 -12.04 17.03
C ALA C 162 14.74 -12.68 15.65
N THR C 163 13.74 -12.45 14.81
CA THR C 163 13.68 -13.09 13.49
C THR C 163 14.31 -12.23 12.39
N GLY C 164 14.93 -11.12 12.79
CA GLY C 164 15.70 -10.37 11.85
C GLY C 164 14.87 -9.72 10.77
N SER C 165 15.45 -9.60 9.58
CA SER C 165 14.91 -8.77 8.52
C SER C 165 15.13 -9.44 7.18
N TRP C 166 14.67 -8.82 6.10
CA TRP C 166 14.63 -9.56 4.84
C TRP C 166 14.75 -8.53 3.75
N PRO C 167 15.24 -8.92 2.56
CA PRO C 167 15.40 -7.89 1.53
C PRO C 167 14.07 -7.35 1.04
N GLN C 168 14.00 -6.04 0.86
CA GLN C 168 12.82 -5.39 0.34
C GLN C 168 12.84 -5.54 -1.19
N MET C 169 11.77 -6.07 -1.76
CA MET C 169 11.70 -6.20 -3.22
C MET C 169 10.60 -5.30 -3.75
N PRO C 170 10.95 -4.19 -4.41
CA PRO C 170 9.89 -3.25 -4.81
C PRO C 170 8.92 -3.91 -5.80
N ALA C 171 7.65 -3.57 -5.70
CA ALA C 171 6.68 -4.32 -6.45
C ALA C 171 6.59 -3.76 -7.88
N ILE C 172 7.65 -3.97 -8.64
CA ILE C 172 7.69 -3.60 -10.05
C ILE C 172 7.50 -4.88 -10.90
N PRO C 173 6.93 -4.73 -12.12
CA PRO C 173 6.71 -5.87 -13.06
C PRO C 173 7.99 -6.63 -13.39
N GLY C 174 7.98 -7.93 -13.19
CA GLY C 174 9.18 -8.72 -13.42
C GLY C 174 10.20 -8.67 -12.29
N ILE C 175 9.78 -8.10 -11.16
CA ILE C 175 10.56 -8.21 -9.93
C ILE C 175 11.02 -9.65 -9.73
N GLU C 176 10.17 -10.61 -10.10
CA GLU C 176 10.53 -12.03 -9.96
C GLU C 176 11.79 -12.45 -10.72
N HIS C 177 12.26 -11.62 -11.63
CA HIS C 177 13.51 -11.91 -12.34
C HIS C 177 14.78 -11.39 -11.63
N CYS C 178 14.59 -10.86 -10.42
CA CYS C 178 15.70 -10.29 -9.67
C CYS C 178 16.03 -11.15 -8.47
N ILE C 179 17.27 -11.01 -8.05
CA ILE C 179 17.74 -11.69 -6.87
C ILE C 179 18.04 -10.59 -5.86
N SER C 180 18.30 -11.02 -4.63
CA SER C 180 18.84 -10.18 -3.59
C SER C 180 20.19 -10.79 -3.30
N SER C 181 20.75 -10.33 -2.18
CA SER C 181 22.05 -10.73 -1.72
C SER C 181 22.04 -12.19 -1.35
N ASN C 182 20.92 -12.66 -0.83
CA ASN C 182 20.80 -14.07 -0.50
C ASN C 182 21.21 -14.95 -1.66
N GLU C 183 20.60 -14.75 -2.82
CA GLU C 183 20.91 -15.59 -3.97
C GLU C 183 22.36 -15.30 -4.43
N ALA C 184 22.77 -14.03 -4.31
CA ALA C 184 24.10 -13.57 -4.70
C ALA C 184 25.25 -14.37 -4.07
N PHE C 185 25.06 -14.79 -2.82
CA PHE C 185 26.00 -15.63 -2.11
C PHE C 185 26.11 -17.04 -2.71
N TYR C 186 25.24 -17.36 -3.67
CA TYR C 186 25.11 -18.74 -4.18
C TYR C 186 25.13 -18.86 -5.69
N LEU C 187 25.30 -17.74 -6.40
CA LEU C 187 25.40 -17.77 -7.87
C LEU C 187 26.43 -18.80 -8.33
N PRO C 188 26.06 -19.66 -9.30
CA PRO C 188 26.98 -20.74 -9.68
C PRO C 188 28.16 -20.25 -10.51
N GLU C 189 27.94 -19.15 -11.23
CA GLU C 189 29.04 -18.51 -11.93
C GLU C 189 28.91 -16.98 -11.86
N PRO C 190 30.05 -16.28 -11.97
CA PRO C 190 30.07 -14.85 -11.70
C PRO C 190 29.49 -14.12 -12.89
N PRO C 191 28.61 -13.17 -12.64
CA PRO C 191 27.97 -12.56 -13.77
C PRO C 191 28.99 -11.83 -14.59
N ARG C 192 28.83 -11.91 -15.90
CA ARG C 192 29.52 -11.02 -16.83
C ARG C 192 28.97 -9.59 -16.68
N ARG C 193 27.66 -9.42 -16.76
CA ARG C 193 27.08 -8.12 -16.55
C ARG C 193 26.15 -8.14 -15.33
N VAL C 194 26.36 -7.20 -14.41
CA VAL C 194 25.51 -7.11 -13.26
C VAL C 194 25.02 -5.67 -13.00
N LEU C 195 23.71 -5.53 -12.68
CA LEU C 195 23.15 -4.28 -12.11
C LEU C 195 22.89 -4.47 -10.63
N THR C 196 23.54 -3.71 -9.76
CA THR C 196 23.14 -3.70 -8.34
C THR C 196 22.27 -2.50 -8.07
N VAL C 197 21.07 -2.76 -7.60
CA VAL C 197 20.11 -1.65 -7.46
C VAL C 197 20.07 -1.22 -6.01
N GLY C 198 20.53 -0.01 -5.74
CA GLY C 198 20.57 0.46 -4.38
C GLY C 198 21.74 1.35 -4.10
N GLY C 199 21.62 2.20 -3.09
CA GLY C 199 22.72 3.13 -2.83
C GLY C 199 23.47 2.81 -1.56
N GLY C 200 22.97 1.83 -0.81
CA GLY C 200 23.49 1.54 0.50
C GLY C 200 24.61 0.52 0.50
N PHE C 201 25.02 0.13 1.69
CA PHE C 201 26.25 -0.60 1.79
C PHE C 201 26.23 -1.96 1.09
N ILE C 202 25.09 -2.64 1.13
CA ILE C 202 24.99 -4.00 0.58
C ILE C 202 25.21 -3.92 -0.93
N SER C 203 24.59 -2.94 -1.57
CA SER C 203 24.74 -2.70 -2.98
C SER C 203 26.15 -2.35 -3.36
N VAL C 204 26.76 -1.48 -2.57
CA VAL C 204 28.13 -1.04 -2.81
C VAL C 204 29.09 -2.19 -2.60
N GLU C 205 28.87 -3.00 -1.57
CA GLU C 205 29.88 -3.99 -1.22
C GLU C 205 29.85 -5.07 -2.30
N PHE C 206 28.64 -5.46 -2.68
CA PHE C 206 28.50 -6.43 -3.77
C PHE C 206 28.97 -5.90 -5.12
N ALA C 207 28.68 -4.65 -5.45
CA ALA C 207 29.20 -4.01 -6.64
C ALA C 207 30.68 -4.30 -6.83
N GLY C 208 31.48 -4.12 -5.77
CA GLY C 208 32.92 -4.28 -5.87
C GLY C 208 33.36 -5.74 -5.93
N ILE C 209 32.58 -6.61 -5.31
CA ILE C 209 32.85 -8.05 -5.29
C ILE C 209 32.72 -8.68 -6.68
N PHE C 210 31.63 -8.34 -7.35
CA PHE C 210 31.36 -8.74 -8.71
C PHE C 210 32.37 -8.09 -9.64
N ASN C 211 32.78 -6.88 -9.26
CA ASN C 211 33.77 -6.17 -10.08
C ASN C 211 35.12 -6.91 -10.22
N ALA C 212 35.62 -7.47 -9.11
CA ALA C 212 36.84 -8.28 -9.15
C ALA C 212 36.63 -9.64 -9.84
N TYR C 213 35.50 -10.31 -9.56
CA TYR C 213 35.30 -11.66 -10.08
C TYR C 213 34.68 -11.78 -11.47
N LYS C 214 34.42 -10.63 -12.08
CA LYS C 214 33.82 -10.60 -13.43
C LYS C 214 34.69 -11.27 -14.52
N PRO C 215 34.06 -12.06 -15.40
CA PRO C 215 34.78 -12.65 -16.50
C PRO C 215 35.20 -11.56 -17.49
N PRO C 216 36.08 -11.90 -18.44
CA PRO C 216 36.88 -10.98 -19.24
C PRO C 216 36.16 -9.71 -19.68
N GLY C 217 35.17 -9.77 -20.58
CA GLY C 217 34.59 -8.48 -21.05
C GLY C 217 33.53 -7.83 -20.13
N GLY C 218 33.63 -8.04 -18.83
CA GLY C 218 32.50 -7.77 -17.97
C GLY C 218 32.33 -6.34 -17.47
N LYS C 219 31.20 -6.07 -16.85
CA LYS C 219 30.84 -4.73 -16.42
C LYS C 219 29.83 -4.80 -15.28
N VAL C 220 30.13 -4.08 -14.20
CA VAL C 220 29.26 -3.90 -13.03
C VAL C 220 28.67 -2.49 -13.09
N THR C 221 27.33 -2.42 -13.21
CA THR C 221 26.64 -1.13 -13.10
C THR C 221 25.83 -1.08 -11.79
N LEU C 222 25.85 0.07 -11.09
CA LEU C 222 25.09 0.25 -9.87
C LEU C 222 24.14 1.41 -10.07
N CYS C 223 22.88 1.26 -9.69
CA CYS C 223 21.99 2.40 -9.76
C CYS C 223 21.41 2.87 -8.41
N TYR C 224 21.23 4.17 -8.30
CA TYR C 224 20.57 4.77 -7.17
C TYR C 224 19.57 5.82 -7.70
N ARG C 225 18.40 5.93 -7.04
CA ARG C 225 17.30 6.78 -7.53
C ARG C 225 17.60 8.25 -7.28
N ASN C 226 18.51 8.50 -6.34
CA ASN C 226 18.90 9.85 -6.00
C ASN C 226 20.30 10.17 -6.50
N ASN C 227 20.87 11.28 -6.06
CA ASN C 227 21.97 11.89 -6.78
C ASN C 227 23.30 11.34 -6.39
N LEU C 228 23.42 10.96 -5.12
CA LEU C 228 24.69 10.51 -4.58
C LEU C 228 24.39 9.31 -3.75
N ILE C 229 25.24 8.28 -3.87
CA ILE C 229 25.02 7.01 -3.18
C ILE C 229 25.31 7.19 -1.71
N LEU C 230 24.90 6.25 -0.86
CA LEU C 230 25.26 6.30 0.56
C LEU C 230 24.71 7.47 1.40
N ARG C 231 23.41 7.79 1.23
CA ARG C 231 22.66 8.70 2.14
C ARG C 231 23.04 8.25 3.52
N GLY C 232 23.20 9.17 4.48
CA GLY C 232 23.54 8.76 5.83
C GLY C 232 25.04 8.86 6.15
N PHE C 233 25.89 8.73 5.13
CA PHE C 233 27.34 8.81 5.32
C PHE C 233 27.89 10.18 5.03
N ASP C 234 29.11 10.46 5.47
CA ASP C 234 29.73 11.74 5.19
C ASP C 234 29.76 12.03 3.69
N GLU C 235 29.46 13.28 3.32
CA GLU C 235 29.31 13.67 1.90
C GLU C 235 30.60 13.69 1.11
N THR C 236 31.69 14.13 1.74
CA THR C 236 32.97 14.10 1.06
C THR C 236 33.29 12.62 0.72
N ILE C 237 32.98 11.75 1.68
CA ILE C 237 33.25 10.35 1.56
C ILE C 237 32.36 9.71 0.52
N ARG C 238 31.07 10.03 0.50
CA ARG C 238 30.18 9.56 -0.56
C ARG C 238 30.68 9.93 -1.95
N GLU C 239 31.12 11.18 -2.11
CA GLU C 239 31.62 11.67 -3.40
C GLU C 239 32.92 10.99 -3.79
N GLU C 240 33.82 10.82 -2.81
CA GLU C 240 35.06 10.14 -3.08
C GLU C 240 34.82 8.69 -3.48
N VAL C 241 34.06 7.97 -2.65
CA VAL C 241 33.93 6.54 -2.87
C VAL C 241 33.37 6.29 -4.25
N THR C 242 32.45 7.16 -4.66
CA THR C 242 31.98 7.24 -6.01
C THR C 242 33.12 7.43 -7.01
N LYS C 243 33.98 8.45 -6.85
CA LYS C 243 35.05 8.64 -7.85
C LYS C 243 35.98 7.44 -7.93
N GLN C 244 36.23 6.79 -6.78
CA GLN C 244 37.18 5.65 -6.70
C GLN C 244 36.65 4.30 -7.22
N LEU C 245 35.35 4.12 -7.07
CA LEU C 245 34.74 2.96 -7.63
C LEU C 245 34.74 3.09 -9.17
N THR C 246 34.58 4.34 -9.65
CA THR C 246 34.55 4.62 -11.10
C THR C 246 35.89 4.31 -11.70
N ALA C 247 36.96 4.60 -10.97
CA ALA C 247 38.30 4.39 -11.47
C ALA C 247 38.67 2.91 -11.39
N ASN C 248 37.83 2.13 -10.72
CA ASN C 248 38.05 0.73 -10.71
C ASN C 248 37.00 -0.04 -11.50
N GLY C 249 36.30 0.68 -12.39
CA GLY C 249 35.60 0.11 -13.57
C GLY C 249 34.11 -0.04 -13.40
N ILE C 250 33.65 0.21 -12.19
CA ILE C 250 32.25 0.10 -11.88
C ILE C 250 31.59 1.39 -12.27
N GLU C 251 30.54 1.29 -13.07
CA GLU C 251 29.76 2.41 -13.56
C GLU C 251 28.64 2.73 -12.57
N ILE C 252 28.51 4.01 -12.21
CA ILE C 252 27.50 4.45 -11.26
C ILE C 252 26.42 5.23 -12.02
N MET C 253 25.22 4.63 -12.13
CA MET C 253 24.05 5.27 -12.71
C MET C 253 23.21 5.98 -11.65
N THR C 254 23.40 7.28 -11.48
CA THR C 254 22.60 8.04 -10.49
C THR C 254 21.35 8.62 -11.13
N ASN C 255 20.37 8.97 -10.32
CA ASN C 255 19.12 9.59 -10.82
C ASN C 255 18.34 8.65 -11.75
N GLU C 256 18.48 7.35 -11.48
CA GLU C 256 17.90 6.29 -12.31
C GLU C 256 17.28 5.19 -11.45
N ASN C 257 16.20 4.58 -11.91
CA ASN C 257 15.46 3.64 -11.09
C ASN C 257 14.68 2.66 -11.96
N PRO C 258 14.71 1.36 -11.60
CA PRO C 258 14.05 0.44 -12.51
C PRO C 258 12.53 0.45 -12.40
N ALA C 259 11.85 0.52 -13.55
CA ALA C 259 10.38 0.50 -13.58
C ALA C 259 9.87 -0.91 -13.84
N LYS C 260 10.63 -1.66 -14.65
CA LYS C 260 10.39 -3.08 -14.86
C LYS C 260 11.60 -3.83 -15.36
N VAL C 261 11.48 -5.16 -15.31
CA VAL C 261 12.47 -6.07 -15.76
C VAL C 261 11.75 -7.16 -16.53
N SER C 262 12.24 -7.48 -17.74
CA SER C 262 11.64 -8.58 -18.45
C SER C 262 12.73 -9.50 -18.89
N LEU C 263 12.36 -10.79 -19.07
CA LEU C 263 13.28 -11.89 -19.27
C LEU C 263 13.52 -12.11 -20.76
N ASN C 264 14.79 -12.17 -21.16
CA ASN C 264 15.11 -12.52 -22.55
C ASN C 264 15.19 -14.01 -22.67
N THR C 265 15.09 -14.54 -23.91
CA THR C 265 15.05 -16.01 -24.11
C THR C 265 16.39 -16.63 -23.69
N ASP C 266 17.49 -15.88 -23.83
CA ASP C 266 18.87 -16.37 -23.43
C ASP C 266 19.17 -16.29 -21.92
N GLY C 267 18.18 -15.87 -21.13
CA GLY C 267 18.27 -15.93 -19.68
C GLY C 267 18.62 -14.61 -19.05
N SER C 268 19.15 -13.72 -19.86
CA SER C 268 19.53 -12.46 -19.32
C SER C 268 18.32 -11.55 -19.00
N LYS C 269 18.59 -10.31 -18.61
CA LYS C 269 17.55 -9.41 -18.10
C LYS C 269 17.53 -8.02 -18.74
N HIS C 270 16.34 -7.60 -19.16
CA HIS C 270 16.10 -6.30 -19.80
C HIS C 270 15.48 -5.34 -18.78
N VAL C 271 16.33 -4.48 -18.24
CA VAL C 271 15.96 -3.49 -17.22
C VAL C 271 15.58 -2.15 -17.89
N THR C 272 14.39 -1.67 -17.58
CA THR C 272 13.84 -0.42 -18.12
C THR C 272 13.69 0.51 -16.94
N PHE C 273 14.22 1.71 -17.09
CA PHE C 273 14.19 2.64 -16.01
C PHE C 273 13.08 3.63 -16.25
N GLU C 274 12.62 4.25 -15.18
CA GLU C 274 11.65 5.36 -15.22
C GLU C 274 12.01 6.39 -16.30
N SER C 275 13.30 6.68 -16.46
CA SER C 275 13.75 7.68 -17.44
C SER C 275 13.55 7.22 -18.90
N GLY C 276 13.02 6.01 -19.11
CA GLY C 276 13.07 5.41 -20.43
C GLY C 276 14.43 4.87 -20.87
N LYS C 277 15.42 4.86 -19.99
CA LYS C 277 16.68 4.23 -20.36
C LYS C 277 16.53 2.69 -20.15
N THR C 278 17.29 1.89 -20.91
CA THR C 278 17.28 0.43 -20.75
C THR C 278 18.69 -0.10 -20.84
N LEU C 279 18.95 -1.20 -20.14
CA LEU C 279 20.28 -1.83 -20.00
C LEU C 279 20.06 -3.33 -19.85
N ASP C 280 20.82 -4.13 -20.59
CA ASP C 280 20.68 -5.59 -20.52
C ASP C 280 21.77 -6.13 -19.66
N VAL C 281 21.40 -6.99 -18.72
CA VAL C 281 22.39 -7.54 -17.79
C VAL C 281 22.16 -9.03 -17.54
N ASP C 282 23.15 -9.72 -16.96
CA ASP C 282 23.02 -11.13 -16.66
C ASP C 282 22.30 -11.36 -15.33
N VAL C 283 22.43 -10.39 -14.42
CA VAL C 283 21.84 -10.51 -13.10
C VAL C 283 21.41 -9.14 -12.61
N VAL C 284 20.24 -9.08 -11.97
CA VAL C 284 19.86 -7.87 -11.26
C VAL C 284 19.74 -8.15 -9.78
N MET C 285 20.63 -7.55 -9.00
CA MET C 285 20.58 -7.73 -7.55
C MET C 285 19.83 -6.60 -6.98
N MET C 286 19.01 -6.85 -5.97
CA MET C 286 18.21 -5.81 -5.30
C MET C 286 18.62 -5.70 -3.84
N ALA C 287 19.22 -4.55 -3.55
CA ALA C 287 19.66 -4.16 -2.23
C ALA C 287 19.17 -2.74 -1.92
N ILE C 288 17.86 -2.53 -2.08
CA ILE C 288 17.28 -1.22 -1.79
C ILE C 288 16.79 -0.99 -0.36
N GLY C 289 16.97 -1.99 0.50
CA GLY C 289 16.51 -1.89 1.86
C GLY C 289 16.24 -3.25 2.46
N ARG C 290 16.07 -3.26 3.77
CA ARG C 290 15.75 -4.49 4.46
C ARG C 290 14.63 -4.25 5.44
N ILE C 291 13.61 -5.09 5.35
CA ILE C 291 12.46 -4.90 6.21
C ILE C 291 12.37 -5.90 7.36
N PRO C 292 11.75 -5.46 8.46
CA PRO C 292 11.35 -6.32 9.53
C PRO C 292 10.75 -7.62 9.03
N ARG C 293 11.08 -8.72 9.68
CA ARG C 293 10.52 -10.02 9.29
C ARG C 293 9.41 -10.49 10.24
N THR C 294 8.20 -9.98 10.02
CA THR C 294 7.12 -10.19 10.99
C THR C 294 5.91 -10.92 10.42
N ASN C 295 5.89 -11.11 9.10
CA ASN C 295 4.75 -11.74 8.42
C ASN C 295 4.40 -13.10 8.90
N ASP C 296 5.40 -13.90 9.23
CA ASP C 296 5.16 -15.30 9.51
C ASP C 296 4.92 -15.59 10.98
N LEU C 297 5.21 -14.59 11.82
CA LEU C 297 5.18 -14.67 13.29
C LEU C 297 3.80 -14.83 13.93
N GLN C 298 2.77 -14.55 13.14
CA GLN C 298 1.39 -14.69 13.57
C GLN C 298 1.03 -13.74 14.67
N LEU C 299 1.81 -12.66 14.78
CA LEU C 299 1.57 -11.63 15.78
C LEU C 299 0.10 -11.33 16.06
N GLY C 300 -0.74 -11.29 15.01
CA GLY C 300 -2.21 -11.05 15.15
C GLY C 300 -2.88 -11.72 16.35
N ASN C 301 -2.64 -13.02 16.48
CA ASN C 301 -2.95 -13.79 17.70
C ASN C 301 -2.80 -13.13 19.08
N VAL C 302 -1.90 -12.16 19.24
CA VAL C 302 -1.77 -11.48 20.52
C VAL C 302 -1.85 -9.96 20.34
N GLY C 303 -1.56 -9.50 19.12
CA GLY C 303 -1.62 -8.07 18.84
C GLY C 303 -0.41 -7.35 19.41
N VAL C 304 0.76 -7.93 19.15
CA VAL C 304 2.00 -7.19 19.34
C VAL C 304 1.95 -6.07 18.28
N LYS C 305 2.14 -4.84 18.72
CA LYS C 305 1.98 -3.71 17.83
C LYS C 305 3.29 -3.45 17.08
N LEU C 306 3.15 -3.28 15.76
CA LEU C 306 4.20 -2.80 14.85
C LEU C 306 4.00 -1.30 14.64
N THR C 307 5.02 -0.60 14.15
CA THR C 307 4.90 0.82 13.76
C THR C 307 4.44 0.98 12.29
N PRO C 308 4.03 2.21 11.89
CA PRO C 308 3.83 2.63 10.49
C PRO C 308 4.87 2.02 9.52
N LYS C 309 6.13 2.06 9.94
CA LYS C 309 7.25 1.43 9.23
C LYS C 309 7.22 -0.12 9.13
N GLY C 310 6.66 -0.84 10.10
CA GLY C 310 6.58 -2.33 10.02
C GLY C 310 7.43 -3.15 11.00
N GLY C 311 8.29 -2.45 11.75
CA GLY C 311 9.06 -3.05 12.82
C GLY C 311 8.21 -3.13 14.08
N VAL C 312 8.39 -4.20 14.84
CA VAL C 312 7.74 -4.33 16.14
C VAL C 312 7.98 -3.07 16.97
N GLN C 313 6.94 -2.53 17.60
CA GLN C 313 7.17 -1.36 18.50
C GLN C 313 7.78 -1.80 19.84
N VAL C 314 8.83 -1.07 20.26
CA VAL C 314 9.59 -1.35 21.49
C VAL C 314 10.00 -0.07 22.22
N ASP C 315 10.12 -0.16 23.55
CA ASP C 315 10.67 0.94 24.39
C ASP C 315 12.19 0.78 24.54
N GLU C 316 12.83 1.71 25.24
CA GLU C 316 14.27 1.61 25.55
C GLU C 316 14.75 0.21 26.01
N PHE C 317 13.85 -0.63 26.55
CA PHE C 317 14.22 -1.90 27.22
C PHE C 317 13.82 -3.14 26.42
N SER C 318 13.43 -2.90 25.16
CA SER C 318 13.12 -3.97 24.19
C SER C 318 11.71 -4.55 24.39
N ARG C 319 10.94 -3.95 25.28
CA ARG C 319 9.63 -4.49 25.66
C ARG C 319 8.56 -4.13 24.65
N THR C 320 7.75 -5.13 24.28
CA THR C 320 6.57 -4.94 23.42
C THR C 320 5.40 -4.51 24.31
N ASN C 321 4.32 -4.09 23.65
CA ASN C 321 3.06 -3.70 24.31
C ASN C 321 2.50 -4.85 25.16
N VAL C 322 2.91 -6.08 24.83
CA VAL C 322 2.43 -7.29 25.47
C VAL C 322 3.37 -7.73 26.59
N PRO C 323 2.89 -7.61 27.83
CA PRO C 323 3.78 -8.00 28.93
C PRO C 323 4.39 -9.37 28.71
N ASN C 324 5.72 -9.40 28.80
CA ASN C 324 6.53 -10.63 28.73
C ASN C 324 6.82 -11.13 27.31
N ILE C 325 6.51 -10.28 26.34
CA ILE C 325 7.07 -10.48 25.01
C ILE C 325 7.99 -9.30 24.70
N TYR C 326 9.15 -9.65 24.15
CA TYR C 326 10.09 -8.63 23.81
C TYR C 326 10.69 -8.90 22.45
N ALA C 327 11.40 -7.89 21.94
CA ALA C 327 11.92 -7.89 20.60
C ALA C 327 13.22 -7.11 20.51
N ILE C 328 14.25 -7.80 20.03
CA ILE C 328 15.51 -7.15 19.75
C ILE C 328 15.90 -7.38 18.32
N GLY C 329 16.86 -6.58 17.88
CA GLY C 329 17.56 -6.81 16.62
C GLY C 329 16.86 -6.07 15.50
N ASP C 330 17.04 -6.61 14.29
CA ASP C 330 16.55 -6.03 13.05
C ASP C 330 15.05 -5.96 12.99
N ILE C 331 14.40 -6.90 13.66
CA ILE C 331 12.96 -6.90 13.74
C ILE C 331 12.42 -5.60 14.33
N THR C 332 13.20 -4.95 15.19
CA THR C 332 12.75 -3.70 15.76
C THR C 332 12.95 -2.52 14.82
N ASP C 333 13.87 -2.63 13.87
CA ASP C 333 14.08 -1.63 12.80
C ASP C 333 14.70 -0.28 13.25
N ARG C 334 15.73 -0.35 14.08
CA ARG C 334 16.60 0.81 14.37
CA ARG C 334 16.58 0.82 14.33
C ARG C 334 17.95 0.60 13.68
N LEU C 335 19.03 0.43 14.48
CA LEU C 335 20.32 0.17 13.84
C LEU C 335 20.37 -1.28 13.43
N MET C 336 20.47 -1.52 12.13
CA MET C 336 20.59 -2.88 11.65
C MET C 336 22.05 -3.29 11.63
N LEU C 337 22.53 -3.73 12.80
CA LEU C 337 23.92 -4.15 13.03
C LEU C 337 24.05 -5.41 13.91
N THR C 338 24.96 -6.32 13.55
CA THR C 338 25.14 -7.51 14.35
C THR C 338 25.52 -7.16 15.79
N PRO C 339 26.47 -6.25 15.98
CA PRO C 339 26.90 -6.06 17.37
C PRO C 339 25.84 -5.39 18.26
N VAL C 340 24.95 -4.61 17.63
CA VAL C 340 23.84 -3.95 18.30
C VAL C 340 22.84 -5.00 18.78
N ALA C 341 22.28 -5.81 17.87
CA ALA C 341 21.49 -6.97 18.30
C ALA C 341 22.15 -7.69 19.48
N ILE C 342 23.43 -8.05 19.36
CA ILE C 342 24.13 -8.70 20.47
C ILE C 342 24.10 -7.88 21.77
N ASN C 343 24.20 -6.55 21.68
CA ASN C 343 24.11 -5.70 22.86
C ASN C 343 22.68 -5.70 23.42
N GLU C 344 21.70 -5.48 22.51
CA GLU C 344 20.27 -5.50 22.83
C GLU C 344 19.87 -6.81 23.52
N GLY C 345 20.47 -7.90 23.07
CA GLY C 345 20.01 -9.23 23.47
C GLY C 345 20.51 -9.63 24.84
N ALA C 346 21.51 -8.91 25.29
CA ALA C 346 22.18 -9.28 26.50
C ALA C 346 21.80 -8.31 27.62
N ALA C 347 21.50 -7.06 27.26
CA ALA C 347 20.96 -6.11 28.24
C ALA C 347 19.56 -6.62 28.61
N LEU C 348 18.88 -7.18 27.61
CA LEU C 348 17.54 -7.75 27.82
C LEU C 348 17.53 -8.78 28.96
N VAL C 349 18.25 -9.89 28.72
CA VAL C 349 18.54 -10.89 29.72
C VAL C 349 19.03 -10.36 31.10
N ASP C 350 19.80 -9.26 31.15
CA ASP C 350 20.25 -8.72 32.43
C ASP C 350 19.14 -7.93 33.12
N THR C 351 18.27 -7.36 32.29
CA THR C 351 17.21 -6.50 32.78
C THR C 351 16.02 -7.36 33.16
N VAL C 352 16.08 -8.65 32.82
CA VAL C 352 14.97 -9.56 33.05
C VAL C 352 15.33 -10.69 34.01
N PHE C 353 16.55 -11.20 33.93
CA PHE C 353 16.97 -12.25 34.85
C PHE C 353 18.11 -11.76 35.70
N GLY C 354 17.92 -10.66 36.41
CA GLY C 354 18.98 -10.19 37.28
C GLY C 354 18.76 -8.87 37.93
N ASN C 355 19.83 -8.45 38.60
CA ASN C 355 19.98 -7.13 39.25
C ASN C 355 19.38 -5.97 38.47
N LYS C 356 20.15 -5.54 37.47
CA LYS C 356 20.09 -4.17 36.94
C LYS C 356 19.42 -4.09 35.58
N PRO C 357 18.34 -3.28 35.48
CA PRO C 357 17.99 -2.71 34.18
C PRO C 357 19.22 -2.26 33.39
N ARG C 358 19.29 -2.68 32.12
CA ARG C 358 20.32 -2.23 31.19
C ARG C 358 19.69 -1.87 29.84
N LYS C 359 19.91 -0.64 29.42
CA LYS C 359 19.41 -0.22 28.10
C LYS C 359 20.57 -0.09 27.11
N THR C 360 20.45 -0.81 25.98
CA THR C 360 21.34 -0.59 24.85
C THR C 360 21.32 0.88 24.40
N ASP C 361 22.53 1.45 24.25
CA ASP C 361 22.76 2.84 23.79
C ASP C 361 23.00 2.88 22.29
N HIS C 362 22.07 3.50 21.57
CA HIS C 362 22.07 3.46 20.13
C HIS C 362 22.90 4.53 19.45
N THR C 363 23.39 5.48 20.22
CA THR C 363 24.11 6.61 19.65
C THR C 363 25.62 6.33 19.51
N ARG C 364 26.29 7.09 18.68
CA ARG C 364 27.75 7.01 18.67
C ARG C 364 28.23 5.58 18.46
N VAL C 365 27.58 4.88 17.53
CA VAL C 365 27.92 3.49 17.28
C VAL C 365 28.75 3.36 16.01
N ALA C 366 29.97 2.84 16.19
CA ALA C 366 30.94 2.77 15.13
C ALA C 366 30.48 1.75 14.13
N SER C 367 30.63 2.02 12.83
CA SER C 367 30.27 1.02 11.84
C SER C 367 31.16 1.16 10.59
N ALA C 368 31.00 0.22 9.63
CA ALA C 368 31.84 0.17 8.44
C ALA C 368 31.07 -0.16 7.16
N VAL C 369 31.60 0.27 6.01
CA VAL C 369 31.12 -0.23 4.72
C VAL C 369 32.37 -0.92 4.21
N PHE C 370 32.29 -2.18 3.80
CA PHE C 370 33.49 -2.84 3.23
C PHE C 370 33.50 -2.66 1.75
N SER C 371 33.49 -1.43 1.32
CA SER C 371 33.65 -1.13 -0.07
C SER C 371 35.14 -1.21 -0.37
N ILE C 372 35.50 -1.10 -1.64
CA ILE C 372 36.88 -1.03 -2.05
C ILE C 372 37.07 0.37 -2.63
N PRO C 373 37.64 1.30 -1.84
CA PRO C 373 38.26 1.09 -0.53
C PRO C 373 37.19 1.26 0.59
N PRO C 374 37.48 0.78 1.83
CA PRO C 374 36.44 0.70 2.86
C PRO C 374 36.17 2.03 3.61
N ILE C 375 34.95 2.15 4.16
CA ILE C 375 34.59 3.30 5.01
C ILE C 375 34.49 2.81 6.44
N GLY C 376 34.92 3.64 7.39
CA GLY C 376 34.67 3.40 8.81
C GLY C 376 34.15 4.71 9.39
N THR C 377 33.14 4.62 10.25
CA THR C 377 32.38 5.82 10.58
C THR C 377 31.81 5.73 12.00
N CYS C 378 31.59 6.87 12.62
CA CYS C 378 31.14 6.91 14.01
C CYS C 378 30.70 8.29 14.45
N GLY C 379 29.41 8.39 14.75
CA GLY C 379 28.86 9.62 15.31
C GLY C 379 28.24 10.36 14.16
N LEU C 380 28.14 11.69 14.30
CA LEU C 380 27.28 12.45 13.40
C LEU C 380 27.99 12.92 12.14
N ILE C 381 27.22 12.99 11.06
CA ILE C 381 27.72 13.57 9.85
C ILE C 381 27.54 15.09 10.01
N GLU C 382 28.30 15.86 9.24
CA GLU C 382 28.29 17.30 9.45
C GLU C 382 26.93 18.01 9.29
N GLU C 383 26.20 17.69 8.22
CA GLU C 383 24.89 18.28 8.00
C GLU C 383 23.95 18.08 9.20
N VAL C 384 23.98 16.88 9.81
CA VAL C 384 23.12 16.64 10.98
C VAL C 384 23.61 17.45 12.20
N ALA C 385 24.92 17.53 12.40
CA ALA C 385 25.45 18.31 13.52
C ALA C 385 25.25 19.80 13.36
N ALA C 386 25.13 20.32 12.13
CA ALA C 386 24.90 21.78 11.91
C ALA C 386 23.49 22.22 12.27
N LYS C 387 22.64 21.23 12.59
CA LYS C 387 21.23 21.40 12.93
C LYS C 387 20.93 21.24 14.42
N GLU C 388 21.93 20.84 15.19
CA GLU C 388 21.74 20.57 16.63
C GLU C 388 22.64 21.45 17.47
N PHE C 389 23.75 21.90 16.88
CA PHE C 389 24.73 22.73 17.56
C PHE C 389 24.94 23.96 16.72
N GLU C 390 25.48 25.00 17.33
CA GLU C 390 25.48 26.34 16.78
C GLU C 390 26.83 26.71 16.11
N LYS C 391 27.94 26.26 16.70
CA LYS C 391 29.23 26.35 16.05
C LYS C 391 29.78 24.91 15.85
N VAL C 392 29.76 24.45 14.61
CA VAL C 392 30.26 23.14 14.25
C VAL C 392 31.51 23.38 13.48
N ALA C 393 32.55 22.64 13.81
CA ALA C 393 33.73 22.74 13.00
C ALA C 393 34.07 21.37 12.38
N VAL C 394 34.61 21.46 11.17
CA VAL C 394 34.97 20.33 10.37
C VAL C 394 36.49 20.30 10.15
N TYR C 395 37.14 19.28 10.69
CA TYR C 395 38.57 19.04 10.49
C TYR C 395 38.84 18.00 9.39
N MET C 396 39.66 18.35 8.39
CA MET C 396 39.74 17.54 7.14
C MET C 396 41.16 17.25 6.66
N SER C 397 41.38 16.05 6.12
CA SER C 397 42.65 15.69 5.51
C SER C 397 42.45 14.69 4.39
N SER C 398 42.93 15.03 3.19
CA SER C 398 42.71 14.18 2.03
C SER C 398 43.89 14.06 1.07
N PHE C 399 44.95 13.43 1.54
CA PHE C 399 46.12 13.10 0.72
C PHE C 399 45.86 11.74 -0.01
N THR C 400 46.65 11.46 -1.04
CA THR C 400 46.73 10.14 -1.66
C THR C 400 48.01 9.56 -1.10
N PRO C 401 47.92 8.47 -0.30
CA PRO C 401 49.14 8.02 0.40
C PRO C 401 50.22 7.62 -0.58
N LEU C 402 51.47 7.77 -0.13
CA LEU C 402 52.68 7.35 -0.86
C LEU C 402 52.61 5.90 -1.30
N MET C 403 52.19 4.97 -0.44
CA MET C 403 52.28 3.60 -0.93
C MET C 403 51.53 3.52 -2.25
N HIS C 404 50.58 4.44 -2.43
CA HIS C 404 49.72 4.47 -3.64
C HIS C 404 50.21 5.33 -4.79
N ASN C 405 51.16 6.22 -4.51
CA ASN C 405 51.99 6.82 -5.56
C ASN C 405 52.75 5.68 -6.29
N ILE C 406 53.50 4.90 -5.51
CA ILE C 406 54.25 3.75 -6.03
C ILE C 406 53.35 2.66 -6.64
N SER C 407 52.14 2.50 -6.09
CA SER C 407 51.31 1.35 -6.47
C SER C 407 50.72 1.41 -7.86
N GLY C 408 50.46 2.61 -8.37
CA GLY C 408 49.65 2.77 -9.59
C GLY C 408 48.25 3.32 -9.29
N SER C 409 47.75 3.08 -8.09
CA SER C 409 46.45 3.58 -7.70
C SER C 409 46.51 5.06 -7.21
N LYS C 410 46.95 5.97 -8.07
CA LYS C 410 47.02 7.39 -7.65
C LYS C 410 45.63 7.90 -7.23
N TYR C 411 44.55 7.24 -7.61
CA TYR C 411 43.23 7.69 -7.22
C TYR C 411 42.80 7.30 -5.81
N LYS C 412 43.68 6.65 -5.04
CA LYS C 412 43.27 6.08 -3.75
C LYS C 412 43.45 7.02 -2.57
N LYS C 413 42.74 8.13 -2.62
CA LYS C 413 42.79 9.15 -1.58
C LYS C 413 42.31 8.57 -0.24
N PHE C 414 43.07 8.80 0.84
CA PHE C 414 42.58 8.57 2.19
C PHE C 414 41.85 9.83 2.69
N VAL C 415 40.63 9.67 3.19
CA VAL C 415 39.93 10.84 3.71
C VAL C 415 39.74 10.66 5.20
N ALA C 416 40.08 11.71 5.96
CA ALA C 416 39.89 11.74 7.40
C ALA C 416 39.27 13.07 7.84
N LYS C 417 38.13 12.98 8.51
CA LYS C 417 37.36 14.15 8.85
C LYS C 417 36.86 14.05 10.26
N ILE C 418 37.11 15.07 11.05
CA ILE C 418 36.48 15.15 12.37
C ILE C 418 35.44 16.27 12.39
N VAL C 419 34.22 15.97 12.87
CA VAL C 419 33.18 16.99 13.07
C VAL C 419 33.18 17.37 14.55
N THR C 420 33.32 18.66 14.85
CA THR C 420 33.33 19.08 16.25
C THR C 420 32.18 19.96 16.62
N ASN C 421 31.99 20.04 17.93
CA ASN C 421 31.24 21.11 18.58
C ASN C 421 32.26 22.18 18.94
N HIS C 422 32.23 23.30 18.21
CA HIS C 422 33.33 24.25 18.27
C HIS C 422 33.29 25.05 19.57
N SER C 423 32.13 25.14 20.19
CA SER C 423 31.98 25.84 21.47
C SER C 423 32.81 25.25 22.62
N ASP C 424 32.90 23.91 22.69
CA ASP C 424 33.67 23.27 23.75
C ASP C 424 34.75 22.37 23.21
N GLY C 425 34.69 22.04 21.91
CA GLY C 425 35.72 21.19 21.27
C GLY C 425 35.44 19.70 21.39
N THR C 426 34.29 19.33 21.95
CA THR C 426 33.78 17.96 21.84
C THR C 426 33.67 17.47 20.40
N VAL C 427 34.22 16.27 20.15
CA VAL C 427 34.10 15.54 18.88
C VAL C 427 32.77 14.84 18.85
N LEU C 428 32.03 14.99 17.74
CA LEU C 428 30.72 14.37 17.57
C LEU C 428 30.68 13.29 16.51
N GLY C 429 31.66 13.30 15.61
CA GLY C 429 31.64 12.39 14.47
C GLY C 429 32.99 12.31 13.79
N VAL C 430 33.40 11.09 13.45
CA VAL C 430 34.68 10.81 12.81
C VAL C 430 34.42 9.92 11.61
N HIS C 431 34.74 10.40 10.42
CA HIS C 431 34.42 9.67 9.20
C HIS C 431 35.64 9.44 8.38
N LEU C 432 35.83 8.16 8.03
CA LEU C 432 37.05 7.68 7.37
C LEU C 432 36.81 6.90 6.07
N LEU C 433 37.67 7.13 5.08
CA LEU C 433 37.78 6.34 3.85
C LEU C 433 39.23 5.92 3.60
N GLY C 434 39.47 4.70 3.11
CA GLY C 434 40.82 4.29 2.80
C GLY C 434 41.11 2.99 3.49
N ASP C 435 42.15 2.28 3.03
CA ASP C 435 42.53 0.99 3.63
C ASP C 435 42.71 1.16 5.11
N GLY C 436 42.11 0.25 5.86
CA GLY C 436 42.21 0.27 7.31
C GLY C 436 41.07 0.95 8.08
N ALA C 437 40.20 1.70 7.38
CA ALA C 437 39.23 2.59 8.05
C ALA C 437 38.36 1.81 9.03
N PRO C 438 37.88 0.61 8.67
CA PRO C 438 37.04 -0.11 9.61
C PRO C 438 37.81 -0.55 10.83
N GLU C 439 39.11 -0.78 10.67
CA GLU C 439 39.89 -1.14 11.85
C GLU C 439 40.16 0.08 12.68
N ILE C 440 40.39 1.22 12.03
CA ILE C 440 40.81 2.44 12.76
C ILE C 440 39.68 2.97 13.65
N ILE C 441 38.49 2.80 13.18
CA ILE C 441 37.38 3.49 13.78
C ILE C 441 37.00 2.90 15.15
N GLN C 442 37.35 1.63 15.40
CA GLN C 442 36.84 0.95 16.59
C GLN C 442 37.18 1.71 17.87
N ALA C 443 38.47 1.97 18.04
CA ALA C 443 38.88 2.64 19.25
C ALA C 443 38.37 4.13 19.33
N VAL C 444 38.06 4.72 18.17
CA VAL C 444 37.38 6.03 18.12
C VAL C 444 36.03 5.98 18.82
N GLY C 445 35.34 4.84 18.70
CA GLY C 445 34.05 4.62 19.33
C GLY C 445 34.20 4.83 20.83
N VAL C 446 35.16 4.12 21.41
CA VAL C 446 35.50 4.22 22.83
C VAL C 446 35.75 5.69 23.19
N CYS C 447 36.63 6.38 22.44
CA CYS C 447 36.86 7.85 22.63
C CYS C 447 35.54 8.59 22.78
N LEU C 448 34.60 8.33 21.86
CA LEU C 448 33.36 9.08 21.80
C LEU C 448 32.48 8.73 22.97
N ARG C 449 32.90 7.72 23.73
CA ARG C 449 32.21 7.31 24.94
C ARG C 449 32.86 8.09 26.14
N LEU C 450 34.07 8.59 25.96
CA LEU C 450 34.84 9.19 27.04
C LEU C 450 34.91 10.70 26.85
N ASN C 451 34.13 11.20 25.92
CA ASN C 451 33.94 12.63 25.78
C ASN C 451 35.13 13.32 25.16
N ALA C 452 35.60 12.77 24.05
CA ALA C 452 36.80 13.26 23.46
C ALA C 452 36.61 14.65 22.86
N LYS C 453 37.61 15.48 23.09
CA LYS C 453 37.70 16.82 22.58
C LYS C 453 38.68 16.80 21.37
N ILE C 454 38.50 17.69 20.39
CA ILE C 454 39.39 17.72 19.25
C ILE C 454 40.83 17.79 19.75
N SER C 455 41.08 18.44 20.90
CA SER C 455 42.44 18.55 21.47
C SER C 455 42.91 17.26 22.13
N ASP C 456 41.98 16.47 22.63
CA ASP C 456 42.34 15.15 23.09
C ASP C 456 42.89 14.33 21.93
N PHE C 457 42.52 14.68 20.71
CA PHE C 457 43.11 14.02 19.56
C PHE C 457 44.43 14.59 19.14
N TYR C 458 44.56 15.90 18.88
CA TYR C 458 45.85 16.42 18.44
CA TYR C 458 45.85 16.42 18.44
C TYR C 458 46.98 16.24 19.46
N ASN C 459 46.66 16.32 20.73
CA ASN C 459 47.63 16.14 21.81
C ASN C 459 48.21 14.70 21.96
N THR C 460 47.51 13.70 21.44
CA THR C 460 48.05 12.36 21.43
C THR C 460 49.06 12.24 20.27
N ILE C 461 50.19 11.61 20.58
CA ILE C 461 51.32 11.47 19.69
C ILE C 461 51.07 10.34 18.70
N GLY C 462 51.33 10.62 17.43
CA GLY C 462 50.96 9.76 16.37
C GLY C 462 51.89 8.57 16.25
N VAL C 463 51.33 7.51 15.68
CA VAL C 463 52.10 6.34 15.24
C VAL C 463 52.42 6.51 13.75
N HIS C 464 53.68 6.39 13.41
CA HIS C 464 54.14 6.78 12.09
C HIS C 464 54.95 5.61 11.60
N PRO C 465 54.68 5.18 10.35
CA PRO C 465 53.70 5.73 9.45
C PRO C 465 52.42 4.88 9.32
N THR C 466 51.29 5.56 9.46
CA THR C 466 49.99 5.00 9.49
C THR C 466 49.13 6.09 8.88
N SER C 467 47.96 5.69 8.40
CA SER C 467 46.92 6.61 7.99
C SER C 467 46.30 7.19 9.24
N ALA C 468 45.90 6.29 10.14
CA ALA C 468 45.34 6.71 11.44
C ALA C 468 45.94 8.02 11.98
N GLU C 469 47.26 8.22 11.87
CA GLU C 469 47.94 9.32 12.58
C GLU C 469 47.42 10.65 12.18
N GLU C 470 46.66 10.68 11.08
CA GLU C 470 46.08 11.90 10.55
C GLU C 470 45.00 12.39 11.49
N LEU C 471 44.27 11.47 12.09
CA LEU C 471 43.37 11.79 13.18
C LEU C 471 44.03 12.46 14.34
N CYS C 472 45.35 12.40 14.41
CA CYS C 472 46.04 12.94 15.55
C CYS C 472 46.90 14.11 15.16
N SER C 473 46.67 14.63 13.95
CA SER C 473 47.45 15.78 13.45
C SER C 473 46.61 16.85 12.73
N MET C 474 45.38 17.00 13.21
CA MET C 474 44.52 18.08 12.77
C MET C 474 44.15 19.01 13.91
N ARG C 475 44.59 20.26 13.81
CA ARG C 475 44.27 21.23 14.84
C ARG C 475 43.46 22.47 14.37
N THR C 476 43.46 22.75 13.08
CA THR C 476 42.81 23.93 12.52
C THR C 476 41.65 23.55 11.63
N PRO C 477 40.43 24.06 11.90
CA PRO C 477 39.32 23.59 11.02
C PRO C 477 39.49 24.00 9.55
N SER C 478 38.87 23.22 8.64
CA SER C 478 38.95 23.51 7.21
C SER C 478 37.80 24.42 6.90
N TYR C 479 36.73 24.28 7.68
CA TYR C 479 35.59 25.16 7.56
C TYR C 479 34.64 24.90 8.73
N TYR C 480 33.48 25.55 8.69
CA TYR C 480 32.62 25.61 9.86
C TYR C 480 31.17 25.56 9.42
N TYR C 481 30.27 25.37 10.37
CA TYR C 481 28.90 25.70 10.14
C TYR C 481 28.54 26.61 11.27
N VAL C 482 28.16 27.84 10.92
CA VAL C 482 27.62 28.78 11.88
C VAL C 482 26.11 28.77 11.86
N LYS C 483 25.53 28.40 13.00
CA LYS C 483 24.07 28.43 13.18
C LYS C 483 23.34 28.06 11.89
N GLY C 484 23.65 26.89 11.35
CA GLY C 484 23.08 26.50 10.07
C GLY C 484 24.03 26.63 8.90
N GLU C 485 24.60 27.82 8.68
CA GLU C 485 25.31 28.02 7.43
C GLU C 485 26.82 27.74 7.42
N LYS C 486 27.21 27.01 6.38
CA LYS C 486 28.59 26.67 6.12
C LYS C 486 29.42 27.90 5.78
N MET C 487 30.56 28.05 6.43
CA MET C 487 31.53 29.06 6.00
C MET C 487 32.94 28.71 6.46
N GLU C 488 33.91 29.57 6.12
CA GLU C 488 35.26 29.52 6.74
C GLU C 488 35.51 30.84 7.51
N LYS C 489 34.71 31.04 8.56
CA LYS C 489 34.92 32.10 9.55
C LYS C 489 35.79 31.52 10.67
N SER D 2 86.51 43.76 7.55
CA SER D 2 85.47 42.91 8.29
C SER D 2 83.99 43.10 7.97
N HIS D 3 83.19 42.07 8.27
CA HIS D 3 81.75 42.09 7.94
C HIS D 3 80.97 41.02 8.73
N MET D 4 79.67 41.28 8.95
CA MET D 4 78.85 40.50 9.90
C MET D 4 78.56 39.09 9.48
N SER D 5 78.54 38.20 10.48
CA SER D 5 78.06 36.84 10.37
C SER D 5 76.55 36.92 10.29
N LYS D 6 75.97 36.02 9.51
CA LYS D 6 74.51 35.82 9.44
C LYS D 6 73.92 35.48 10.81
N ALA D 7 72.81 36.13 11.14
CA ALA D 7 72.27 36.20 12.51
C ALA D 7 70.88 35.68 12.59
N PHE D 8 70.65 34.85 13.63
CA PHE D 8 69.44 34.06 13.77
C PHE D 8 68.96 34.01 15.20
N ASP D 9 67.65 33.86 15.36
CA ASP D 9 67.06 33.72 16.67
C ASP D 9 67.34 32.31 17.03
N LEU D 10 67.25 31.43 16.03
CA LEU D 10 67.47 30.00 16.27
C LEU D 10 68.27 29.33 15.21
N VAL D 11 69.26 28.56 15.66
CA VAL D 11 70.02 27.75 14.74
C VAL D 11 69.81 26.34 15.23
N VAL D 12 69.36 25.50 14.31
CA VAL D 12 69.12 24.08 14.54
C VAL D 12 70.14 23.30 13.75
N ILE D 13 70.88 22.42 14.43
CA ILE D 13 71.77 21.43 13.77
C ILE D 13 71.00 20.08 13.52
N GLY D 14 70.86 19.69 12.25
CA GLY D 14 70.08 18.51 11.83
C GLY D 14 68.69 18.84 11.28
N ALA D 15 68.48 18.58 10.02
CA ALA D 15 67.21 18.94 9.40
C ALA D 15 66.27 17.75 9.36
N GLY D 16 66.01 17.19 10.54
CA GLY D 16 65.27 15.94 10.68
C GLY D 16 63.95 16.10 11.41
N SER D 17 63.48 15.00 11.99
CA SER D 17 62.11 14.95 12.41
C SER D 17 61.79 16.02 13.41
N GLY D 18 62.74 16.34 14.27
CA GLY D 18 62.48 17.25 15.37
C GLY D 18 62.87 18.68 15.01
N GLY D 19 64.13 18.81 14.59
CA GLY D 19 64.68 20.07 14.12
C GLY D 19 63.79 20.78 13.11
N LEU D 20 63.25 20.03 12.14
CA LEU D 20 62.40 20.61 11.11
C LEU D 20 61.08 21.08 11.66
N GLU D 21 60.50 20.37 12.64
CA GLU D 21 59.27 20.86 13.24
C GLU D 21 59.56 22.10 14.04
N ALA D 22 60.67 22.13 14.73
CA ALA D 22 61.00 23.29 15.52
C ALA D 22 61.24 24.51 14.61
N GLY D 23 62.12 24.34 13.62
CA GLY D 23 62.51 25.41 12.71
C GLY D 23 61.31 25.97 12.05
N TRP D 24 60.46 25.08 11.55
CA TRP D 24 59.19 25.46 10.95
C TRP D 24 58.30 26.21 11.92
N ASN D 25 58.10 25.68 13.12
CA ASN D 25 57.18 26.31 14.06
C ASN D 25 57.57 27.71 14.45
N ALA D 26 58.88 27.90 14.66
CA ALA D 26 59.46 29.18 15.01
C ALA D 26 59.40 30.19 13.87
N ALA D 27 59.57 29.73 12.62
CA ALA D 27 59.56 30.63 11.46
C ALA D 27 58.12 31.07 11.05
N THR D 28 57.21 30.11 11.03
CA THR D 28 55.88 30.37 10.53
C THR D 28 54.91 30.82 11.62
N LEU D 29 55.25 30.61 12.90
CA LEU D 29 54.32 30.97 14.01
C LEU D 29 54.89 31.91 15.07
N TYR D 30 56.18 32.22 15.07
CA TYR D 30 56.65 33.25 16.02
C TYR D 30 57.41 34.38 15.29
N GLY D 31 57.38 34.30 13.96
CA GLY D 31 58.05 35.23 13.05
C GLY D 31 59.56 35.36 13.20
N LYS D 32 60.22 34.22 13.45
CA LYS D 32 61.64 34.21 13.82
C LYS D 32 62.57 33.93 12.64
N ARG D 33 63.86 34.29 12.76
CA ARG D 33 64.78 33.88 11.72
C ARG D 33 65.62 32.66 12.21
N VAL D 34 65.57 31.60 11.39
CA VAL D 34 65.92 30.27 11.80
C VAL D 34 66.87 29.67 10.79
N ALA D 35 67.99 29.13 11.27
CA ALA D 35 68.95 28.43 10.43
C ALA D 35 68.86 26.97 10.73
N VAL D 36 68.76 26.15 9.68
CA VAL D 36 68.83 24.68 9.81
C VAL D 36 70.00 24.13 8.98
N VAL D 37 70.91 23.48 9.68
CA VAL D 37 72.08 22.85 9.07
C VAL D 37 71.81 21.37 8.87
N ASP D 38 72.15 20.79 7.73
CA ASP D 38 72.17 19.34 7.61
C ASP D 38 73.24 19.02 6.55
N VAL D 39 73.71 17.75 6.57
CA VAL D 39 74.93 17.35 5.86
C VAL D 39 74.77 16.90 4.39
N GLN D 40 73.54 16.84 3.88
CA GLN D 40 73.26 16.57 2.46
C GLN D 40 71.86 17.06 2.24
N THR D 41 71.51 17.36 0.99
CA THR D 41 70.19 17.89 0.63
C THR D 41 69.26 16.85 0.07
N SER D 42 69.79 15.67 -0.24
CA SER D 42 68.97 14.55 -0.69
C SER D 42 69.58 13.23 -0.22
N HIS D 43 68.80 12.16 -0.25
CA HIS D 43 69.12 10.94 0.49
C HIS D 43 70.30 10.19 -0.11
N GLY D 44 70.95 9.34 0.70
CA GLY D 44 71.89 8.34 0.16
C GLY D 44 73.31 8.36 0.69
N PRO D 45 74.18 7.50 0.14
CA PRO D 45 75.61 7.58 0.48
C PRO D 45 76.15 8.91 0.00
N PRO D 46 77.16 9.45 0.68
CA PRO D 46 77.88 8.83 1.82
C PRO D 46 77.24 8.97 3.21
N PHE D 47 76.22 9.80 3.40
CA PHE D 47 75.84 10.11 4.79
C PHE D 47 74.41 9.71 5.06
N TYR D 48 73.77 9.13 4.05
CA TYR D 48 72.44 8.50 4.19
C TYR D 48 71.32 9.45 4.68
N ALA D 49 71.42 9.94 5.92
CA ALA D 49 70.51 10.98 6.40
C ALA D 49 70.80 12.31 5.64
N ALA D 50 69.77 13.16 5.55
CA ALA D 50 69.85 14.38 4.80
C ALA D 50 68.68 15.28 5.20
N LEU D 51 68.44 16.36 4.46
CA LEU D 51 67.22 17.15 4.54
C LEU D 51 66.06 16.19 4.70
N GLY D 52 65.28 16.37 5.77
CA GLY D 52 64.17 15.43 6.09
C GLY D 52 64.47 14.50 7.25
N GLY D 53 65.75 14.23 7.47
CA GLY D 53 66.15 13.38 8.56
C GLY D 53 66.08 11.87 8.29
N THR D 54 66.34 11.10 9.35
CA THR D 54 66.45 9.67 9.35
C THR D 54 65.12 9.08 8.90
N CYS D 55 64.06 9.38 9.65
CA CYS D 55 62.74 8.91 9.24
C CYS D 55 62.51 8.96 7.72
N VAL D 56 62.89 10.05 7.07
CA VAL D 56 62.56 10.29 5.68
C VAL D 56 63.52 9.59 4.72
N ASN D 57 64.80 9.70 4.97
CA ASN D 57 65.74 9.18 4.04
C ASN D 57 66.10 7.71 4.27
N VAL D 58 66.20 7.29 5.55
CA VAL D 58 66.66 5.94 5.89
C VAL D 58 65.95 5.34 7.09
N GLY D 59 64.64 5.55 7.13
CA GLY D 59 63.82 5.08 8.24
C GLY D 59 62.38 4.76 7.91
N CYS D 60 61.49 5.29 8.76
CA CYS D 60 60.09 4.96 8.76
C CYS D 60 59.58 4.97 7.33
N VAL D 61 59.75 6.09 6.63
CA VAL D 61 59.15 6.17 5.30
C VAL D 61 59.63 5.10 4.32
N PRO D 62 60.95 5.04 3.98
CA PRO D 62 61.33 4.04 2.98
C PRO D 62 61.19 2.60 3.46
N LYS D 63 61.37 2.32 4.76
CA LYS D 63 61.24 0.92 5.23
C LYS D 63 59.81 0.42 5.07
N LYS D 64 58.84 1.32 5.28
CA LYS D 64 57.41 1.02 5.22
C LYS D 64 57.05 0.67 3.81
N LEU D 65 57.64 1.41 2.85
CA LEU D 65 57.52 1.03 1.43
C LEU D 65 58.08 -0.35 1.21
N MET D 66 59.25 -0.61 1.78
CA MET D 66 59.87 -1.90 1.60
C MET D 66 59.08 -3.01 2.27
N VAL D 67 58.45 -2.73 3.42
CA VAL D 67 57.61 -3.74 4.10
C VAL D 67 56.31 -4.01 3.28
N THR D 68 55.72 -2.94 2.73
CA THR D 68 54.64 -3.09 1.74
C THR D 68 55.07 -3.92 0.50
N GLY D 69 56.22 -3.57 -0.06
CA GLY D 69 56.87 -4.40 -1.06
C GLY D 69 56.96 -5.85 -0.60
N ALA D 70 57.39 -6.09 0.63
CA ALA D 70 57.47 -7.45 1.11
C ALA D 70 56.11 -8.15 1.19
N GLN D 71 55.08 -7.45 1.66
CA GLN D 71 53.79 -8.10 1.94
C GLN D 71 53.18 -8.81 0.71
N TYR D 72 53.65 -8.48 -0.48
CA TYR D 72 53.13 -9.11 -1.67
C TYR D 72 53.52 -10.57 -1.75
N MET D 73 54.63 -10.96 -1.15
CA MET D 73 54.92 -12.38 -1.03
C MET D 73 53.78 -13.06 -0.33
N ASP D 74 53.40 -12.58 0.86
CA ASP D 74 52.19 -13.10 1.51
C ASP D 74 50.94 -13.02 0.61
N HIS D 75 50.55 -11.82 0.23
CA HIS D 75 49.40 -11.63 -0.63
C HIS D 75 49.26 -12.67 -1.78
N LEU D 76 50.28 -12.76 -2.65
CA LEU D 76 50.20 -13.61 -3.83
C LEU D 76 49.92 -15.05 -3.45
N ARG D 77 50.52 -15.49 -2.35
CA ARG D 77 50.35 -16.88 -1.92
C ARG D 77 48.92 -17.04 -1.38
N GLU D 78 48.56 -16.10 -0.51
CA GLU D 78 47.30 -16.15 0.20
C GLU D 78 46.03 -15.99 -0.65
N SER D 79 46.18 -15.56 -1.90
CA SER D 79 45.02 -15.31 -2.73
C SER D 79 44.41 -16.58 -3.30
N ALA D 80 45.18 -17.67 -3.38
CA ALA D 80 44.66 -18.90 -3.98
C ALA D 80 43.43 -19.33 -3.21
N GLY D 81 43.45 -19.12 -1.88
CA GLY D 81 42.36 -19.53 -1.00
C GLY D 81 41.06 -18.85 -1.36
N PHE D 82 41.17 -17.67 -1.95
CA PHE D 82 40.04 -16.88 -2.37
C PHE D 82 39.80 -17.05 -3.87
N GLY D 83 40.49 -18.01 -4.47
CA GLY D 83 40.20 -18.41 -5.81
C GLY D 83 41.04 -17.81 -6.91
N TRP D 84 42.11 -17.08 -6.57
CA TRP D 84 42.94 -16.47 -7.61
C TRP D 84 43.92 -17.45 -8.25
N GLU D 85 43.99 -17.44 -9.57
CA GLU D 85 44.81 -18.41 -10.25
C GLU D 85 45.78 -17.71 -11.15
N PHE D 86 47.02 -18.17 -11.17
CA PHE D 86 47.99 -17.63 -12.11
C PHE D 86 49.19 -18.52 -12.09
N ASP D 87 50.17 -18.16 -12.90
CA ASP D 87 51.31 -19.02 -13.09
C ASP D 87 52.32 -18.76 -11.98
N GLY D 88 52.25 -19.53 -10.92
CA GLY D 88 53.18 -19.40 -9.77
C GLY D 88 54.67 -19.49 -10.08
N SER D 89 55.01 -20.33 -11.06
CA SER D 89 56.36 -20.47 -11.59
C SER D 89 56.88 -19.16 -12.21
N SER D 90 55.97 -18.30 -12.70
CA SER D 90 56.39 -17.00 -13.35
C SER D 90 56.76 -15.83 -12.42
N VAL D 91 56.72 -16.09 -11.10
CA VAL D 91 56.78 -15.02 -10.11
C VAL D 91 58.19 -14.78 -9.63
N LYS D 92 58.65 -13.53 -9.80
CA LYS D 92 59.95 -13.11 -9.30
C LYS D 92 59.88 -11.72 -8.62
N ALA D 93 60.67 -11.57 -7.56
CA ALA D 93 60.69 -10.37 -6.72
C ALA D 93 61.89 -9.52 -7.10
N ASN D 94 61.63 -8.36 -7.68
CA ASN D 94 62.66 -7.52 -8.22
C ASN D 94 63.04 -6.39 -7.25
N TRP D 95 64.12 -6.64 -6.53
CA TRP D 95 64.72 -5.68 -5.64
C TRP D 95 65.12 -4.38 -6.40
N LYS D 96 66.01 -4.49 -7.40
CA LYS D 96 66.48 -3.29 -8.14
C LYS D 96 65.33 -2.33 -8.26
N LYS D 97 64.24 -2.84 -8.86
CA LYS D 97 63.06 -2.06 -9.17
C LYS D 97 62.33 -1.53 -7.91
N LEU D 98 62.31 -2.29 -6.82
CA LEU D 98 61.78 -1.77 -5.55
C LEU D 98 62.61 -0.58 -5.06
N ILE D 99 63.93 -0.75 -5.00
CA ILE D 99 64.82 0.29 -4.50
C ILE D 99 64.72 1.56 -5.32
N ALA D 100 64.59 1.40 -6.64
CA ALA D 100 64.53 2.51 -7.55
C ALA D 100 63.22 3.27 -7.30
N ALA D 101 62.16 2.54 -6.96
CA ALA D 101 60.88 3.17 -6.55
C ALA D 101 61.04 3.92 -5.24
N LYS D 102 61.44 3.22 -4.19
CA LYS D 102 61.66 3.84 -2.91
C LYS D 102 62.53 5.07 -3.10
N ASN D 103 63.55 4.96 -3.94
CA ASN D 103 64.49 6.08 -4.11
C ASN D 103 63.91 7.38 -4.54
N GLU D 104 63.09 7.35 -5.60
CA GLU D 104 62.69 8.60 -6.20
C GLU D 104 61.52 9.15 -5.43
N ALA D 105 60.89 8.28 -4.69
CA ALA D 105 59.89 8.70 -3.77
C ALA D 105 60.58 9.45 -2.64
N VAL D 106 61.75 8.99 -2.20
CA VAL D 106 62.37 9.69 -1.09
C VAL D 106 62.85 11.05 -1.60
N LEU D 107 63.58 11.01 -2.74
CA LEU D 107 63.97 12.21 -3.50
C LEU D 107 62.85 13.25 -3.64
N ASP D 108 61.62 12.84 -4.00
CA ASP D 108 60.53 13.84 -4.06
C ASP D 108 60.35 14.50 -2.70
N ILE D 109 60.48 13.74 -1.60
CA ILE D 109 60.34 14.35 -0.27
C ILE D 109 61.51 15.30 -0.02
N ASN D 110 62.73 14.91 -0.39
CA ASN D 110 63.85 15.82 -0.27
C ASN D 110 63.56 17.09 -1.07
N LYS D 111 63.21 16.91 -2.33
CA LYS D 111 63.11 18.04 -3.24
C LYS D 111 61.99 18.97 -2.76
N SER D 112 60.94 18.35 -2.24
CA SER D 112 59.78 19.01 -1.72
C SER D 112 60.06 19.86 -0.49
N TYR D 113 60.92 19.39 0.41
CA TYR D 113 61.33 20.19 1.55
C TYR D 113 62.37 21.27 1.21
N GLU D 114 63.15 21.04 0.14
CA GLU D 114 64.04 22.08 -0.37
C GLU D 114 63.18 23.26 -0.78
N GLY D 115 62.16 22.99 -1.60
CA GLY D 115 61.24 24.01 -2.05
C GLY D 115 60.52 24.73 -0.93
N MET D 116 60.29 24.06 0.19
CA MET D 116 59.58 24.71 1.27
C MET D 116 60.52 25.61 2.05
N PHE D 117 61.81 25.31 2.08
CA PHE D 117 62.76 26.28 2.61
C PHE D 117 62.82 27.53 1.70
N ASN D 118 62.98 27.29 0.39
CA ASN D 118 63.07 28.38 -0.54
C ASN D 118 61.84 29.26 -0.46
N ASP D 119 60.67 28.66 -0.29
CA ASP D 119 59.43 29.43 -0.20
C ASP D 119 59.06 30.06 1.17
N THR D 120 59.75 29.73 2.26
CA THR D 120 59.35 30.22 3.57
C THR D 120 60.34 31.28 4.08
N GLU D 121 59.84 32.50 4.18
CA GLU D 121 60.66 33.61 4.57
C GLU D 121 60.97 33.41 6.06
N GLY D 122 62.24 33.59 6.45
CA GLY D 122 62.66 33.27 7.82
C GLY D 122 63.17 31.84 8.10
N LEU D 123 63.17 30.99 7.06
CA LEU D 123 63.68 29.64 7.19
C LEU D 123 64.70 29.42 6.09
N ASP D 124 65.96 29.29 6.48
CA ASP D 124 67.04 28.98 5.52
C ASP D 124 67.84 27.74 5.92
N PHE D 125 68.24 27.02 4.90
CA PHE D 125 69.02 25.82 5.05
C PHE D 125 70.51 26.10 4.77
N PHE D 126 71.37 25.34 5.42
CA PHE D 126 72.81 25.42 5.22
C PHE D 126 73.34 24.00 5.14
N LEU D 127 74.00 23.67 4.02
CA LEU D 127 74.59 22.36 3.78
C LEU D 127 75.95 22.35 4.38
N GLY D 128 76.17 21.42 5.31
CA GLY D 128 77.47 21.18 5.90
C GLY D 128 77.39 20.52 7.28
N TRP D 129 78.53 20.42 7.92
CA TRP D 129 78.62 19.89 9.25
C TRP D 129 78.63 21.02 10.27
N GLY D 130 77.63 21.08 11.14
CA GLY D 130 77.57 22.08 12.17
C GLY D 130 78.24 21.63 13.45
N SER D 131 78.88 22.55 14.15
CA SER D 131 79.38 22.28 15.51
C SER D 131 79.33 23.52 16.36
N LEU D 132 79.65 23.40 17.64
CA LEU D 132 79.63 24.55 18.57
C LEU D 132 81.00 25.25 18.78
N GLU D 133 81.21 26.42 18.19
CA GLU D 133 82.45 27.13 18.50
C GLU D 133 82.26 27.76 19.86
N SER D 134 81.10 28.35 20.05
CA SER D 134 80.83 28.79 21.37
C SER D 134 79.35 28.99 21.50
N LYS D 135 78.96 29.41 22.70
CA LYS D 135 77.62 29.32 23.26
C LYS D 135 76.58 30.02 22.39
N ASN D 136 77.01 30.82 21.44
CA ASN D 136 76.08 31.55 20.58
C ASN D 136 76.60 31.61 19.15
N VAL D 137 77.65 30.83 18.89
CA VAL D 137 78.24 30.74 17.58
C VAL D 137 78.07 29.30 17.16
N VAL D 138 77.57 29.05 15.95
CA VAL D 138 77.56 27.70 15.36
C VAL D 138 78.32 27.72 14.05
N VAL D 139 79.36 26.91 13.95
CA VAL D 139 80.18 26.85 12.76
C VAL D 139 79.65 25.76 11.86
N VAL D 140 79.59 26.04 10.58
CA VAL D 140 79.22 25.06 9.59
C VAL D 140 80.50 24.73 8.83
N ARG D 141 80.96 23.49 8.90
CA ARG D 141 82.23 23.14 8.31
C ARG D 141 82.07 22.26 7.09
N GLU D 142 83.09 22.19 6.26
CA GLU D 142 83.06 21.27 5.14
C GLU D 142 82.85 19.76 5.42
N THR D 143 83.40 19.21 6.50
CA THR D 143 83.20 17.78 6.83
C THR D 143 83.14 17.60 8.32
N ALA D 144 83.10 16.35 8.78
CA ALA D 144 82.90 16.04 10.18
C ALA D 144 84.17 16.27 10.95
N ASP D 145 85.26 16.31 10.20
CA ASP D 145 86.56 16.66 10.69
C ASP D 145 86.59 18.15 11.10
N PRO D 146 86.89 18.44 12.38
CA PRO D 146 87.00 19.85 12.82
C PRO D 146 88.13 20.66 12.21
N LYS D 147 89.00 20.06 11.42
CA LYS D 147 90.02 20.81 10.69
C LYS D 147 89.57 21.09 9.23
N SER D 148 88.41 20.55 8.82
CA SER D 148 87.87 20.91 7.52
C SER D 148 87.57 22.42 7.46
N ALA D 149 87.56 22.96 6.26
CA ALA D 149 87.43 24.39 6.08
C ALA D 149 86.10 24.81 6.64
N VAL D 150 86.13 25.84 7.47
CA VAL D 150 84.90 26.53 7.84
C VAL D 150 84.18 26.95 6.57
N LYS D 151 82.86 26.81 6.56
CA LYS D 151 82.03 27.29 5.47
C LYS D 151 81.41 28.66 5.84
N GLU D 152 80.77 28.75 6.99
CA GLU D 152 80.11 29.98 7.48
C GLU D 152 80.06 29.87 9.00
N ARG D 153 80.13 31.04 9.65
CA ARG D 153 79.86 31.16 11.07
C ARG D 153 78.45 31.70 11.25
N LEU D 154 77.71 31.12 12.19
CA LEU D 154 76.32 31.46 12.38
C LEU D 154 76.09 31.96 13.79
N GLN D 155 75.66 33.20 13.90
CA GLN D 155 75.42 33.78 15.17
C GLN D 155 74.01 33.37 15.47
N ALA D 156 73.78 32.88 16.68
CA ALA D 156 72.49 32.35 17.08
C ALA D 156 72.17 32.71 18.51
N ASP D 157 70.97 33.24 18.74
CA ASP D 157 70.52 33.50 20.12
C ASP D 157 70.25 32.20 20.89
N HIS D 158 69.67 31.22 20.20
CA HIS D 158 69.32 29.94 20.77
C HIS D 158 69.85 28.91 19.80
N ILE D 159 70.25 27.76 20.31
CA ILE D 159 70.81 26.67 19.52
C ILE D 159 70.09 25.34 19.80
N LEU D 160 69.71 24.63 18.73
CA LEU D 160 68.92 23.38 18.85
C LEU D 160 69.71 22.24 18.30
N LEU D 161 70.06 21.35 19.21
CA LEU D 161 70.79 20.12 18.84
C LEU D 161 69.80 19.02 18.48
N ALA D 162 69.63 18.77 17.19
CA ALA D 162 68.69 17.74 16.72
C ALA D 162 69.32 16.85 15.68
N THR D 163 70.56 16.41 15.96
CA THR D 163 71.34 15.48 15.09
C THR D 163 70.95 13.98 15.10
N GLY D 164 70.05 13.57 15.99
CA GLY D 164 69.55 12.19 15.98
C GLY D 164 70.57 11.15 16.45
N SER D 165 70.51 9.99 15.81
CA SER D 165 71.27 8.82 16.21
C SER D 165 71.89 8.07 15.02
N TRP D 166 72.77 7.13 15.32
CA TRP D 166 73.54 6.41 14.32
C TRP D 166 73.69 4.95 14.80
N PRO D 167 73.86 4.00 13.87
CA PRO D 167 73.97 2.61 14.27
C PRO D 167 75.19 2.34 15.17
N GLN D 168 74.94 1.52 16.19
CA GLN D 168 75.98 1.09 17.10
C GLN D 168 76.71 -0.14 16.54
N MET D 169 78.01 0.01 16.32
CA MET D 169 78.79 -1.04 15.72
C MET D 169 79.71 -1.56 16.78
N PRO D 170 79.48 -2.78 17.23
CA PRO D 170 80.33 -3.31 18.28
C PRO D 170 81.81 -3.40 17.80
N ALA D 171 82.77 -3.14 18.69
CA ALA D 171 84.16 -3.36 18.30
C ALA D 171 84.47 -4.85 18.37
N ILE D 172 84.35 -5.50 17.21
CA ILE D 172 84.75 -6.88 17.08
C ILE D 172 85.73 -6.97 15.92
N PRO D 173 86.67 -7.96 15.95
CA PRO D 173 87.39 -8.25 14.69
C PRO D 173 86.41 -8.46 13.49
N GLY D 174 86.64 -7.70 12.43
CA GLY D 174 85.91 -7.90 11.19
C GLY D 174 84.69 -6.98 11.04
N ILE D 175 84.57 -6.00 11.94
CA ILE D 175 83.38 -5.15 11.96
C ILE D 175 83.28 -4.36 10.66
N GLU D 176 84.42 -3.99 10.09
CA GLU D 176 84.44 -3.42 8.73
C GLU D 176 83.79 -4.29 7.65
N HIS D 177 83.65 -5.60 7.90
CA HIS D 177 82.99 -6.52 6.93
C HIS D 177 81.43 -6.50 7.04
N CYS D 178 80.94 -5.70 7.99
CA CYS D 178 79.54 -5.65 8.28
C CYS D 178 78.87 -4.43 7.61
N ILE D 179 77.53 -4.39 7.63
CA ILE D 179 76.79 -3.16 7.27
C ILE D 179 75.79 -2.80 8.33
N SER D 180 75.00 -1.77 8.02
CA SER D 180 74.01 -1.26 8.94
C SER D 180 72.74 -0.99 8.19
N SER D 181 71.69 -0.60 8.91
CA SER D 181 70.44 -0.23 8.27
C SER D 181 70.69 0.71 7.09
N ASN D 182 71.65 1.60 7.26
CA ASN D 182 71.98 2.61 6.27
C ASN D 182 72.24 2.02 4.89
N GLU D 183 73.21 1.09 4.85
CA GLU D 183 73.62 0.46 3.60
C GLU D 183 72.56 -0.49 3.08
N ALA D 184 71.80 -1.10 3.98
CA ALA D 184 70.73 -2.02 3.55
C ALA D 184 69.84 -1.36 2.53
N PHE D 185 69.51 -0.10 2.79
CA PHE D 185 68.63 0.64 1.89
C PHE D 185 69.15 0.76 0.45
N TYR D 186 70.43 0.43 0.22
CA TYR D 186 71.10 0.66 -1.08
C TYR D 186 71.84 -0.56 -1.64
N LEU D 187 71.56 -1.74 -1.11
CA LEU D 187 72.22 -2.91 -1.68
C LEU D 187 71.83 -2.87 -3.12
N PRO D 188 72.77 -3.15 -4.03
CA PRO D 188 72.39 -3.06 -5.44
C PRO D 188 71.60 -4.28 -5.85
N GLU D 189 71.85 -5.42 -5.18
CA GLU D 189 71.04 -6.61 -5.43
C GLU D 189 70.71 -7.37 -4.13
N PRO D 190 69.61 -8.15 -4.14
CA PRO D 190 69.10 -8.71 -2.88
C PRO D 190 70.04 -9.73 -2.30
N PRO D 191 70.40 -9.58 -1.03
CA PRO D 191 71.35 -10.57 -0.48
C PRO D 191 70.75 -11.97 -0.46
N ARG D 192 71.57 -13.01 -0.63
CA ARG D 192 71.01 -14.37 -0.79
C ARG D 192 70.94 -15.02 0.55
N ARG D 193 72.04 -14.94 1.30
CA ARG D 193 71.95 -15.18 2.73
C ARG D 193 72.30 -13.85 3.42
N VAL D 194 71.42 -13.44 4.31
CA VAL D 194 71.72 -12.34 5.19
C VAL D 194 71.57 -12.76 6.64
N LEU D 195 72.38 -12.16 7.49
CA LEU D 195 72.21 -12.24 8.94
C LEU D 195 72.06 -10.82 9.46
N THR D 196 70.87 -10.54 9.99
CA THR D 196 70.64 -9.34 10.76
C THR D 196 70.99 -9.60 12.23
N VAL D 197 71.82 -8.74 12.78
CA VAL D 197 72.20 -8.89 14.15
C VAL D 197 71.35 -7.95 15.00
N GLY D 198 70.49 -8.50 15.84
CA GLY D 198 69.72 -7.70 16.77
C GLY D 198 68.31 -8.24 16.86
N GLY D 199 67.75 -8.26 18.05
CA GLY D 199 66.37 -8.71 18.21
C GLY D 199 65.37 -7.57 18.31
N GLY D 200 65.80 -6.34 17.95
CA GLY D 200 64.96 -5.13 18.01
C GLY D 200 64.15 -4.81 16.76
N PHE D 201 63.35 -3.74 16.81
CA PHE D 201 62.42 -3.42 15.70
C PHE D 201 63.01 -3.29 14.26
N ILE D 202 64.17 -2.67 14.10
CA ILE D 202 64.80 -2.61 12.75
C ILE D 202 65.21 -4.01 12.20
N SER D 203 65.74 -4.86 13.06
CA SER D 203 66.21 -6.19 12.63
C SER D 203 65.07 -7.11 12.18
N VAL D 204 64.19 -7.40 13.12
CA VAL D 204 62.92 -8.02 12.82
C VAL D 204 62.34 -7.46 11.53
N GLU D 205 62.39 -6.14 11.31
CA GLU D 205 61.78 -5.57 10.11
C GLU D 205 62.53 -5.87 8.83
N PHE D 206 63.82 -5.60 8.84
CA PHE D 206 64.59 -5.92 7.65
C PHE D 206 64.57 -7.39 7.26
N ALA D 207 64.52 -8.26 8.26
CA ALA D 207 64.41 -9.70 8.06
C ALA D 207 63.26 -10.03 7.11
N GLY D 208 62.08 -9.51 7.38
CA GLY D 208 60.94 -9.81 6.50
C GLY D 208 61.13 -9.22 5.10
N ILE D 209 61.86 -8.13 5.03
CA ILE D 209 62.08 -7.48 3.79
C ILE D 209 62.94 -8.41 2.95
N PHE D 210 64.05 -8.82 3.54
CA PHE D 210 65.00 -9.65 2.81
C PHE D 210 64.35 -10.99 2.52
N ASN D 211 63.52 -11.44 3.46
CA ASN D 211 62.80 -12.69 3.34
C ASN D 211 61.98 -12.76 2.07
N ALA D 212 61.29 -11.66 1.77
CA ALA D 212 60.46 -11.56 0.57
C ALA D 212 61.28 -11.43 -0.72
N TYR D 213 62.42 -10.75 -0.67
CA TYR D 213 63.09 -10.42 -1.92
C TYR D 213 64.33 -11.21 -2.25
N LYS D 214 64.78 -12.04 -1.30
CA LYS D 214 65.93 -12.93 -1.56
C LYS D 214 65.65 -13.79 -2.79
N PRO D 215 66.70 -14.14 -3.55
CA PRO D 215 66.58 -15.02 -4.72
C PRO D 215 66.61 -16.56 -4.39
N PRO D 216 66.46 -17.44 -5.43
CA PRO D 216 66.82 -18.86 -5.31
C PRO D 216 66.79 -19.58 -3.93
N GLY D 217 67.80 -20.34 -3.59
CA GLY D 217 67.73 -21.07 -2.33
C GLY D 217 68.29 -20.14 -1.30
N GLY D 218 67.54 -19.09 -1.01
CA GLY D 218 68.00 -18.01 -0.15
C GLY D 218 67.52 -18.25 1.24
N LYS D 219 68.17 -17.60 2.20
CA LYS D 219 67.98 -17.86 3.60
C LYS D 219 68.24 -16.57 4.38
N VAL D 220 67.33 -16.25 5.30
CA VAL D 220 67.47 -15.09 6.17
C VAL D 220 67.60 -15.57 7.62
N THR D 221 68.67 -15.17 8.29
CA THR D 221 68.86 -15.54 9.68
C THR D 221 68.91 -14.24 10.48
N LEU D 222 68.13 -14.15 11.56
CA LEU D 222 68.24 -13.04 12.51
C LEU D 222 68.86 -13.64 13.77
N CYS D 223 69.83 -12.97 14.39
CA CYS D 223 70.33 -13.42 15.70
C CYS D 223 70.14 -12.38 16.85
N TYR D 224 69.97 -12.86 18.09
CA TYR D 224 69.82 -12.00 19.30
C TYR D 224 70.66 -12.49 20.47
N ARG D 225 71.37 -11.59 21.15
CA ARG D 225 72.16 -11.96 22.33
C ARG D 225 71.37 -12.59 23.53
N ASN D 226 70.03 -12.47 23.57
CA ASN D 226 69.25 -13.02 24.70
C ASN D 226 68.18 -14.01 24.30
N ASN D 227 67.38 -14.51 25.24
CA ASN D 227 66.42 -15.58 24.94
C ASN D 227 65.42 -15.26 23.87
N LEU D 228 64.87 -14.06 23.93
CA LEU D 228 63.61 -13.81 23.29
C LEU D 228 63.65 -12.44 22.64
N ILE D 229 63.52 -12.38 21.31
CA ILE D 229 63.55 -11.10 20.59
C ILE D 229 62.52 -10.11 21.15
N LEU D 230 62.66 -8.85 20.76
CA LEU D 230 61.74 -7.79 21.15
C LEU D 230 61.58 -7.46 22.66
N ARG D 231 62.69 -7.54 23.45
CA ARG D 231 62.80 -6.89 24.81
C ARG D 231 61.95 -5.57 24.81
N GLY D 232 61.07 -5.42 25.80
CA GLY D 232 60.24 -4.21 25.92
C GLY D 232 58.80 -4.34 25.43
N PHE D 233 58.56 -5.36 24.61
CA PHE D 233 57.20 -5.62 24.09
C PHE D 233 56.50 -6.68 24.96
N ASP D 234 55.17 -6.68 24.90
CA ASP D 234 54.35 -7.70 25.56
C ASP D 234 54.90 -9.09 25.28
N GLU D 235 55.08 -9.88 26.33
CA GLU D 235 55.70 -11.20 26.21
C GLU D 235 55.00 -12.31 25.35
N THR D 236 53.68 -12.34 25.30
CA THR D 236 52.98 -13.22 24.34
C THR D 236 53.29 -12.81 22.86
N ILE D 237 53.33 -11.52 22.61
CA ILE D 237 53.65 -11.04 21.29
C ILE D 237 55.07 -11.44 20.86
N ARG D 238 56.07 -11.18 21.69
CA ARG D 238 57.43 -11.63 21.37
C ARG D 238 57.50 -13.15 21.02
N GLU D 239 56.75 -13.99 21.71
CA GLU D 239 56.73 -15.39 21.39
C GLU D 239 55.97 -15.67 20.10
N GLU D 240 54.73 -15.19 20.02
CA GLU D 240 53.98 -15.30 18.78
C GLU D 240 54.77 -14.80 17.57
N VAL D 241 55.46 -13.68 17.71
CA VAL D 241 56.05 -13.07 16.55
C VAL D 241 57.23 -13.91 16.07
N THR D 242 57.95 -14.52 17.01
CA THR D 242 59.01 -15.46 16.73
C THR D 242 58.48 -16.64 15.92
N LYS D 243 57.36 -17.21 16.38
CA LYS D 243 56.81 -18.39 15.75
C LYS D 243 56.31 -18.06 14.36
N GLN D 244 55.81 -16.85 14.19
CA GLN D 244 55.38 -16.37 12.89
C GLN D 244 56.53 -15.98 11.97
N LEU D 245 57.57 -15.40 12.51
CA LEU D 245 58.74 -15.17 11.70
C LEU D 245 59.33 -16.51 11.22
N THR D 246 59.44 -17.50 12.12
CA THR D 246 59.85 -18.87 11.76
C THR D 246 58.97 -19.48 10.69
N ALA D 247 57.68 -19.20 10.79
CA ALA D 247 56.71 -19.78 9.87
C ALA D 247 56.89 -19.28 8.42
N ASN D 248 57.18 -18.00 8.25
CA ASN D 248 57.48 -17.45 6.95
C ASN D 248 58.89 -17.84 6.48
N GLY D 249 59.56 -18.70 7.26
CA GLY D 249 60.83 -19.34 6.89
C GLY D 249 62.11 -18.64 7.29
N ILE D 250 61.96 -17.52 8.01
CA ILE D 250 63.06 -16.84 8.70
C ILE D 250 63.40 -17.63 9.96
N GLU D 251 64.69 -17.84 10.21
CA GLU D 251 65.11 -18.53 11.42
C GLU D 251 65.81 -17.58 12.37
N ILE D 252 65.54 -17.84 13.65
CA ILE D 252 65.94 -17.05 14.82
C ILE D 252 67.06 -17.70 15.59
N MET D 253 68.16 -16.98 15.80
CA MET D 253 69.17 -17.45 16.71
C MET D 253 69.13 -16.64 18.01
N THR D 254 68.70 -17.25 19.09
CA THR D 254 68.69 -16.58 20.41
C THR D 254 69.89 -17.01 21.26
N ASN D 255 70.24 -16.26 22.29
CA ASN D 255 71.42 -16.59 23.12
C ASN D 255 72.62 -16.85 22.22
N GLU D 256 72.79 -15.96 21.24
CA GLU D 256 73.92 -15.98 20.29
C GLU D 256 74.30 -14.54 19.97
N ASN D 257 75.59 -14.34 19.73
CA ASN D 257 76.17 -13.00 19.55
C ASN D 257 77.46 -13.14 18.77
N PRO D 258 77.56 -12.47 17.60
CA PRO D 258 78.81 -12.46 16.84
C PRO D 258 80.01 -12.05 17.70
N ALA D 259 81.15 -12.64 17.40
CA ALA D 259 82.34 -12.34 18.14
C ALA D 259 83.40 -11.91 17.13
N LYS D 260 83.29 -12.43 15.90
CA LYS D 260 84.13 -11.97 14.81
C LYS D 260 83.55 -12.26 13.46
N VAL D 261 84.04 -11.52 12.45
CA VAL D 261 83.71 -11.79 11.04
C VAL D 261 84.95 -11.72 10.18
N SER D 262 85.16 -12.72 9.35
CA SER D 262 86.24 -12.65 8.40
C SER D 262 85.67 -12.81 7.02
N LEU D 263 86.42 -12.40 5.99
CA LEU D 263 85.98 -12.54 4.60
C LEU D 263 86.29 -13.94 4.02
N ASN D 264 85.36 -14.53 3.29
CA ASN D 264 85.65 -15.76 2.57
C ASN D 264 86.22 -15.40 1.21
N THR D 265 87.00 -16.28 0.60
CA THR D 265 87.71 -15.93 -0.64
C THR D 265 86.76 -15.55 -1.79
N ASP D 266 85.49 -15.92 -1.67
CA ASP D 266 84.58 -15.48 -2.69
C ASP D 266 83.79 -14.24 -2.32
N GLY D 267 84.25 -13.51 -1.29
CA GLY D 267 83.66 -12.23 -0.92
C GLY D 267 82.51 -12.33 0.08
N SER D 268 82.03 -13.56 0.32
CA SER D 268 80.99 -13.79 1.32
C SER D 268 81.55 -13.64 2.73
N LYS D 269 80.72 -13.96 3.74
CA LYS D 269 80.99 -13.52 5.11
C LYS D 269 80.97 -14.69 6.04
N HIS D 270 82.07 -14.89 6.76
CA HIS D 270 82.15 -15.97 7.71
C HIS D 270 82.06 -15.39 9.13
N VAL D 271 80.95 -15.76 9.79
CA VAL D 271 80.61 -15.24 11.12
C VAL D 271 80.74 -16.29 12.22
N THR D 272 81.63 -16.00 13.17
CA THR D 272 81.79 -16.80 14.38
C THR D 272 81.12 -16.12 15.54
N PHE D 273 80.21 -16.82 16.19
CA PHE D 273 79.59 -16.29 17.39
C PHE D 273 80.45 -16.54 18.62
N GLU D 274 80.15 -15.83 19.71
CA GLU D 274 80.69 -16.20 21.03
C GLU D 274 80.70 -17.73 21.37
N SER D 275 79.61 -18.46 21.09
CA SER D 275 79.52 -19.89 21.46
C SER D 275 80.40 -20.87 20.68
N GLY D 276 81.12 -20.39 19.67
CA GLY D 276 81.93 -21.27 18.82
C GLY D 276 81.29 -21.57 17.49
N LYS D 277 79.97 -21.49 17.46
CA LYS D 277 79.08 -21.55 16.28
C LYS D 277 79.58 -20.70 15.11
N THR D 278 79.27 -21.09 13.88
CA THR D 278 79.62 -20.27 12.68
C THR D 278 78.48 -20.16 11.69
N LEU D 279 78.54 -19.15 10.82
CA LEU D 279 77.52 -18.92 9.79
C LEU D 279 78.00 -18.12 8.59
N ASP D 280 77.66 -18.58 7.40
CA ASP D 280 78.08 -17.94 6.16
C ASP D 280 76.97 -17.22 5.42
N VAL D 281 77.19 -15.93 5.16
CA VAL D 281 76.15 -15.08 4.60
C VAL D 281 76.75 -14.16 3.56
N ASP D 282 75.91 -13.59 2.71
CA ASP D 282 76.43 -12.62 1.75
C ASP D 282 76.52 -11.24 2.39
N VAL D 283 75.60 -10.96 3.32
CA VAL D 283 75.54 -9.69 4.05
C VAL D 283 75.34 -9.95 5.56
N VAL D 284 76.03 -9.15 6.37
CA VAL D 284 75.84 -9.09 7.82
C VAL D 284 75.31 -7.70 8.18
N MET D 285 74.03 -7.62 8.56
CA MET D 285 73.44 -6.35 8.94
C MET D 285 73.44 -6.12 10.45
N MET D 286 74.38 -5.30 10.91
CA MET D 286 74.46 -4.97 12.32
C MET D 286 73.37 -3.98 12.72
N ALA D 287 72.42 -4.47 13.52
CA ALA D 287 71.34 -3.63 14.04
C ALA D 287 71.08 -3.89 15.54
N ILE D 288 72.07 -3.60 16.38
CA ILE D 288 72.00 -4.00 17.79
C ILE D 288 71.71 -2.85 18.74
N GLY D 289 71.36 -1.68 18.20
CA GLY D 289 71.17 -0.47 19.02
C GLY D 289 71.52 0.82 18.28
N ARG D 290 70.88 1.93 18.66
CA ARG D 290 71.26 3.21 18.11
C ARG D 290 71.81 4.15 19.15
N ILE D 291 72.93 4.80 18.83
CA ILE D 291 73.57 5.70 19.80
C ILE D 291 73.46 7.15 19.42
N PRO D 292 73.21 8.01 20.42
CA PRO D 292 73.00 9.38 20.17
C PRO D 292 74.23 9.85 19.47
N ARG D 293 74.03 10.73 18.49
CA ARG D 293 75.08 11.22 17.59
C ARG D 293 75.73 12.54 18.08
N THR D 294 76.62 12.44 19.07
CA THR D 294 77.12 13.63 19.77
C THR D 294 78.51 14.11 19.37
N ASN D 295 79.30 13.19 18.79
CA ASN D 295 80.73 13.41 18.48
C ASN D 295 81.18 14.53 17.54
N ASP D 296 80.34 14.90 16.59
CA ASP D 296 80.78 15.90 15.61
C ASP D 296 80.40 17.31 16.07
N LEU D 297 79.68 17.38 17.18
CA LEU D 297 79.14 18.60 17.69
C LEU D 297 80.15 19.42 18.47
N GLN D 298 81.21 18.76 18.95
CA GLN D 298 82.32 19.40 19.68
C GLN D 298 81.77 20.12 20.87
N LEU D 299 80.99 19.37 21.64
CA LEU D 299 80.22 19.86 22.77
C LEU D 299 81.12 20.29 23.94
N GLY D 300 82.31 19.74 23.96
CA GLY D 300 83.35 20.22 24.84
C GLY D 300 83.54 21.72 24.78
N ASN D 301 83.43 22.32 23.60
CA ASN D 301 83.66 23.76 23.47
C ASN D 301 82.80 24.62 24.38
N VAL D 302 81.64 24.12 24.77
CA VAL D 302 80.69 24.93 25.56
C VAL D 302 80.23 24.17 26.80
N GLY D 303 80.63 22.90 26.88
CA GLY D 303 80.41 22.13 28.08
C GLY D 303 79.03 21.57 28.30
N VAL D 304 78.37 21.12 27.25
CA VAL D 304 77.07 20.49 27.40
C VAL D 304 77.26 19.11 28.00
N LYS D 305 76.58 18.84 29.13
CA LYS D 305 76.76 17.58 29.89
C LYS D 305 76.07 16.46 29.18
N LEU D 306 76.75 15.32 29.11
CA LEU D 306 76.18 14.05 28.63
C LEU D 306 75.75 13.08 29.75
N THR D 307 74.59 12.42 29.59
CA THR D 307 74.23 11.27 30.45
C THR D 307 75.28 10.13 30.35
N PRO D 308 75.33 9.27 31.38
CA PRO D 308 76.30 8.15 31.33
C PRO D 308 76.19 7.32 30.02
N LYS D 309 74.94 7.03 29.63
CA LYS D 309 74.63 6.32 28.38
C LYS D 309 75.12 7.13 27.18
N GLY D 310 75.27 8.43 27.37
CA GLY D 310 76.01 9.26 26.44
C GLY D 310 75.17 10.17 25.59
N GLY D 311 73.88 10.28 25.90
CA GLY D 311 73.04 11.24 25.20
C GLY D 311 73.16 12.62 25.81
N VAL D 312 72.77 13.64 25.04
CA VAL D 312 72.62 14.99 25.60
C VAL D 312 71.58 15.06 26.74
N GLN D 313 72.06 15.24 27.97
CA GLN D 313 71.19 15.41 29.12
C GLN D 313 70.38 16.69 29.01
N VAL D 314 69.09 16.58 29.26
CA VAL D 314 68.11 17.62 29.05
C VAL D 314 67.06 17.45 30.16
N ASP D 315 66.41 18.54 30.57
CA ASP D 315 65.34 18.49 31.60
C ASP D 315 64.00 18.19 30.93
N GLU D 316 62.89 18.10 31.68
CA GLU D 316 61.59 17.79 31.01
C GLU D 316 61.22 18.81 29.93
N PHE D 317 62.05 19.81 29.74
CA PHE D 317 61.77 20.80 28.74
C PHE D 317 62.79 20.84 27.59
N SER D 318 63.79 19.96 27.63
CA SER D 318 64.74 19.77 26.54
C SER D 318 65.91 20.73 26.57
N ARG D 319 66.15 21.27 27.76
CA ARG D 319 67.19 22.23 27.97
C ARG D 319 68.38 21.55 28.58
N THR D 320 69.56 21.94 28.11
CA THR D 320 70.81 21.42 28.60
C THR D 320 71.28 22.27 29.78
N ASN D 321 72.40 21.88 30.39
CA ASN D 321 72.98 22.60 31.52
C ASN D 321 73.46 23.97 31.13
N VAL D 322 73.38 24.27 29.84
CA VAL D 322 73.80 25.54 29.29
C VAL D 322 72.58 26.29 28.79
N PRO D 323 72.38 27.51 29.31
CA PRO D 323 71.21 28.24 28.76
C PRO D 323 71.29 28.39 27.22
N ASN D 324 70.12 28.39 26.56
CA ASN D 324 70.02 28.74 25.13
C ASN D 324 70.48 27.61 24.21
N ILE D 325 70.89 26.50 24.82
CA ILE D 325 71.13 25.31 24.06
C ILE D 325 70.17 24.22 24.46
N TYR D 326 69.48 23.68 23.48
CA TYR D 326 68.47 22.66 23.73
C TYR D 326 68.79 21.38 22.93
N ALA D 327 68.19 20.28 23.34
CA ALA D 327 68.25 19.07 22.52
C ALA D 327 66.94 18.29 22.56
N ILE D 328 66.60 17.73 21.41
CA ILE D 328 65.36 17.01 21.31
C ILE D 328 65.66 15.81 20.41
N GLY D 329 64.80 14.81 20.44
CA GLY D 329 64.88 13.72 19.48
C GLY D 329 65.90 12.70 19.89
N ASP D 330 66.34 11.88 18.93
CA ASP D 330 67.16 10.71 19.28
C ASP D 330 68.43 11.07 20.06
N ILE D 331 68.95 12.28 19.86
CA ILE D 331 70.17 12.69 20.54
C ILE D 331 69.95 12.73 22.05
N THR D 332 68.70 12.77 22.50
CA THR D 332 68.41 12.81 23.93
C THR D 332 68.30 11.43 24.57
N ASP D 333 68.15 10.38 23.77
CA ASP D 333 68.15 8.98 24.23
C ASP D 333 66.96 8.60 25.12
N ARG D 334 65.79 9.25 24.90
CA ARG D 334 64.50 8.82 25.47
C ARG D 334 63.89 7.74 24.57
N LEU D 335 62.68 8.05 24.08
CA LEU D 335 62.04 7.26 23.07
C LEU D 335 62.58 7.70 21.74
N MET D 336 63.04 6.73 20.96
CA MET D 336 63.53 7.03 19.65
C MET D 336 62.40 6.90 18.60
N LEU D 337 61.55 7.91 18.47
CA LEU D 337 60.44 7.86 17.53
C LEU D 337 60.20 9.18 16.83
N THR D 338 59.85 9.10 15.56
CA THR D 338 59.63 10.31 14.78
C THR D 338 58.63 11.25 15.44
N PRO D 339 57.51 10.72 15.90
CA PRO D 339 56.51 11.65 16.46
C PRO D 339 56.87 12.26 17.83
N VAL D 340 57.72 11.60 18.60
CA VAL D 340 58.19 12.11 19.87
C VAL D 340 59.17 13.24 19.63
N ALA D 341 59.93 13.13 18.54
CA ALA D 341 60.83 14.20 18.18
C ALA D 341 60.04 15.38 17.62
N ILE D 342 58.98 15.09 16.86
CA ILE D 342 58.15 16.14 16.35
C ILE D 342 57.49 16.87 17.48
N ASN D 343 57.02 16.13 18.48
CA ASN D 343 56.26 16.69 19.62
C ASN D 343 57.18 17.36 20.64
N GLU D 344 58.39 16.84 20.70
CA GLU D 344 59.42 17.52 21.44
C GLU D 344 59.82 18.89 20.87
N GLY D 345 59.97 18.99 19.57
CA GLY D 345 60.41 20.24 18.98
C GLY D 345 59.34 21.29 19.05
N ALA D 346 58.10 20.93 18.75
CA ALA D 346 56.99 21.86 18.88
C ALA D 346 56.88 22.45 20.30
N ALA D 347 57.16 21.61 21.28
CA ALA D 347 56.91 21.96 22.65
C ALA D 347 58.03 22.92 23.10
N LEU D 348 59.26 22.54 22.84
CA LEU D 348 60.40 23.45 22.96
C LEU D 348 60.12 24.83 22.34
N VAL D 349 59.68 24.87 21.08
CA VAL D 349 59.45 26.13 20.41
C VAL D 349 58.30 26.86 21.08
N ASP D 350 57.26 26.15 21.52
CA ASP D 350 56.17 26.76 22.31
C ASP D 350 56.78 27.36 23.56
N THR D 351 57.65 26.60 24.23
CA THR D 351 58.15 26.98 25.53
C THR D 351 59.00 28.21 25.47
N VAL D 352 59.81 28.30 24.42
CA VAL D 352 60.85 29.30 24.32
C VAL D 352 60.47 30.52 23.46
N PHE D 353 59.61 30.33 22.47
CA PHE D 353 59.22 31.43 21.59
C PHE D 353 57.74 31.83 21.75
N GLY D 354 56.91 30.88 22.19
CA GLY D 354 55.50 31.12 22.45
C GLY D 354 55.19 31.51 23.89
N ASN D 355 53.96 31.93 24.11
CA ASN D 355 53.41 32.25 25.43
C ASN D 355 53.21 31.00 26.26
N LYS D 356 52.99 29.84 25.62
CA LYS D 356 52.56 28.56 26.29
C LYS D 356 53.70 27.54 26.48
N PRO D 357 54.40 27.58 27.62
CA PRO D 357 55.31 26.53 28.03
C PRO D 357 54.64 25.20 27.96
N ARG D 358 55.35 24.17 27.55
CA ARG D 358 54.74 22.85 27.41
C ARG D 358 55.82 21.82 27.41
N LYS D 359 55.54 20.66 27.98
CA LYS D 359 56.53 19.59 27.99
C LYS D 359 55.96 18.34 27.38
N THR D 360 56.82 17.60 26.68
CA THR D 360 56.42 16.32 26.03
C THR D 360 56.07 15.24 27.04
N ASP D 361 54.81 14.76 27.00
CA ASP D 361 54.36 13.52 27.65
C ASP D 361 55.01 12.28 26.99
N HIS D 362 55.88 11.61 27.76
CA HIS D 362 56.61 10.44 27.27
C HIS D 362 56.02 9.12 27.76
N THR D 363 54.85 9.18 28.37
CA THR D 363 54.18 7.95 28.77
C THR D 363 53.01 7.70 27.81
N ARG D 364 52.59 6.44 27.66
CA ARG D 364 51.46 6.13 26.82
C ARG D 364 51.69 6.53 25.36
N VAL D 365 52.94 6.49 24.92
CA VAL D 365 53.19 6.72 23.51
C VAL D 365 52.86 5.45 22.69
N ALA D 366 51.92 5.61 21.77
CA ALA D 366 51.61 4.53 20.85
C ALA D 366 52.76 4.32 19.85
N SER D 367 53.13 3.05 19.61
CA SER D 367 54.10 2.71 18.57
C SER D 367 53.80 1.38 17.87
N ALA D 368 54.50 1.14 16.76
CA ALA D 368 54.36 -0.08 15.92
C ALA D 368 55.67 -0.77 15.57
N VAL D 369 55.54 -1.94 14.97
CA VAL D 369 56.66 -2.71 14.42
C VAL D 369 56.11 -3.26 13.11
N PHE D 370 56.74 -2.95 11.98
CA PHE D 370 56.16 -3.40 10.71
C PHE D 370 56.74 -4.75 10.31
N SER D 371 56.65 -5.68 11.24
CA SER D 371 56.87 -7.08 10.95
C SER D 371 55.66 -7.66 10.21
N ILE D 372 55.71 -8.93 9.87
CA ILE D 372 54.68 -9.54 9.05
C ILE D 372 54.07 -10.78 9.75
N PRO D 373 52.87 -10.63 10.34
CA PRO D 373 52.12 -9.40 10.60
C PRO D 373 52.76 -8.49 11.66
N PRO D 374 52.24 -7.25 11.79
CA PRO D 374 52.83 -6.26 12.66
C PRO D 374 52.27 -6.22 14.12
N ILE D 375 52.99 -5.50 14.98
CA ILE D 375 52.57 -5.19 16.34
C ILE D 375 52.07 -3.76 16.36
N GLY D 376 51.08 -3.50 17.21
CA GLY D 376 50.67 -2.13 17.55
C GLY D 376 50.61 -2.07 19.05
N THR D 377 51.24 -1.10 19.67
CA THR D 377 51.25 -1.05 21.12
C THR D 377 51.18 0.35 21.69
N CYS D 378 50.56 0.44 22.87
CA CYS D 378 50.52 1.67 23.62
C CYS D 378 50.40 1.39 25.10
N GLY D 379 51.28 1.95 25.91
CA GLY D 379 51.17 1.78 27.35
C GLY D 379 52.09 0.74 27.94
N LEU D 380 51.89 0.47 29.22
CA LEU D 380 52.71 -0.48 29.99
C LEU D 380 52.48 -1.95 29.70
N ILE D 381 53.56 -2.73 29.55
CA ILE D 381 53.48 -4.17 29.48
C ILE D 381 53.27 -4.68 30.88
N GLU D 382 52.77 -5.90 30.97
CA GLU D 382 52.28 -6.42 32.24
C GLU D 382 53.37 -6.49 33.29
N GLU D 383 54.56 -6.98 32.92
CA GLU D 383 55.59 -7.17 33.94
C GLU D 383 55.99 -5.85 34.61
N VAL D 384 56.07 -4.75 33.86
CA VAL D 384 56.19 -3.43 34.47
C VAL D 384 54.92 -3.02 35.27
N ALA D 385 53.74 -3.14 34.68
CA ALA D 385 52.50 -2.78 35.36
C ALA D 385 52.48 -3.39 36.74
N ALA D 386 52.74 -4.70 36.79
CA ALA D 386 52.74 -5.48 38.02
C ALA D 386 53.61 -4.91 39.15
N LYS D 387 54.85 -4.49 38.84
CA LYS D 387 55.77 -3.89 39.83
C LYS D 387 55.22 -2.64 40.54
N GLU D 388 54.44 -1.85 39.81
CA GLU D 388 54.09 -0.50 40.25
C GLU D 388 52.66 -0.35 40.76
N PHE D 389 51.85 -1.42 40.59
CA PHE D 389 50.42 -1.49 41.01
C PHE D 389 50.08 -2.78 41.74
N GLU D 390 49.40 -2.65 42.88
CA GLU D 390 49.07 -3.78 43.77
C GLU D 390 48.24 -4.90 43.09
N LYS D 391 47.19 -4.51 42.38
CA LYS D 391 46.35 -5.46 41.69
C LYS D 391 46.31 -5.05 40.24
N VAL D 392 46.75 -5.94 39.35
CA VAL D 392 46.72 -5.72 37.89
C VAL D 392 45.98 -6.85 37.18
N ALA D 393 44.98 -6.52 36.36
CA ALA D 393 44.29 -7.53 35.52
C ALA D 393 44.80 -7.54 34.09
N VAL D 394 44.84 -8.71 33.46
CA VAL D 394 45.19 -8.84 32.03
C VAL D 394 44.03 -9.51 31.29
N TYR D 395 43.61 -8.95 30.16
CA TYR D 395 42.55 -9.52 29.31
C TYR D 395 43.16 -9.90 28.02
N MET D 396 42.88 -11.12 27.56
CA MET D 396 43.58 -11.64 26.41
C MET D 396 42.65 -12.34 25.45
N SER D 397 43.04 -12.40 24.17
CA SER D 397 42.27 -13.11 23.13
C SER D 397 43.19 -13.46 21.99
N SER D 398 43.15 -14.69 21.51
CA SER D 398 43.94 -15.02 20.32
C SER D 398 43.41 -16.15 19.47
N PHE D 399 42.31 -15.87 18.78
CA PHE D 399 41.96 -16.63 17.60
C PHE D 399 43.02 -16.43 16.50
N THR D 400 43.34 -17.51 15.76
CA THR D 400 43.76 -17.37 14.36
C THR D 400 42.51 -16.83 13.65
N PRO D 401 42.56 -15.63 13.04
CA PRO D 401 41.34 -15.08 12.38
C PRO D 401 40.82 -15.94 11.24
N LEU D 402 39.63 -15.60 10.75
CA LEU D 402 38.98 -16.41 9.72
C LEU D 402 39.58 -16.29 8.35
N MET D 403 39.74 -15.08 7.80
CA MET D 403 40.28 -14.95 6.45
C MET D 403 41.52 -15.83 6.28
N HIS D 404 42.29 -15.98 7.35
CA HIS D 404 43.56 -16.75 7.32
C HIS D 404 43.36 -18.22 7.50
N ASN D 405 42.15 -18.62 7.85
CA ASN D 405 41.78 -20.03 7.73
C ASN D 405 41.59 -20.41 6.26
N ILE D 406 40.89 -19.58 5.51
CA ILE D 406 40.77 -19.74 4.06
C ILE D 406 42.07 -19.46 3.26
N SER D 407 42.87 -18.46 3.69
CA SER D 407 44.04 -17.97 2.90
C SER D 407 45.25 -18.91 2.86
N GLY D 408 45.32 -19.82 3.84
CA GLY D 408 46.38 -20.81 3.94
C GLY D 408 47.33 -20.54 5.12
N SER D 409 47.64 -19.27 5.38
CA SER D 409 48.42 -18.89 6.56
C SER D 409 47.67 -19.05 7.90
N LYS D 410 47.39 -20.31 8.32
CA LYS D 410 46.79 -20.60 9.65
C LYS D 410 47.70 -20.24 10.84
N TYR D 411 48.99 -20.10 10.57
CA TYR D 411 49.92 -19.74 11.62
C TYR D 411 49.75 -18.29 12.08
N LYS D 412 49.01 -17.50 11.30
CA LYS D 412 48.86 -16.06 11.56
C LYS D 412 47.82 -15.71 12.64
N LYS D 413 48.21 -15.85 13.90
CA LYS D 413 47.36 -15.40 14.98
C LYS D 413 47.23 -13.88 15.05
N PHE D 414 46.08 -13.52 15.60
CA PHE D 414 45.88 -12.24 16.18
C PHE D 414 45.84 -12.33 17.73
N VAL D 415 46.87 -11.86 18.41
CA VAL D 415 46.80 -11.64 19.83
C VAL D 415 46.27 -10.22 20.09
N ALA D 416 45.35 -10.09 21.05
CA ALA D 416 45.00 -8.79 21.67
C ALA D 416 45.07 -8.80 23.22
N LYS D 417 45.76 -7.81 23.80
CA LYS D 417 45.92 -7.71 25.27
C LYS D 417 45.68 -6.31 25.87
N ILE D 418 44.81 -6.29 26.86
CA ILE D 418 44.56 -5.10 27.64
C ILE D 418 45.01 -5.31 29.08
N VAL D 419 45.90 -4.46 29.58
CA VAL D 419 46.44 -4.53 30.93
C VAL D 419 45.86 -3.37 31.72
N THR D 420 45.31 -3.68 32.89
CA THR D 420 44.47 -2.74 33.66
C THR D 420 44.98 -2.68 35.06
N ASN D 421 44.75 -1.54 35.70
CA ASN D 421 44.88 -1.45 37.15
C ASN D 421 43.60 -2.03 37.71
N HIS D 422 43.66 -3.26 38.20
CA HIS D 422 42.44 -3.93 38.59
C HIS D 422 41.74 -3.22 39.77
N SER D 423 42.41 -2.25 40.38
CA SER D 423 41.81 -1.60 41.56
C SER D 423 40.75 -0.59 41.24
N ASP D 424 40.80 0.03 40.06
CA ASP D 424 39.67 0.85 39.54
C ASP D 424 39.41 0.60 38.03
N GLY D 425 40.21 -0.29 37.44
CA GLY D 425 40.02 -0.64 36.03
C GLY D 425 40.61 0.27 34.95
N THR D 426 41.52 1.16 35.33
CA THR D 426 42.21 2.05 34.38
C THR D 426 43.03 1.23 33.40
N VAL D 427 42.96 1.54 32.11
CA VAL D 427 43.70 0.73 31.16
C VAL D 427 45.09 1.29 31.12
N LEU D 428 46.07 0.46 31.50
CA LEU D 428 47.43 0.94 31.55
C LEU D 428 48.17 0.69 30.25
N GLY D 429 47.65 -0.24 29.46
CA GLY D 429 48.39 -0.75 28.32
C GLY D 429 47.57 -1.61 27.40
N VAL D 430 47.84 -1.46 26.10
CA VAL D 430 47.20 -2.28 25.06
C VAL D 430 48.32 -2.81 24.17
N HIS D 431 48.22 -4.07 23.78
CA HIS D 431 49.28 -4.79 23.06
C HIS D 431 48.63 -5.68 22.03
N LEU D 432 48.98 -5.49 20.76
CA LEU D 432 48.33 -6.21 19.64
C LEU D 432 49.33 -6.77 18.63
N LEU D 433 49.03 -7.95 18.08
CA LEU D 433 49.78 -8.44 16.93
C LEU D 433 48.85 -9.02 15.89
N GLY D 434 49.02 -8.59 14.64
CA GLY D 434 48.14 -9.03 13.58
C GLY D 434 47.87 -7.94 12.59
N ASP D 435 47.23 -8.30 11.49
CA ASP D 435 46.99 -7.36 10.39
C ASP D 435 46.19 -6.19 10.88
N GLY D 436 46.69 -4.99 10.61
CA GLY D 436 46.01 -3.75 10.99
C GLY D 436 46.37 -3.29 12.38
N ALA D 437 47.10 -4.13 13.11
CA ALA D 437 47.50 -3.79 14.48
C ALA D 437 47.91 -2.31 14.61
N PRO D 438 48.95 -1.82 13.85
CA PRO D 438 49.41 -0.43 13.90
C PRO D 438 48.34 0.60 13.60
N GLU D 439 47.42 0.29 12.67
CA GLU D 439 46.33 1.21 12.34
C GLU D 439 45.30 1.26 13.46
N ILE D 440 45.14 0.17 14.21
CA ILE D 440 44.14 0.06 15.28
C ILE D 440 44.56 0.76 16.56
N ILE D 441 45.83 0.65 16.88
CA ILE D 441 46.37 1.16 18.14
C ILE D 441 46.28 2.69 18.33
N GLN D 442 46.14 3.44 17.23
CA GLN D 442 46.19 4.90 17.26
C GLN D 442 45.16 5.49 18.17
N ALA D 443 43.89 5.17 17.94
CA ALA D 443 42.84 5.73 18.81
C ALA D 443 42.91 5.25 20.28
N VAL D 444 43.46 4.05 20.49
CA VAL D 444 43.77 3.54 21.82
C VAL D 444 44.66 4.54 22.55
N GLY D 445 45.56 5.16 21.79
CA GLY D 445 46.38 6.28 22.32
C GLY D 445 45.51 7.36 22.95
N VAL D 446 44.57 7.85 22.15
CA VAL D 446 43.60 8.83 22.63
C VAL D 446 42.86 8.27 23.83
N CYS D 447 42.38 7.04 23.73
CA CYS D 447 41.72 6.37 24.87
C CYS D 447 42.54 6.45 26.18
N LEU D 448 43.82 6.14 26.08
CA LEU D 448 44.64 6.19 27.23
C LEU D 448 44.80 7.62 27.76
N ARG D 449 45.17 8.56 26.90
CA ARG D 449 45.20 9.97 27.28
C ARG D 449 43.87 10.39 27.90
N LEU D 450 42.81 9.64 27.67
CA LEU D 450 41.52 9.96 28.27
C LEU D 450 41.19 9.16 29.55
N ASN D 451 42.16 8.38 30.01
CA ASN D 451 42.01 7.55 31.24
C ASN D 451 40.93 6.47 31.14
N ALA D 452 40.67 6.05 29.91
CA ALA D 452 39.77 4.94 29.65
C ALA D 452 39.93 3.77 30.64
N LYS D 453 38.79 3.30 31.12
CA LYS D 453 38.69 2.11 31.91
C LYS D 453 38.26 0.93 31.02
N ILE D 454 38.61 -0.29 31.44
CA ILE D 454 38.16 -1.47 30.69
C ILE D 454 36.65 -1.45 30.45
N SER D 455 35.90 -0.88 31.41
CA SER D 455 34.43 -0.81 31.28
C SER D 455 34.09 0.06 30.07
N ASP D 456 34.89 1.11 29.86
CA ASP D 456 34.73 1.95 28.68
C ASP D 456 35.02 1.17 27.41
N PHE D 457 35.97 0.22 27.47
CA PHE D 457 36.29 -0.63 26.31
C PHE D 457 35.16 -1.57 25.99
N TYR D 458 34.77 -2.41 26.98
CA TYR D 458 33.72 -3.37 26.74
CA TYR D 458 33.70 -3.40 26.78
C TYR D 458 32.35 -2.77 26.45
N ASN D 459 32.03 -1.65 27.10
CA ASN D 459 30.73 -0.99 26.95
C ASN D 459 30.52 -0.35 25.59
N THR D 460 31.62 -0.04 24.89
CA THR D 460 31.58 0.47 23.50
C THR D 460 31.18 -0.64 22.57
N ILE D 461 30.36 -0.36 21.57
CA ILE D 461 29.86 -1.44 20.69
C ILE D 461 30.74 -1.80 19.50
N GLY D 462 31.04 -3.11 19.41
CA GLY D 462 31.80 -3.69 18.28
C GLY D 462 31.48 -3.19 16.87
N VAL D 463 32.53 -3.08 16.06
CA VAL D 463 32.40 -2.96 14.61
C VAL D 463 32.68 -4.33 14.03
N HIS D 464 31.67 -4.91 13.41
CA HIS D 464 31.77 -6.26 12.91
C HIS D 464 31.68 -6.27 11.39
N PRO D 465 32.55 -7.05 10.73
CA PRO D 465 33.56 -7.82 11.41
C PRO D 465 34.98 -7.25 11.26
N THR D 466 35.59 -6.90 12.38
CA THR D 466 36.96 -6.51 12.35
C THR D 466 37.77 -7.34 13.37
N SER D 467 39.09 -7.11 13.43
CA SER D 467 39.94 -7.64 14.50
C SER D 467 39.87 -6.73 15.72
N ALA D 468 39.76 -5.42 15.48
CA ALA D 468 39.65 -4.42 16.58
C ALA D 468 38.48 -4.63 17.50
N GLU D 469 37.37 -5.09 16.98
CA GLU D 469 36.18 -5.33 17.82
C GLU D 469 36.51 -6.27 18.99
N GLU D 470 37.56 -7.06 18.85
CA GLU D 470 37.94 -7.98 19.88
C GLU D 470 38.23 -7.25 21.19
N LEU D 471 38.57 -5.96 21.06
CA LEU D 471 39.06 -5.11 22.13
C LEU D 471 37.89 -4.59 22.94
N CYS D 472 36.71 -4.69 22.37
CA CYS D 472 35.51 -4.23 23.06
C CYS D 472 34.66 -5.39 23.46
N SER D 473 35.24 -6.60 23.42
CA SER D 473 34.53 -7.84 23.76
C SER D 473 35.07 -8.51 25.02
N MET D 474 36.29 -8.14 25.42
CA MET D 474 36.89 -8.69 26.62
C MET D 474 36.38 -7.98 27.87
N ARG D 475 35.84 -8.80 28.76
CA ARG D 475 35.05 -8.40 29.91
C ARG D 475 35.59 -9.14 31.16
N THR D 476 36.05 -10.38 30.96
CA THR D 476 36.59 -11.20 32.03
C THR D 476 38.13 -11.29 31.96
N PRO D 477 38.81 -10.93 33.06
CA PRO D 477 40.28 -11.06 33.02
C PRO D 477 40.76 -12.49 32.77
N SER D 478 41.85 -12.67 32.02
CA SER D 478 42.42 -14.02 31.78
C SER D 478 43.29 -14.49 32.95
N TYR D 479 43.77 -13.53 33.73
CA TYR D 479 44.62 -13.80 34.86
C TYR D 479 45.02 -12.46 35.45
N TYR D 480 45.76 -12.49 36.56
CA TYR D 480 46.10 -11.29 37.29
C TYR D 480 47.53 -11.30 37.78
N TYR D 481 47.87 -10.22 38.50
CA TYR D 481 49.05 -10.06 39.36
C TYR D 481 48.61 -9.29 40.61
N VAL D 482 48.70 -9.92 41.78
CA VAL D 482 48.67 -9.17 43.05
C VAL D 482 50.05 -9.23 43.75
N LYS D 483 50.28 -8.34 44.71
CA LYS D 483 51.61 -7.76 44.89
C LYS D 483 52.72 -8.56 44.16
N GLY D 484 53.04 -8.10 42.95
CA GLY D 484 54.10 -8.67 42.13
C GLY D 484 53.82 -10.02 41.46
N GLU D 485 52.93 -10.84 42.03
CA GLU D 485 52.86 -12.26 41.65
C GLU D 485 51.66 -12.66 40.80
N LYS D 486 51.98 -13.34 39.71
CA LYS D 486 50.99 -13.84 38.79
C LYS D 486 50.13 -14.86 39.51
N MET D 487 48.84 -14.82 39.23
CA MET D 487 47.89 -15.71 39.84
C MET D 487 46.98 -15.95 38.71
N GLU D 488 45.76 -16.34 39.01
CA GLU D 488 44.76 -16.45 37.97
C GLU D 488 43.31 -16.38 38.43
N LYS D 489 43.07 -16.25 39.72
CA LYS D 489 41.70 -16.29 40.18
C LYS D 489 41.58 -15.48 41.46
#